data_9KP6
#
_entry.id   9KP6
#
_cell.length_a   1.00
_cell.length_b   1.00
_cell.length_c   1.00
_cell.angle_alpha   90.00
_cell.angle_beta   90.00
_cell.angle_gamma   90.00
#
_symmetry.space_group_name_H-M   'P 1'
#
loop_
_entity.id
_entity.type
_entity.pdbx_description
1 polymer 'Bestrophin-1,Soluble cytochrome b562'
2 non-polymer 'CALCIUM ION'
3 non-polymer 'CHLORIDE ION'
#
_entity_poly.entity_id   1
_entity_poly.type   'polypeptide(L)'
_entity_poly.pdbx_seq_one_letter_code
;MTITYTNKVANARLGSFSSLLLCWRGSIYKLLYGEFLVFIFLYYSIRGLYRMVLSSDQQLLFEKLALYCDSYIQLIPISF
VLGFYVTLVVSRWWSQYENLPWPDRLMIQVSSFVEGKDEEGRLLRRTLIRYAILGQVLILRSISTSVYKRFPTLHHLVLA
GFMTHGEHKQLQKLGLPHNTFWVPWVWFANLSMKAYLGGRIRDTVLLQSLMNEVCTLRTQCGQLYAYDWISIPLVYTQVV
TVAVYSFFLACLIGRQFLNPNKDYPGHEMDLVVPVFTILQFLFYMGWLKVAEQLINPFGEDDDDFETNWIIDRNLQVSLL
SVDGMHQNLPPMERDMYWNEAAPQPPYTAASARSRRHSFMGSTFNISLKKEDLELWSKEEADTDKKESGYSSTIGCFLGL
QPKNYHLPLKDLKTKLLCSKNPLLEGQCKDANQKNQKDVWKFKGLDFLKCVPRFKRRGSHCGPQAPSSHPTEQSAPSSSD
TGDGPSTDYQEICHMKKKTVEFNLNIPESPTEHLQQRRLDQMSTNIQALMKEHAESYPYRDEAGTKPVLYETGLEVLFQG
PADLEDNWETLNDNLKVIEKADNAAQVKDALTKMRAAALDAQKATPPKLEDKSPDSPEMKDFRHGFDILVGQIDDALKLA
NEGKVKEAQAAAEQLKTTRNAYIQKYLDYKDHDGDYKDHDIDYKDDDDK
;
_entity_poly.pdbx_strand_id   A,B,C,D,E
#
loop_
_chem_comp.id
_chem_comp.type
_chem_comp.name
_chem_comp.formula
CA non-polymer 'CALCIUM ION' 'Ca 2'
CL non-polymer 'CHLORIDE ION' 'Cl -1'
#
# COMPACT_ATOMS: atom_id res chain seq x y z
N THR A 2 -7.93 14.27 21.16
CA THR A 2 -7.65 14.55 19.75
C THR A 2 -8.10 15.96 19.40
N ILE A 3 -7.34 16.63 18.54
CA ILE A 3 -7.66 17.98 18.08
C ILE A 3 -8.52 17.86 16.82
N THR A 4 -9.71 18.44 16.86
CA THR A 4 -10.64 18.39 15.74
C THR A 4 -10.78 19.79 15.14
N TYR A 5 -10.46 19.90 13.85
CA TYR A 5 -10.60 21.16 13.13
C TYR A 5 -11.23 20.94 11.75
N THR A 6 -11.97 19.85 11.58
CA THR A 6 -12.53 19.52 10.27
C THR A 6 -13.56 20.56 9.83
N ASN A 7 -14.39 21.06 10.75
CA ASN A 7 -15.40 22.04 10.38
C ASN A 7 -14.81 23.37 9.98
N LYS A 8 -13.57 23.66 10.38
CA LYS A 8 -12.94 24.92 10.03
C LYS A 8 -12.29 24.90 8.65
N VAL A 9 -12.18 23.73 8.02
CA VAL A 9 -11.51 23.60 6.73
C VAL A 9 -12.44 22.90 5.75
N ALA A 10 -13.76 23.06 5.94
CA ALA A 10 -14.72 22.41 5.06
C ALA A 10 -14.61 22.92 3.63
N ASN A 11 -14.45 24.23 3.45
CA ASN A 11 -14.33 24.82 2.14
C ASN A 11 -12.98 25.49 1.98
N ALA A 12 -12.52 25.60 0.74
CA ALA A 12 -11.25 26.23 0.41
C ALA A 12 -11.50 27.70 0.11
N ARG A 13 -11.34 28.53 1.13
CA ARG A 13 -11.52 29.97 1.02
C ARG A 13 -10.19 30.67 1.30
N LEU A 14 -10.22 32.00 1.25
CA LEU A 14 -8.99 32.78 1.46
C LEU A 14 -8.45 32.60 2.87
N GLY A 15 -9.30 32.80 3.88
CA GLY A 15 -8.89 32.62 5.25
C GLY A 15 -9.23 31.25 5.82
N SER A 16 -8.66 30.19 5.24
CA SER A 16 -8.95 28.83 5.68
C SER A 16 -7.74 28.17 6.35
N PHE A 17 -6.62 28.10 5.65
CA PHE A 17 -5.41 27.51 6.23
C PHE A 17 -4.55 28.53 6.97
N SER A 18 -4.59 29.80 6.55
CA SER A 18 -3.84 30.83 7.23
C SER A 18 -4.41 31.18 8.61
N SER A 19 -5.65 30.80 8.88
CA SER A 19 -6.26 31.04 10.17
C SER A 19 -5.94 29.95 11.19
N LEU A 20 -5.30 28.86 10.76
CA LEU A 20 -4.89 27.79 11.67
C LEU A 20 -3.53 28.05 12.31
N LEU A 21 -2.87 29.15 11.94
CA LEU A 21 -1.58 29.50 12.52
C LEU A 21 -1.70 30.31 13.80
N LEU A 22 -2.92 30.62 14.23
CA LEU A 22 -3.15 31.39 15.44
C LEU A 22 -3.84 30.57 16.52
N CYS A 23 -3.66 29.25 16.49
CA CYS A 23 -4.23 28.34 17.47
C CYS A 23 -3.14 27.88 18.42
N TRP A 24 -3.45 27.87 19.71
CA TRP A 24 -2.46 27.51 20.72
C TRP A 24 -2.36 25.99 20.90
N ARG A 25 -3.48 25.36 21.27
CA ARG A 25 -3.45 23.95 21.64
C ARG A 25 -3.15 23.08 20.42
N GLY A 26 -2.19 22.17 20.56
CA GLY A 26 -1.83 21.25 19.51
C GLY A 26 -0.93 21.82 18.43
N SER A 27 -0.44 23.04 18.58
CA SER A 27 0.37 23.69 17.56
C SER A 27 1.84 23.62 17.91
N ILE A 28 2.68 23.98 16.93
CA ILE A 28 4.13 23.94 17.12
C ILE A 28 4.57 24.90 18.20
N TYR A 29 3.79 25.95 18.44
CA TYR A 29 4.14 26.93 19.48
C TYR A 29 4.08 26.32 20.87
N LYS A 30 3.33 25.24 21.05
CA LYS A 30 3.24 24.56 22.34
C LYS A 30 4.31 23.50 22.53
N LEU A 31 4.90 23.00 21.45
CA LEU A 31 5.93 21.97 21.53
C LEU A 31 7.35 22.52 21.43
N LEU A 32 7.55 23.64 20.74
CA LEU A 32 8.88 24.17 20.51
C LEU A 32 9.31 25.20 21.56
N TYR A 33 8.47 25.45 22.57
CA TYR A 33 8.78 26.50 23.53
C TYR A 33 10.02 26.17 24.36
N GLY A 34 10.14 24.92 24.81
CA GLY A 34 11.24 24.54 25.67
C GLY A 34 12.58 24.53 24.99
N GLU A 35 12.61 24.46 23.66
CA GLU A 35 13.86 24.37 22.92
C GLU A 35 14.20 25.65 22.15
N PHE A 36 13.21 26.46 21.79
CA PHE A 36 13.51 27.75 21.19
C PHE A 36 14.28 28.64 22.15
N LEU A 37 13.95 28.59 23.45
CA LEU A 37 14.67 29.37 24.44
C LEU A 37 16.14 28.94 24.51
N VAL A 38 16.39 27.63 24.51
CA VAL A 38 17.76 27.14 24.56
C VAL A 38 18.51 27.56 23.31
N PHE A 39 17.88 27.45 22.14
CA PHE A 39 18.55 27.85 20.91
C PHE A 39 18.88 29.34 20.90
N ILE A 40 17.94 30.17 21.35
CA ILE A 40 18.18 31.61 21.36
C ILE A 40 19.28 31.97 22.37
N PHE A 41 19.26 31.35 23.55
CA PHE A 41 20.29 31.61 24.54
C PHE A 41 21.67 31.21 24.02
N LEU A 42 21.76 30.04 23.39
CA LEU A 42 23.04 29.61 22.83
C LEU A 42 23.50 30.53 21.72
N TYR A 43 22.58 30.99 20.87
CA TYR A 43 22.96 31.89 19.79
C TYR A 43 23.46 33.22 20.32
N TYR A 44 22.79 33.77 21.33
CA TYR A 44 23.18 35.08 21.86
C TYR A 44 24.30 35.00 22.88
N SER A 45 24.70 33.80 23.30
CA SER A 45 25.87 33.67 24.15
C SER A 45 27.18 33.75 23.36
N ILE A 46 27.11 33.75 22.03
CA ILE A 46 28.30 33.87 21.20
C ILE A 46 28.41 35.30 20.69
N ARG A 47 27.26 35.96 20.50
CA ARG A 47 27.21 37.38 20.20
C ARG A 47 27.20 38.10 21.55
N GLY A 48 28.39 38.39 22.05
CA GLY A 48 28.58 38.83 23.42
C GLY A 48 29.88 38.25 23.93
N LEU A 49 30.37 37.24 23.23
CA LEU A 49 31.73 36.74 23.38
C LEU A 49 32.61 37.17 22.22
N TYR A 50 32.18 36.89 20.99
CA TYR A 50 32.96 37.26 19.81
C TYR A 50 33.14 38.77 19.69
N ARG A 51 32.21 39.55 20.24
CA ARG A 51 32.23 41.00 20.06
C ARG A 51 32.89 41.75 21.20
N MET A 52 32.95 41.18 22.41
CA MET A 52 33.48 41.93 23.54
C MET A 52 34.38 41.10 24.46
N VAL A 53 34.78 39.89 24.07
CA VAL A 53 35.66 39.06 24.88
C VAL A 53 36.89 38.64 24.10
N LEU A 54 36.70 38.06 22.91
CA LEU A 54 37.81 37.65 22.08
C LEU A 54 38.57 38.87 21.56
N SER A 55 39.89 38.78 21.56
CA SER A 55 40.72 39.89 21.13
C SER A 55 40.85 39.90 19.61
N SER A 56 41.55 40.91 19.09
CA SER A 56 41.75 41.00 17.64
C SER A 56 42.56 39.82 17.12
N ASP A 57 43.46 39.27 17.94
CA ASP A 57 44.19 38.08 17.52
C ASP A 57 43.25 36.88 17.42
N GLN A 58 42.46 36.62 18.46
CA GLN A 58 41.46 35.54 18.41
C GLN A 58 40.11 36.10 17.97
N GLN A 59 40.16 36.92 16.92
CA GLN A 59 38.94 37.31 16.22
C GLN A 59 39.06 37.06 14.72
N LEU A 60 40.22 36.56 14.26
CA LEU A 60 40.40 36.20 12.87
C LEU A 60 40.44 34.69 12.68
N LEU A 61 40.60 33.93 13.76
CA LEU A 61 40.39 32.48 13.74
C LEU A 61 38.93 32.10 13.93
N PHE A 62 38.11 33.01 14.47
CA PHE A 62 36.67 32.82 14.58
C PHE A 62 35.98 32.99 13.23
N GLU A 63 36.42 33.96 12.44
CA GLU A 63 35.82 34.19 11.13
C GLU A 63 36.17 33.10 10.13
N LYS A 64 37.37 32.51 10.20
CA LYS A 64 37.68 31.35 9.38
C LYS A 64 36.86 30.13 9.75
N LEU A 65 36.41 30.02 11.01
CA LEU A 65 35.48 28.98 11.41
C LEU A 65 34.06 29.30 10.93
N ALA A 66 33.68 30.57 10.98
CA ALA A 66 32.36 30.97 10.49
C ALA A 66 32.22 30.72 9.00
N LEU A 67 33.27 31.01 8.23
CA LEU A 67 33.22 30.79 6.78
C LEU A 67 33.45 29.33 6.40
N TYR A 68 33.98 28.50 7.31
CA TYR A 68 34.20 27.09 7.03
C TYR A 68 32.99 26.24 7.42
N CYS A 69 32.33 26.57 8.54
CA CYS A 69 31.12 25.88 8.92
C CYS A 69 29.92 26.51 8.23
N ASP A 70 30.03 26.68 6.92
CA ASP A 70 28.95 27.24 6.11
C ASP A 70 28.73 26.49 4.81
N SER A 71 29.66 25.66 4.35
CA SER A 71 29.45 24.78 3.22
C SER A 71 28.89 23.43 3.64
N TYR A 72 28.74 23.19 4.95
CA TYR A 72 28.17 21.96 5.47
C TYR A 72 26.70 22.12 5.85
N ILE A 73 26.10 23.24 5.51
CA ILE A 73 24.67 23.47 5.74
C ILE A 73 24.00 23.19 4.40
N GLN A 74 23.52 21.96 4.24
CA GLN A 74 22.82 21.53 3.04
C GLN A 74 21.47 20.94 3.44
N LEU A 75 20.43 21.26 2.67
CA LEU A 75 19.05 20.98 3.04
C LEU A 75 18.51 19.71 2.38
N ILE A 76 19.31 19.04 1.58
CA ILE A 76 18.83 17.88 0.81
C ILE A 76 18.76 16.62 1.67
N PRO A 77 19.84 16.16 2.33
CA PRO A 77 19.76 14.89 3.07
C PRO A 77 18.82 14.96 4.26
N ILE A 78 18.80 16.11 4.94
CA ILE A 78 17.91 16.29 6.08
C ILE A 78 16.46 16.21 5.64
N SER A 79 16.12 16.87 4.51
CA SER A 79 14.76 16.81 3.98
C SER A 79 14.44 15.45 3.39
N PHE A 80 15.44 14.63 3.08
CA PHE A 80 15.16 13.25 2.67
C PHE A 80 14.82 12.38 3.87
N VAL A 81 15.65 12.42 4.91
CA VAL A 81 15.39 11.59 6.09
C VAL A 81 14.09 12.01 6.77
N LEU A 82 13.90 13.32 6.98
CA LEU A 82 12.64 13.85 7.45
C LEU A 82 11.71 13.89 6.25
N GLY A 83 10.88 12.87 6.11
CA GLY A 83 10.07 12.72 4.92
C GLY A 83 10.06 11.27 4.48
N PHE A 84 11.17 10.57 4.67
CA PHE A 84 11.15 9.12 4.60
C PHE A 84 10.92 8.47 5.96
N TYR A 85 11.03 9.24 7.05
CA TYR A 85 10.75 8.74 8.39
C TYR A 85 9.35 9.07 8.86
N VAL A 86 8.91 10.31 8.62
CA VAL A 86 7.59 10.75 9.08
C VAL A 86 6.47 9.99 8.37
N THR A 87 6.68 9.64 7.10
CA THR A 87 5.67 8.86 6.38
C THR A 87 5.45 7.50 7.05
N LEU A 88 6.54 6.81 7.40
CA LEU A 88 6.42 5.53 8.09
C LEU A 88 5.76 5.71 9.45
N VAL A 89 6.12 6.77 10.17
CA VAL A 89 5.52 7.01 11.48
C VAL A 89 4.01 7.21 11.35
N VAL A 90 3.58 7.99 10.36
CA VAL A 90 2.15 8.26 10.18
C VAL A 90 1.41 6.99 9.75
N SER A 91 2.03 6.20 8.87
CA SER A 91 1.41 4.96 8.43
C SER A 91 1.20 4.00 9.60
N ARG A 92 2.21 3.91 10.49
CA ARG A 92 2.02 3.11 11.70
C ARG A 92 0.96 3.69 12.61
N TRP A 93 0.90 5.03 12.72
CA TRP A 93 -0.07 5.67 13.59
C TRP A 93 -1.50 5.36 13.18
N TRP A 94 -1.80 5.41 11.88
CA TRP A 94 -3.16 5.11 11.44
C TRP A 94 -3.51 3.63 11.63
N SER A 95 -2.57 2.74 11.33
CA SER A 95 -2.81 1.31 11.53
C SER A 95 -3.01 0.96 12.98
N GLN A 96 -2.40 1.71 13.91
CA GLN A 96 -2.66 1.50 15.32
C GLN A 96 -4.09 1.84 15.71
N TYR A 97 -4.76 2.71 14.95
CA TYR A 97 -6.16 3.03 15.19
C TYR A 97 -7.11 2.12 14.45
N GLU A 98 -6.73 1.62 13.28
CA GLU A 98 -7.61 0.69 12.58
C GLU A 98 -7.76 -0.65 13.29
N ASN A 99 -6.95 -0.92 14.31
CA ASN A 99 -7.00 -2.17 15.06
C ASN A 99 -7.69 -2.03 16.41
N LEU A 100 -8.38 -0.91 16.65
CA LEU A 100 -9.07 -0.72 17.92
C LEU A 100 -10.35 -1.56 17.93
N PRO A 101 -10.54 -2.42 18.92
CA PRO A 101 -11.74 -3.29 18.93
C PRO A 101 -12.99 -2.50 19.23
N TRP A 102 -13.97 -2.58 18.33
CA TRP A 102 -15.29 -2.01 18.53
C TRP A 102 -16.30 -3.15 18.66
N PRO A 103 -16.96 -3.32 19.81
CA PRO A 103 -17.91 -4.42 19.99
C PRO A 103 -19.30 -4.12 19.44
N ASP A 104 -19.36 -3.61 18.21
CA ASP A 104 -20.61 -3.28 17.57
C ASP A 104 -21.11 -4.37 16.62
N ARG A 105 -20.21 -5.17 16.05
CA ARG A 105 -20.60 -6.28 15.20
C ARG A 105 -20.97 -7.53 15.99
N LEU A 106 -20.63 -7.58 17.28
CA LEU A 106 -20.93 -8.72 18.14
C LEU A 106 -22.22 -8.54 18.92
N MET A 107 -22.50 -7.32 19.39
CA MET A 107 -23.73 -7.07 20.13
C MET A 107 -24.97 -7.28 19.26
N ILE A 108 -24.85 -7.02 17.95
CA ILE A 108 -25.97 -7.23 17.05
C ILE A 108 -26.39 -8.70 17.04
N GLN A 109 -25.41 -9.60 16.96
CA GLN A 109 -25.71 -11.03 16.95
C GLN A 109 -26.08 -11.55 18.34
N VAL A 110 -25.47 -10.99 19.40
CA VAL A 110 -25.80 -11.45 20.74
C VAL A 110 -27.23 -11.07 21.11
N SER A 111 -27.69 -9.89 20.69
CA SER A 111 -29.04 -9.45 21.01
C SER A 111 -30.11 -10.22 20.26
N SER A 112 -29.73 -10.99 19.23
CA SER A 112 -30.69 -11.68 18.39
C SER A 112 -30.64 -13.20 18.53
N PHE A 113 -29.46 -13.81 18.42
CA PHE A 113 -29.37 -15.26 18.38
C PHE A 113 -29.77 -15.89 19.71
N VAL A 114 -29.30 -15.32 20.82
CA VAL A 114 -29.66 -15.83 22.13
C VAL A 114 -31.11 -15.48 22.43
N GLU A 115 -31.91 -16.49 22.80
CA GLU A 115 -33.36 -16.33 22.90
C GLU A 115 -33.77 -16.45 24.36
N GLY A 116 -34.42 -15.41 24.87
CA GLY A 116 -34.92 -15.40 26.23
C GLY A 116 -35.17 -13.98 26.67
N LYS A 117 -36.28 -13.81 27.41
CA LYS A 117 -36.65 -12.48 27.89
C LYS A 117 -37.03 -12.55 29.37
N ASP A 118 -36.22 -13.24 30.17
CA ASP A 118 -36.44 -13.35 31.60
C ASP A 118 -35.08 -13.52 32.27
N GLU A 119 -35.10 -13.93 33.53
CA GLU A 119 -33.86 -14.31 34.21
C GLU A 119 -33.36 -15.63 33.62
N GLU A 120 -32.05 -15.83 33.73
CA GLU A 120 -31.30 -16.94 33.12
C GLU A 120 -31.22 -16.82 31.61
N GLY A 121 -31.90 -15.83 31.02
CA GLY A 121 -31.75 -15.52 29.62
C GLY A 121 -31.24 -14.11 29.45
N ARG A 122 -31.36 -13.32 30.52
CA ARG A 122 -30.83 -11.98 30.60
C ARG A 122 -29.40 -11.96 31.13
N LEU A 123 -29.15 -12.72 32.20
CA LEU A 123 -27.82 -12.82 32.78
C LEU A 123 -26.84 -13.44 31.78
N LEU A 124 -27.31 -14.41 31.00
CA LEU A 124 -26.45 -15.02 29.98
C LEU A 124 -25.96 -13.99 28.99
N ARG A 125 -26.88 -13.20 28.43
CA ARG A 125 -26.48 -12.18 27.45
C ARG A 125 -25.59 -11.13 28.09
N ARG A 126 -25.90 -10.71 29.31
CA ARG A 126 -25.09 -9.68 29.96
C ARG A 126 -23.66 -10.16 30.22
N THR A 127 -23.49 -11.39 30.70
CA THR A 127 -22.15 -11.92 30.89
C THR A 127 -21.42 -12.12 29.57
N LEU A 128 -22.13 -12.60 28.55
CA LEU A 128 -21.51 -12.79 27.24
C LEU A 128 -21.00 -11.47 26.67
N ILE A 129 -21.73 -10.38 26.88
CA ILE A 129 -21.28 -9.09 26.39
C ILE A 129 -20.27 -8.43 27.34
N ARG A 130 -20.23 -8.82 28.61
CA ARG A 130 -19.23 -8.27 29.53
C ARG A 130 -17.86 -8.90 29.31
N TYR A 131 -17.82 -10.17 28.92
CA TYR A 131 -16.52 -10.80 28.66
C TYR A 131 -15.77 -10.12 27.52
N ALA A 132 -16.45 -9.76 26.43
CA ALA A 132 -15.81 -9.08 25.32
C ALA A 132 -15.34 -7.67 25.68
N ILE A 133 -15.93 -7.04 26.68
CA ILE A 133 -15.48 -5.74 27.17
C ILE A 133 -14.29 -5.88 28.10
N LEU A 134 -14.32 -6.89 28.98
CA LEU A 134 -13.17 -7.16 29.83
C LEU A 134 -11.95 -7.52 28.99
N GLY A 135 -12.16 -8.22 27.88
CA GLY A 135 -11.05 -8.54 27.00
C GLY A 135 -10.35 -7.31 26.45
N GLN A 136 -11.11 -6.28 26.07
CA GLN A 136 -10.50 -5.05 25.57
C GLN A 136 -9.94 -4.19 26.70
N VAL A 137 -10.55 -4.23 27.89
CA VAL A 137 -10.03 -3.45 28.99
C VAL A 137 -8.68 -4.01 29.46
N LEU A 138 -8.53 -5.34 29.44
CA LEU A 138 -7.27 -5.94 29.89
C LEU A 138 -6.12 -5.66 28.94
N ILE A 139 -6.39 -5.32 27.68
CA ILE A 139 -5.33 -4.99 26.73
C ILE A 139 -5.10 -3.48 26.65
N LEU A 140 -6.15 -2.67 26.74
CA LEU A 140 -5.91 -1.23 26.82
C LEU A 140 -5.58 -0.83 28.26
N ARG A 141 -4.69 -1.59 28.89
CA ARG A 141 -4.14 -1.24 30.19
C ARG A 141 -2.65 -1.48 30.28
N SER A 142 -2.06 -2.25 29.37
CA SER A 142 -0.62 -2.47 29.32
C SER A 142 0.07 -1.67 28.24
N ILE A 143 -0.70 -1.03 27.35
CA ILE A 143 -0.13 -0.20 26.30
C ILE A 143 -0.36 1.29 26.53
N SER A 144 -1.48 1.67 27.17
CA SER A 144 -1.82 3.06 27.39
C SER A 144 -1.46 3.48 28.81
N THR A 145 -1.22 4.77 28.98
CA THR A 145 -0.85 5.35 30.28
C THR A 145 -2.03 5.98 31.00
N SER A 146 -2.91 6.67 30.27
CA SER A 146 -4.07 7.30 30.88
C SER A 146 -5.09 6.29 31.39
N VAL A 147 -5.01 5.03 30.95
CA VAL A 147 -5.90 3.99 31.44
C VAL A 147 -5.23 3.25 32.58
N TYR A 148 -3.91 3.09 32.51
CA TYR A 148 -3.17 2.49 33.61
C TYR A 148 -3.27 3.35 34.87
N LYS A 149 -3.17 4.67 34.72
CA LYS A 149 -3.31 5.55 35.86
C LYS A 149 -4.72 5.57 36.42
N ARG A 150 -5.69 5.07 35.66
CA ARG A 150 -7.07 4.97 36.12
C ARG A 150 -7.38 3.62 36.75
N PHE A 151 -6.69 2.57 36.31
CA PHE A 151 -6.83 1.22 36.86
C PHE A 151 -5.46 0.70 37.24
N PRO A 152 -4.86 1.23 38.30
CA PRO A 152 -3.49 0.82 38.65
C PRO A 152 -3.37 -0.63 39.09
N THR A 153 -4.45 -1.25 39.56
CA THR A 153 -4.40 -2.60 40.07
C THR A 153 -5.61 -3.37 39.55
N LEU A 154 -5.47 -4.70 39.45
CA LEU A 154 -6.58 -5.54 39.03
C LEU A 154 -7.73 -5.50 40.02
N HIS A 155 -7.49 -5.07 41.26
CA HIS A 155 -8.57 -4.90 42.22
C HIS A 155 -9.41 -3.66 41.94
N HIS A 156 -8.87 -2.70 41.19
CA HIS A 156 -9.64 -1.52 40.80
C HIS A 156 -10.68 -1.83 39.75
N LEU A 157 -10.49 -2.88 38.96
CA LEU A 157 -11.50 -3.27 37.98
C LEU A 157 -12.74 -3.86 38.66
N VAL A 158 -12.56 -4.49 39.83
CA VAL A 158 -13.70 -5.03 40.56
C VAL A 158 -14.60 -3.90 41.06
N LEU A 159 -14.00 -2.83 41.57
CA LEU A 159 -14.77 -1.72 42.13
C LEU A 159 -15.50 -0.89 41.08
N ALA A 160 -15.09 -0.98 39.81
CA ALA A 160 -15.72 -0.21 38.75
C ALA A 160 -16.83 -0.98 38.02
N GLY A 161 -17.03 -2.25 38.35
CA GLY A 161 -18.07 -3.05 37.73
C GLY A 161 -17.63 -3.85 36.52
N PHE A 162 -16.40 -3.65 36.03
CA PHE A 162 -15.92 -4.42 34.89
C PHE A 162 -15.72 -5.88 35.24
N MET A 163 -15.27 -6.17 36.45
CA MET A 163 -14.94 -7.52 36.90
C MET A 163 -15.87 -7.93 38.04
N THR A 164 -15.65 -9.14 38.54
CA THR A 164 -16.40 -9.66 39.68
C THR A 164 -15.44 -10.37 40.62
N HIS A 165 -15.83 -10.44 41.90
CA HIS A 165 -15.00 -11.11 42.90
C HIS A 165 -14.85 -12.60 42.58
N GLY A 166 -15.84 -13.20 41.92
CA GLY A 166 -15.73 -14.60 41.55
C GLY A 166 -14.75 -14.85 40.44
N GLU A 167 -14.60 -13.89 39.52
CA GLU A 167 -13.66 -14.04 38.41
C GLU A 167 -12.26 -13.56 38.76
N HIS A 168 -12.12 -12.63 39.70
CA HIS A 168 -10.80 -12.19 40.12
C HIS A 168 -10.01 -13.34 40.74
N LYS A 169 -10.66 -14.12 41.61
CA LYS A 169 -9.99 -15.24 42.24
C LYS A 169 -9.66 -16.35 41.25
N GLN A 170 -10.42 -16.47 40.16
CA GLN A 170 -10.10 -17.44 39.13
C GLN A 170 -8.99 -16.98 38.21
N LEU A 171 -8.91 -15.69 37.92
CA LEU A 171 -7.80 -15.17 37.13
C LEU A 171 -6.51 -15.10 37.94
N GLN A 172 -6.60 -15.09 39.27
CA GLN A 172 -5.41 -15.17 40.11
C GLN A 172 -4.83 -16.58 40.18
N LYS A 173 -5.51 -17.58 39.63
CA LYS A 173 -5.13 -18.96 39.88
C LYS A 173 -4.85 -19.69 38.57
N LEU A 174 -4.03 -19.08 37.72
CA LEU A 174 -3.63 -19.70 36.46
C LEU A 174 -2.20 -20.24 36.50
N GLY A 175 -1.32 -19.64 37.29
CA GLY A 175 0.05 -20.09 37.38
C GLY A 175 0.87 -19.91 36.12
N LEU A 176 0.72 -18.79 35.43
CA LEU A 176 1.48 -18.48 34.24
C LEU A 176 2.13 -17.11 34.41
N PRO A 177 3.42 -16.96 34.08
CA PRO A 177 4.08 -15.66 34.24
C PRO A 177 3.76 -14.66 33.15
N HIS A 178 3.11 -15.08 32.06
CA HIS A 178 2.84 -14.20 30.94
C HIS A 178 1.61 -13.34 31.21
N ASN A 179 1.31 -12.46 30.26
CA ASN A 179 0.12 -11.62 30.37
C ASN A 179 -1.14 -12.46 30.25
N THR A 180 -2.22 -11.97 30.84
CA THR A 180 -3.46 -12.73 30.91
C THR A 180 -4.60 -12.01 30.21
N PHE A 181 -4.37 -11.51 29.00
CA PHE A 181 -5.39 -10.82 28.23
C PHE A 181 -6.13 -11.74 27.28
N TRP A 182 -5.92 -13.06 27.37
CA TRP A 182 -6.56 -14.02 26.49
C TRP A 182 -7.61 -14.87 27.19
N VAL A 183 -7.70 -14.81 28.52
CA VAL A 183 -8.61 -15.65 29.29
C VAL A 183 -10.08 -15.37 28.98
N PRO A 184 -10.53 -14.11 28.92
CA PRO A 184 -11.95 -13.87 28.60
C PRO A 184 -12.37 -14.42 27.25
N TRP A 185 -11.45 -14.48 26.27
CA TRP A 185 -11.81 -15.02 24.97
C TRP A 185 -12.08 -16.52 25.03
N VAL A 186 -11.54 -17.23 26.01
CA VAL A 186 -11.85 -18.64 26.21
C VAL A 186 -13.10 -18.79 27.08
N TRP A 187 -13.27 -17.92 28.08
CA TRP A 187 -14.48 -17.95 28.88
C TRP A 187 -15.72 -17.70 28.02
N PHE A 188 -15.62 -16.78 27.06
CA PHE A 188 -16.74 -16.49 26.17
C PHE A 188 -17.11 -17.72 25.36
N ALA A 189 -16.12 -18.41 24.80
CA ALA A 189 -16.41 -19.60 23.99
C ALA A 189 -17.05 -20.69 24.83
N ASN A 190 -16.52 -20.92 26.03
CA ASN A 190 -17.10 -21.97 26.88
C ASN A 190 -18.52 -21.62 27.29
N LEU A 191 -18.78 -20.36 27.63
CA LEU A 191 -20.13 -19.96 28.00
C LEU A 191 -21.09 -20.08 26.83
N SER A 192 -20.63 -19.72 25.63
CA SER A 192 -21.49 -19.85 24.45
C SER A 192 -21.82 -21.32 24.15
N MET A 193 -20.84 -22.22 24.28
CA MET A 193 -21.13 -23.63 24.06
C MET A 193 -22.08 -24.17 25.12
N LYS A 194 -21.90 -23.76 26.37
CA LYS A 194 -22.82 -24.17 27.43
C LYS A 194 -24.22 -23.66 27.18
N ALA A 195 -24.34 -22.42 26.68
CA ALA A 195 -25.65 -21.88 26.32
C ALA A 195 -26.27 -22.66 25.17
N TYR A 196 -25.47 -23.04 24.17
CA TYR A 196 -26.00 -23.83 23.07
C TYR A 196 -26.52 -25.18 23.57
N LEU A 197 -25.79 -25.83 24.48
CA LEU A 197 -26.31 -27.06 25.05
C LEU A 197 -27.25 -26.75 26.21
N GLY A 198 -28.18 -25.82 25.99
CA GLY A 198 -29.21 -25.51 26.97
C GLY A 198 -30.52 -25.11 26.32
N GLY A 199 -30.58 -25.23 25.00
CA GLY A 199 -31.76 -24.83 24.25
C GLY A 199 -31.85 -23.36 23.92
N ARG A 200 -30.86 -22.56 24.31
CA ARG A 200 -30.92 -21.12 24.02
C ARG A 200 -30.63 -20.83 22.57
N ILE A 201 -29.44 -21.19 22.09
CA ILE A 201 -29.13 -21.09 20.67
C ILE A 201 -29.62 -22.34 19.97
N ARG A 202 -30.44 -22.17 18.94
CA ARG A 202 -31.19 -23.26 18.35
C ARG A 202 -30.51 -23.88 17.14
N ASP A 203 -29.31 -23.44 16.77
CA ASP A 203 -28.63 -23.99 15.61
C ASP A 203 -27.13 -23.83 15.77
N THR A 204 -26.39 -24.67 15.03
CA THR A 204 -24.94 -24.60 15.04
C THR A 204 -24.40 -23.53 14.11
N VAL A 205 -25.15 -23.16 13.07
CA VAL A 205 -24.72 -22.09 12.17
C VAL A 205 -24.63 -20.78 12.94
N LEU A 206 -25.61 -20.50 13.79
CA LEU A 206 -25.59 -19.28 14.60
C LEU A 206 -24.40 -19.27 15.56
N LEU A 207 -24.10 -20.43 16.17
CA LEU A 207 -22.97 -20.50 17.09
C LEU A 207 -21.65 -20.30 16.37
N GLN A 208 -21.50 -20.89 15.17
CA GLN A 208 -20.29 -20.67 14.38
C GLN A 208 -20.16 -19.21 13.98
N SER A 209 -21.26 -18.57 13.61
CA SER A 209 -21.22 -17.15 13.27
C SER A 209 -20.83 -16.31 14.48
N LEU A 210 -21.32 -16.70 15.67
CA LEU A 210 -20.93 -15.99 16.89
C LEU A 210 -19.44 -16.13 17.16
N MET A 211 -18.89 -17.33 16.99
CA MET A 211 -17.47 -17.54 17.27
C MET A 211 -16.58 -16.86 16.23
N ASN A 212 -17.06 -16.73 14.99
CA ASN A 212 -16.27 -16.06 13.96
C ASN A 212 -16.03 -14.59 14.27
N GLU A 213 -16.97 -13.94 14.94
CA GLU A 213 -16.81 -12.54 15.30
C GLU A 213 -15.95 -12.32 16.53
N VAL A 214 -15.70 -13.36 17.32
CA VAL A 214 -14.76 -13.26 18.42
C VAL A 214 -13.35 -13.61 17.97
N CYS A 215 -13.22 -14.53 17.00
CA CYS A 215 -11.91 -14.85 16.45
C CYS A 215 -11.27 -13.66 15.73
N THR A 216 -12.04 -12.63 15.38
CA THR A 216 -11.51 -11.41 14.78
C THR A 216 -11.10 -10.39 15.84
N LEU A 217 -11.89 -10.26 16.91
CA LEU A 217 -11.48 -9.41 18.02
C LEU A 217 -10.20 -9.93 18.66
N ARG A 218 -10.00 -11.24 18.67
CA ARG A 218 -8.73 -11.78 19.17
C ARG A 218 -7.56 -11.25 18.36
N THR A 219 -7.68 -11.28 17.02
CA THR A 219 -6.61 -10.76 16.17
C THR A 219 -6.41 -9.26 16.37
N GLN A 220 -7.51 -8.50 16.48
CA GLN A 220 -7.39 -7.06 16.68
C GLN A 220 -6.71 -6.73 18.00
N CYS A 221 -7.01 -7.48 19.06
CA CYS A 221 -6.36 -7.27 20.34
C CYS A 221 -4.91 -7.73 20.34
N GLY A 222 -4.56 -8.76 19.57
CA GLY A 222 -3.19 -9.21 19.48
C GLY A 222 -2.31 -8.26 18.69
N GLN A 223 -2.87 -7.63 17.65
CA GLN A 223 -2.11 -6.70 16.84
C GLN A 223 -1.70 -5.44 17.60
N LEU A 224 -2.55 -4.92 18.49
CA LEU A 224 -2.17 -3.78 19.31
C LEU A 224 -1.01 -4.12 20.23
N TYR A 225 -1.05 -5.30 20.85
CA TYR A 225 0.05 -5.74 21.70
C TYR A 225 1.33 -5.91 20.90
N ALA A 226 1.24 -6.47 19.69
CA ALA A 226 2.42 -6.60 18.84
C ALA A 226 2.99 -5.23 18.46
N TYR A 227 2.13 -4.28 18.09
CA TYR A 227 2.57 -2.94 17.75
C TYR A 227 3.25 -2.24 18.91
N ASP A 228 2.72 -2.39 20.13
CA ASP A 228 3.36 -1.83 21.32
C ASP A 228 4.66 -2.51 21.68
N TRP A 229 4.76 -3.83 21.49
CA TRP A 229 5.96 -4.55 21.87
C TRP A 229 7.11 -4.30 20.90
N ILE A 230 6.82 -4.24 19.60
CA ILE A 230 7.84 -4.04 18.58
C ILE A 230 7.71 -2.62 18.05
N SER A 231 8.77 -1.84 18.16
CA SER A 231 8.78 -0.43 17.77
C SER A 231 9.78 -0.20 16.66
N ILE A 232 9.79 1.04 16.17
CA ILE A 232 10.72 1.42 15.09
C ILE A 232 12.14 1.30 15.60
N PRO A 233 13.10 0.81 14.80
CA PRO A 233 14.45 0.57 15.33
C PRO A 233 15.11 1.82 15.89
N LEU A 234 15.84 1.64 16.99
CA LEU A 234 16.52 2.75 17.64
C LEU A 234 17.58 3.35 16.74
N VAL A 235 18.17 2.55 15.84
CA VAL A 235 19.13 3.09 14.87
C VAL A 235 18.45 4.12 13.99
N TYR A 236 17.28 3.78 13.45
CA TYR A 236 16.53 4.71 12.60
C TYR A 236 16.10 5.94 13.40
N THR A 237 15.69 5.73 14.65
CA THR A 237 15.28 6.87 15.48
C THR A 237 16.45 7.81 15.74
N GLN A 238 17.64 7.27 15.99
CA GLN A 238 18.80 8.08 16.33
C GLN A 238 19.40 8.80 15.12
N VAL A 239 19.31 8.20 13.93
CA VAL A 239 19.92 8.80 12.75
C VAL A 239 19.29 10.17 12.46
N VAL A 240 17.96 10.25 12.51
CA VAL A 240 17.28 11.50 12.22
C VAL A 240 17.65 12.56 13.25
N THR A 241 17.67 12.19 14.52
CA THR A 241 18.00 13.14 15.58
C THR A 241 19.42 13.67 15.41
N VAL A 242 20.38 12.79 15.14
CA VAL A 242 21.75 13.26 14.99
C VAL A 242 21.89 14.12 13.75
N ALA A 243 21.16 13.81 12.67
CA ALA A 243 21.22 14.65 11.48
C ALA A 243 20.68 16.05 11.76
N VAL A 244 19.52 16.13 12.41
CA VAL A 244 18.92 17.43 12.68
C VAL A 244 19.79 18.25 13.63
N TYR A 245 20.32 17.60 14.68
CA TYR A 245 21.14 18.35 15.63
C TYR A 245 22.46 18.78 15.02
N SER A 246 23.06 17.95 14.15
CA SER A 246 24.26 18.37 13.45
C SER A 246 23.97 19.54 12.52
N PHE A 247 22.82 19.54 11.86
CA PHE A 247 22.46 20.68 11.02
C PHE A 247 22.30 21.96 11.85
N PHE A 248 21.64 21.85 13.01
CA PHE A 248 21.35 23.05 13.80
C PHE A 248 22.52 23.50 14.67
N LEU A 249 23.54 22.67 14.85
CA LEU A 249 24.73 23.10 15.57
C LEU A 249 25.66 23.93 14.71
N ALA A 250 25.60 23.78 13.38
CA ALA A 250 26.40 24.60 12.49
C ALA A 250 25.79 25.96 12.23
N CYS A 251 24.51 26.15 12.55
CA CYS A 251 23.88 27.46 12.38
C CYS A 251 24.18 28.40 13.54
N LEU A 252 24.66 27.87 14.67
CA LEU A 252 25.07 28.73 15.77
C LEU A 252 26.34 29.49 15.43
N ILE A 253 27.33 28.79 14.89
CA ILE A 253 28.57 29.40 14.43
C ILE A 253 28.67 29.12 12.94
N GLY A 254 28.50 30.16 12.13
CA GLY A 254 28.45 30.01 10.68
C GLY A 254 27.34 30.84 10.07
N ARG A 255 26.27 31.06 10.81
CA ARG A 255 25.20 31.98 10.42
C ARG A 255 25.21 33.26 11.24
N GLN A 256 26.28 33.49 12.00
CA GLN A 256 26.41 34.71 12.78
C GLN A 256 26.83 35.86 11.88
N PHE A 257 26.52 37.07 12.33
CA PHE A 257 26.79 38.29 11.57
C PHE A 257 28.21 38.75 11.89
N LEU A 258 29.14 38.46 10.99
CA LEU A 258 30.53 38.83 11.17
C LEU A 258 30.72 40.33 10.99
N ASN A 259 31.88 40.82 11.42
CA ASN A 259 32.20 42.23 11.30
C ASN A 259 32.31 42.61 9.83
N PRO A 260 31.54 43.59 9.34
CA PRO A 260 31.63 43.97 7.93
C PRO A 260 32.86 44.79 7.57
N ASN A 261 33.75 45.06 8.52
CA ASN A 261 34.95 45.83 8.25
C ASN A 261 35.94 45.10 7.35
N LYS A 262 35.79 43.79 7.17
CA LYS A 262 36.67 43.02 6.31
C LYS A 262 36.12 42.82 4.90
N ASP A 263 34.86 43.20 4.66
CA ASP A 263 34.22 43.12 3.34
C ASP A 263 34.25 41.67 2.81
N TYR A 264 33.57 40.80 3.55
CA TYR A 264 33.47 39.40 3.15
C TYR A 264 32.40 39.23 2.06
N PRO A 265 32.54 38.21 1.22
CA PRO A 265 31.60 38.03 0.11
C PRO A 265 30.16 37.79 0.54
N GLY A 266 29.93 37.31 1.75
CA GLY A 266 28.58 36.96 2.17
C GLY A 266 27.96 37.86 3.21
N HIS A 267 28.78 38.41 4.10
CA HIS A 267 28.30 39.23 5.21
C HIS A 267 28.48 40.70 4.86
N GLU A 268 27.36 41.44 4.81
CA GLU A 268 27.40 42.86 4.52
C GLU A 268 26.47 43.70 5.38
N MET A 269 25.70 43.09 6.28
CA MET A 269 24.79 43.82 7.14
C MET A 269 24.91 43.30 8.56
N ASP A 270 24.36 44.05 9.51
CA ASP A 270 24.45 43.72 10.93
C ASP A 270 23.08 43.87 11.60
N LEU A 271 22.06 43.30 10.96
CA LEU A 271 20.76 43.23 11.61
C LEU A 271 20.82 42.23 12.76
N VAL A 272 20.21 42.60 13.89
CA VAL A 272 20.43 41.86 15.13
C VAL A 272 19.77 40.48 15.08
N VAL A 273 18.53 40.40 14.60
CA VAL A 273 17.72 39.18 14.71
C VAL A 273 17.88 38.38 13.41
N PRO A 274 18.32 37.12 13.48
CA PRO A 274 18.34 36.23 12.30
C PRO A 274 16.95 35.66 12.00
N VAL A 275 16.15 36.45 11.29
CA VAL A 275 14.76 36.09 11.05
C VAL A 275 14.66 34.81 10.24
N PHE A 276 15.45 34.69 9.18
CA PHE A 276 15.39 33.52 8.32
C PHE A 276 16.10 32.31 8.89
N THR A 277 16.85 32.48 9.97
CA THR A 277 17.34 31.34 10.74
C THR A 277 16.30 30.86 11.73
N ILE A 278 15.58 31.80 12.37
CA ILE A 278 14.49 31.42 13.27
C ILE A 278 13.39 30.70 12.50
N LEU A 279 13.03 31.21 11.32
CA LEU A 279 12.00 30.58 10.52
C LEU A 279 12.43 29.17 10.07
N GLN A 280 13.69 29.02 9.68
CA GLN A 280 14.19 27.70 9.31
C GLN A 280 14.16 26.74 10.50
N PHE A 281 14.53 27.23 11.68
CA PHE A 281 14.45 26.40 12.89
C PHE A 281 13.02 25.94 13.14
N LEU A 282 12.08 26.87 13.06
CA LEU A 282 10.67 26.53 13.26
C LEU A 282 10.21 25.47 12.27
N PHE A 283 10.50 25.69 10.98
CA PHE A 283 10.02 24.78 9.94
C PHE A 283 10.66 23.39 10.07
N TYR A 284 11.96 23.34 10.36
CA TYR A 284 12.67 22.07 10.40
C TYR A 284 12.55 21.34 11.73
N MET A 285 12.02 21.99 12.77
CA MET A 285 11.76 21.28 14.02
C MET A 285 10.29 20.91 14.18
N GLY A 286 9.37 21.68 13.61
CA GLY A 286 7.99 21.22 13.57
C GLY A 286 7.78 19.97 12.75
N TRP A 287 8.68 19.68 11.81
CA TRP A 287 8.62 18.44 11.07
C TRP A 287 9.07 17.25 11.91
N LEU A 288 10.09 17.43 12.75
CA LEU A 288 10.53 16.37 13.64
C LEU A 288 9.53 16.14 14.77
N LYS A 289 8.88 17.19 15.27
CA LYS A 289 7.92 17.01 16.35
C LYS A 289 6.68 16.23 15.91
N VAL A 290 6.38 16.16 14.60
CA VAL A 290 5.30 15.30 14.16
C VAL A 290 5.58 13.85 14.52
N ALA A 291 6.77 13.36 14.17
CA ALA A 291 7.17 12.01 14.56
C ALA A 291 7.31 11.89 16.07
N GLU A 292 7.87 12.92 16.72
CA GLU A 292 7.98 12.93 18.17
C GLU A 292 6.63 12.73 18.85
N GLN A 293 5.57 13.30 18.31
CA GLN A 293 4.23 13.19 18.88
C GLN A 293 3.53 11.89 18.50
N LEU A 294 3.65 11.45 17.25
CA LEU A 294 2.90 10.29 16.78
C LEU A 294 3.67 8.98 16.94
N ILE A 295 4.86 8.99 17.53
CA ILE A 295 5.59 7.75 17.72
C ILE A 295 4.97 6.85 18.79
N ASN A 296 4.05 7.38 19.59
CA ASN A 296 3.35 6.60 20.60
C ASN A 296 1.95 7.18 20.77
N PRO A 297 0.99 6.71 19.96
CA PRO A 297 -0.35 7.33 19.99
C PRO A 297 -1.08 7.19 21.32
N PHE A 298 -0.75 6.19 22.13
CA PHE A 298 -1.45 5.96 23.39
C PHE A 298 -0.66 6.63 24.51
N GLY A 299 -0.75 7.95 24.55
CA GLY A 299 -0.05 8.74 25.54
C GLY A 299 -0.95 9.75 26.21
N GLU A 300 -0.42 10.92 26.54
CA GLU A 300 -1.17 11.99 27.18
C GLU A 300 -0.92 13.32 26.51
N ASP A 301 -0.69 13.30 25.19
CA ASP A 301 -0.48 14.51 24.42
C ASP A 301 -1.83 15.09 24.01
N ASP A 302 -1.82 16.08 23.13
CA ASP A 302 -3.05 16.64 22.59
C ASP A 302 -3.54 15.88 21.37
N ASP A 303 -2.64 15.52 20.46
CA ASP A 303 -3.00 14.72 19.29
C ASP A 303 -2.73 13.24 19.56
N ASP A 304 -3.36 12.74 20.63
CA ASP A 304 -3.25 11.34 21.03
C ASP A 304 -4.65 10.78 21.27
N PHE A 305 -4.79 9.48 21.02
CA PHE A 305 -6.09 8.84 21.12
C PHE A 305 -6.63 8.92 22.54
N GLU A 306 -7.92 9.28 22.65
CA GLU A 306 -8.59 9.37 23.94
C GLU A 306 -9.21 8.00 24.25
N THR A 307 -8.38 7.12 24.77
CA THR A 307 -8.83 5.76 25.10
C THR A 307 -9.33 5.67 26.54
N ASN A 308 -10.20 6.60 26.91
CA ASN A 308 -10.89 6.56 28.20
C ASN A 308 -12.38 6.83 28.10
N TRP A 309 -12.85 7.51 27.06
CA TRP A 309 -14.27 7.63 26.78
C TRP A 309 -14.78 6.48 25.93
N ILE A 310 -13.88 5.85 25.16
CA ILE A 310 -14.26 4.71 24.34
C ILE A 310 -14.69 3.54 25.22
N ILE A 311 -13.95 3.28 26.30
CA ILE A 311 -14.29 2.14 27.16
C ILE A 311 -15.51 2.40 28.03
N ASP A 312 -16.02 3.63 28.07
CA ASP A 312 -17.32 3.90 28.68
C ASP A 312 -18.45 3.82 27.68
N ARG A 313 -18.23 4.36 26.47
CA ARG A 313 -19.24 4.26 25.42
C ARG A 313 -19.51 2.81 25.06
N ASN A 314 -18.44 2.01 24.89
CA ASN A 314 -18.59 0.61 24.54
C ASN A 314 -19.30 -0.19 25.62
N LEU A 315 -19.16 0.22 26.89
CA LEU A 315 -19.86 -0.46 27.96
C LEU A 315 -21.34 -0.10 27.96
N GLN A 316 -21.65 1.20 27.96
CA GLN A 316 -23.04 1.63 28.04
C GLN A 316 -23.84 1.17 26.82
N VAL A 317 -23.29 1.35 25.62
CA VAL A 317 -24.03 1.02 24.40
C VAL A 317 -24.32 -0.48 24.35
N SER A 318 -23.30 -1.30 24.63
CA SER A 318 -23.48 -2.75 24.56
C SER A 318 -24.47 -3.23 25.62
N LEU A 319 -24.34 -2.72 26.85
CA LEU A 319 -25.26 -3.14 27.91
C LEU A 319 -26.68 -2.74 27.60
N LEU A 320 -26.89 -1.55 27.01
CA LEU A 320 -28.24 -1.17 26.61
C LEU A 320 -28.75 -2.06 25.49
N SER A 321 -27.90 -2.38 24.53
CA SER A 321 -28.35 -3.14 23.35
C SER A 321 -28.76 -4.55 23.72
N VAL A 322 -27.96 -5.23 24.55
CA VAL A 322 -28.24 -6.64 24.84
C VAL A 322 -29.28 -6.84 25.94
N ASP A 323 -29.69 -5.77 26.64
CA ASP A 323 -30.59 -5.89 27.77
C ASP A 323 -31.94 -5.25 27.53
N GLY A 324 -31.98 -3.95 27.24
CA GLY A 324 -33.21 -3.21 27.14
C GLY A 324 -33.73 -2.97 25.74
N MET A 325 -33.18 -3.65 24.73
CA MET A 325 -33.57 -3.44 23.35
C MET A 325 -33.67 -4.76 22.60
N HIS A 326 -33.96 -5.85 23.30
CA HIS A 326 -33.92 -7.17 22.68
C HIS A 326 -35.16 -7.43 21.84
N GLN A 327 -36.32 -7.55 22.49
CA GLN A 327 -37.59 -7.64 21.77
C GLN A 327 -38.34 -6.31 21.85
N ASN A 328 -37.74 -5.28 21.25
CA ASN A 328 -38.30 -3.92 21.30
C ASN A 328 -38.10 -3.27 19.94
N LEU A 329 -39.19 -3.16 19.18
CA LEU A 329 -39.15 -2.52 17.87
C LEU A 329 -40.27 -1.51 17.76
N PRO A 330 -40.07 -0.45 16.99
CA PRO A 330 -41.14 0.53 16.75
C PRO A 330 -42.27 -0.10 15.95
N PRO A 331 -43.48 0.44 16.04
CA PRO A 331 -44.61 -0.15 15.33
C PRO A 331 -44.39 -0.17 13.82
N MET A 332 -44.88 -1.22 13.19
CA MET A 332 -44.76 -1.40 11.74
C MET A 332 -45.97 -0.79 11.06
N GLU A 333 -45.74 0.25 10.24
CA GLU A 333 -46.80 0.97 9.57
C GLU A 333 -46.43 1.18 8.11
N ARG A 334 -47.44 1.50 7.30
CA ARG A 334 -47.22 1.80 5.90
C ARG A 334 -46.39 3.07 5.75
N ASP A 335 -45.52 3.09 4.74
CA ASP A 335 -44.63 4.21 4.51
C ASP A 335 -45.38 5.37 3.87
N MET A 336 -44.70 6.51 3.76
CA MET A 336 -45.27 7.66 3.06
C MET A 336 -45.39 7.39 1.57
N TYR A 337 -44.51 6.55 1.02
CA TYR A 337 -44.46 6.23 -0.40
C TYR A 337 -45.04 4.85 -0.68
N TRP A 338 -46.13 4.49 -0.01
CA TRP A 338 -46.72 3.16 -0.19
C TRP A 338 -47.11 2.92 -1.64
N ASN A 339 -47.71 3.91 -2.29
CA ASN A 339 -48.07 3.83 -3.71
C ASN A 339 -47.44 5.05 -4.40
N GLU A 340 -46.18 4.89 -4.80
CA GLU A 340 -45.47 5.96 -5.52
C GLU A 340 -44.24 5.34 -6.18
N ALA A 341 -44.18 5.39 -7.50
CA ALA A 341 -43.07 4.77 -8.23
C ALA A 341 -41.76 5.47 -7.94
N ALA A 342 -41.75 6.81 -7.98
CA ALA A 342 -40.53 7.59 -7.80
C ALA A 342 -40.69 8.56 -6.64
N PRO A 343 -40.14 8.26 -5.46
CA PRO A 343 -40.21 9.21 -4.35
C PRO A 343 -39.45 10.49 -4.66
N GLN A 344 -39.95 11.60 -4.15
CA GLN A 344 -39.37 12.93 -4.36
C GLN A 344 -39.23 13.64 -3.02
N PRO A 345 -38.17 13.36 -2.27
CA PRO A 345 -37.96 14.06 -1.01
C PRO A 345 -37.77 15.54 -1.25
N PRO A 346 -38.27 16.38 -0.34
CA PRO A 346 -38.17 17.83 -0.55
C PRO A 346 -36.79 18.38 -0.26
N TYR A 347 -36.51 19.54 -0.85
CA TYR A 347 -35.28 20.28 -0.63
C TYR A 347 -35.60 21.58 0.09
N THR A 348 -34.82 21.89 1.12
CA THR A 348 -35.00 23.14 1.84
C THR A 348 -34.46 24.31 1.01
N ALA A 349 -34.89 25.51 1.40
CA ALA A 349 -34.44 26.71 0.69
C ALA A 349 -32.94 26.93 0.85
N ALA A 350 -32.40 26.66 2.04
CA ALA A 350 -30.97 26.88 2.27
C ALA A 350 -30.11 25.96 1.41
N SER A 351 -30.60 24.77 1.09
CA SER A 351 -29.87 23.80 0.27
C SER A 351 -30.71 23.50 -0.96
N ALA A 352 -30.56 24.34 -2.00
CA ALA A 352 -31.22 24.13 -3.27
C ALA A 352 -30.25 24.20 -4.44
N ARG A 353 -28.98 24.49 -4.21
CA ARG A 353 -27.97 24.46 -5.26
C ARG A 353 -27.54 23.04 -5.62
N SER A 354 -27.62 22.11 -4.66
CA SER A 354 -27.13 20.75 -4.85
C SER A 354 -28.13 19.83 -5.53
N ARG A 355 -29.19 20.37 -6.12
CA ARG A 355 -30.15 19.56 -6.87
C ARG A 355 -29.52 19.21 -8.22
N ARG A 356 -28.64 18.22 -8.19
CA ARG A 356 -27.92 17.80 -9.39
C ARG A 356 -28.68 16.68 -10.10
N HIS A 357 -28.27 16.40 -11.32
CA HIS A 357 -28.85 15.33 -12.12
C HIS A 357 -27.98 14.08 -12.04
N SER A 358 -28.61 12.93 -12.21
CA SER A 358 -27.91 11.65 -12.09
C SER A 358 -26.87 11.49 -13.19
N PHE A 359 -25.70 11.00 -12.82
CA PHE A 359 -24.65 10.69 -13.79
C PHE A 359 -25.07 9.47 -14.60
N MET A 360 -24.88 9.54 -15.91
CA MET A 360 -25.32 8.47 -16.81
C MET A 360 -24.19 7.99 -17.71
N GLY A 361 -22.96 8.03 -17.21
CA GLY A 361 -21.84 7.51 -17.98
C GLY A 361 -21.07 8.62 -18.68
N SER A 362 -19.77 8.39 -18.86
CA SER A 362 -18.91 9.39 -19.49
C SER A 362 -19.22 9.52 -20.98
N THR A 363 -19.39 8.41 -21.68
CA THR A 363 -19.61 8.41 -23.12
C THR A 363 -21.07 8.66 -23.50
N PHE A 364 -21.89 9.15 -22.56
CA PHE A 364 -23.28 9.43 -22.88
C PHE A 364 -23.41 10.58 -23.88
N ASN A 365 -22.53 11.58 -23.78
CA ASN A 365 -22.62 12.79 -24.58
C ASN A 365 -21.89 12.69 -25.91
N ILE A 366 -21.62 11.47 -26.40
CA ILE A 366 -20.99 11.31 -27.70
C ILE A 366 -21.90 10.52 -28.62
N THR B 2 14.45 -7.81 21.12
CA THR B 2 13.98 -6.53 20.60
C THR B 2 14.20 -5.42 21.62
N ILE B 3 14.54 -4.24 21.12
CA ILE B 3 14.76 -3.08 21.97
C ILE B 3 13.45 -2.33 22.11
N THR B 4 13.00 -2.15 23.35
CA THR B 4 11.73 -1.47 23.65
C THR B 4 12.03 -0.14 24.33
N TYR B 5 11.56 0.95 23.72
CA TYR B 5 11.71 2.28 24.29
C TYR B 5 10.41 3.08 24.19
N THR B 6 9.27 2.39 24.07
CA THR B 6 7.99 3.07 23.89
C THR B 6 7.62 3.93 25.09
N ASN B 7 7.88 3.43 26.30
CA ASN B 7 7.53 4.19 27.51
C ASN B 7 8.36 5.46 27.67
N LYS B 8 9.54 5.53 27.05
CA LYS B 8 10.38 6.70 27.16
C LYS B 8 9.99 7.81 26.18
N VAL B 9 9.11 7.52 25.23
CA VAL B 9 8.71 8.51 24.23
C VAL B 9 7.20 8.65 24.21
N ALA B 10 6.56 8.42 25.37
CA ALA B 10 5.11 8.52 25.44
C ALA B 10 4.63 9.93 25.15
N ASN B 11 5.30 10.94 25.70
CA ASN B 11 4.94 12.34 25.50
C ASN B 11 6.07 13.07 24.79
N ALA B 12 5.70 14.14 24.09
CA ALA B 12 6.66 14.98 23.37
C ALA B 12 7.08 16.12 24.28
N ARG B 13 8.20 15.92 24.98
CA ARG B 13 8.76 16.91 25.89
C ARG B 13 10.13 17.35 25.38
N LEU B 14 10.77 18.24 26.15
CA LEU B 14 12.08 18.76 25.77
C LEU B 14 13.13 17.65 25.71
N GLY B 15 13.25 16.88 26.79
CA GLY B 15 14.20 15.79 26.82
C GLY B 15 13.59 14.44 26.47
N SER B 16 13.08 14.30 25.25
CA SER B 16 12.43 13.06 24.82
C SER B 16 13.25 12.31 23.76
N PHE B 17 13.56 12.96 22.64
CA PHE B 17 14.37 12.31 21.61
C PHE B 17 15.86 12.52 21.81
N SER B 18 16.26 13.65 22.40
CA SER B 18 17.67 13.91 22.64
C SER B 18 18.25 13.02 23.73
N SER B 19 17.40 12.42 24.56
CA SER B 19 17.87 11.50 25.59
C SER B 19 18.10 10.08 25.08
N LEU B 20 17.71 9.80 23.85
CA LEU B 20 17.93 8.50 23.23
C LEU B 20 19.29 8.40 22.56
N LEU B 21 20.07 9.47 22.55
CA LEU B 21 21.40 9.47 21.97
C LEU B 21 22.48 9.01 22.95
N LEU B 22 22.11 8.70 24.19
CA LEU B 22 23.06 8.27 25.21
C LEU B 22 22.80 6.82 25.62
N CYS B 23 22.24 6.02 24.72
CA CYS B 23 21.96 4.61 24.97
C CYS B 23 22.95 3.75 24.20
N TRP B 24 23.50 2.74 24.86
CA TRP B 24 24.51 1.90 24.24
C TRP B 24 23.89 0.81 23.38
N ARG B 25 23.08 -0.05 23.99
CA ARG B 25 22.58 -1.23 23.31
C ARG B 25 21.62 -0.84 22.17
N GLY B 26 21.85 -1.40 20.99
CA GLY B 26 21.00 -1.16 19.85
C GLY B 26 21.25 0.15 19.12
N SER B 27 22.27 0.90 19.49
CA SER B 27 22.54 2.20 18.90
C SER B 27 23.61 2.12 17.83
N ILE B 28 23.79 3.23 17.11
CA ILE B 28 24.79 3.30 16.05
C ILE B 28 26.19 3.16 16.62
N TYR B 29 26.39 3.53 17.89
CA TYR B 29 27.72 3.43 18.50
C TYR B 29 28.16 1.98 18.68
N LYS B 30 27.21 1.05 18.77
CA LYS B 30 27.55 -0.37 18.88
C LYS B 30 27.77 -1.03 17.53
N LEU B 31 27.29 -0.42 16.45
CA LEU B 31 27.43 -0.99 15.11
C LEU B 31 28.55 -0.38 14.29
N LEU B 32 28.90 0.88 14.53
CA LEU B 32 29.91 1.58 13.74
C LEU B 32 31.30 1.51 14.35
N TYR B 33 31.48 0.79 15.45
CA TYR B 33 32.77 0.80 16.13
C TYR B 33 33.86 0.17 15.28
N GLY B 34 33.57 -0.97 14.65
CA GLY B 34 34.59 -1.67 13.87
C GLY B 34 34.97 -0.96 12.59
N GLU B 35 34.16 0.00 12.14
CA GLU B 35 34.39 0.70 10.88
C GLU B 35 34.94 2.11 11.09
N PHE B 36 34.56 2.78 12.19
CA PHE B 36 35.10 4.10 12.48
C PHE B 36 36.59 4.03 12.71
N LEU B 37 37.08 2.98 13.36
CA LEU B 37 38.52 2.83 13.58
C LEU B 37 39.27 2.72 12.27
N VAL B 38 38.75 1.91 11.34
CA VAL B 38 39.40 1.77 10.03
C VAL B 38 39.39 3.09 9.28
N PHE B 39 38.24 3.80 9.31
CA PHE B 39 38.16 5.07 8.61
C PHE B 39 39.15 6.09 9.19
N ILE B 40 39.25 6.16 10.52
CA ILE B 40 40.16 7.11 11.14
C ILE B 40 41.60 6.76 10.85
N PHE B 41 41.95 5.46 10.92
CA PHE B 41 43.31 5.04 10.62
C PHE B 41 43.68 5.37 9.18
N LEU B 42 42.77 5.12 8.23
CA LEU B 42 43.04 5.44 6.84
C LEU B 42 43.18 6.95 6.64
N TYR B 43 42.34 7.73 7.31
CA TYR B 43 42.42 9.19 7.17
C TYR B 43 43.74 9.73 7.71
N TYR B 44 44.17 9.22 8.87
CA TYR B 44 45.39 9.74 9.49
C TYR B 44 46.66 9.09 8.94
N SER B 45 46.54 8.05 8.11
CA SER B 45 47.71 7.52 7.43
C SER B 45 48.13 8.36 6.23
N ILE B 46 47.33 9.33 5.82
CA ILE B 46 47.67 10.22 4.71
C ILE B 46 48.19 11.53 5.27
N ARG B 47 47.68 11.93 6.44
CA ARG B 47 48.23 13.06 7.18
C ARG B 47 49.36 12.51 8.04
N GLY B 48 50.55 12.51 7.48
CA GLY B 48 51.69 11.79 8.04
C GLY B 48 52.50 11.22 6.91
N LEU B 49 51.88 11.17 5.72
CA LEU B 49 52.59 10.93 4.46
C LEU B 49 52.70 12.20 3.65
N TYR B 50 51.58 12.88 3.40
CA TYR B 50 51.59 14.12 2.62
C TYR B 50 52.42 15.20 3.30
N ARG B 51 52.55 15.17 4.62
CA ARG B 51 53.22 16.24 5.35
C ARG B 51 54.67 15.96 5.66
N MET B 52 55.10 14.70 5.69
CA MET B 52 56.47 14.41 6.11
C MET B 52 57.16 13.33 5.26
N VAL B 53 56.55 12.88 4.17
CA VAL B 53 57.15 11.86 3.30
C VAL B 53 57.27 12.37 1.86
N LEU B 54 56.17 12.85 1.30
CA LEU B 54 56.19 13.39 -0.05
C LEU B 54 57.01 14.68 -0.11
N SER B 55 57.82 14.82 -1.15
CA SER B 55 58.67 15.98 -1.31
C SER B 55 57.88 17.15 -1.91
N SER B 56 58.55 18.29 -2.04
CA SER B 56 57.90 19.46 -2.62
C SER B 56 57.48 19.21 -4.07
N ASP B 57 58.24 18.37 -4.80
CA ASP B 57 57.85 18.02 -6.15
C ASP B 57 56.57 17.18 -6.15
N GLN B 58 56.53 16.12 -5.36
CA GLN B 58 55.32 15.31 -5.23
C GLN B 58 54.49 15.78 -4.03
N GLN B 59 54.35 17.11 -3.94
CA GLN B 59 53.37 17.68 -3.02
C GLN B 59 52.47 18.65 -3.76
N LEU B 60 52.70 18.85 -5.06
CA LEU B 60 51.86 19.73 -5.85
C LEU B 60 50.99 18.95 -6.83
N LEU B 61 51.29 17.67 -7.05
CA LEU B 61 50.39 16.74 -7.72
C LEU B 61 49.36 16.14 -6.77
N PHE B 62 49.63 16.15 -5.47
CA PHE B 62 48.66 15.74 -4.45
C PHE B 62 47.54 16.76 -4.30
N GLU B 63 47.87 18.04 -4.42
CA GLU B 63 46.86 19.09 -4.27
C GLU B 63 45.93 19.18 -5.47
N LYS B 64 46.41 18.92 -6.68
CA LYS B 64 45.50 18.80 -7.81
C LYS B 64 44.56 17.62 -7.68
N LEU B 65 44.97 16.55 -7.01
CA LEU B 65 44.10 15.42 -6.72
C LEU B 65 43.09 15.77 -5.63
N ALA B 66 43.54 16.50 -4.61
CA ALA B 66 42.62 16.95 -3.56
C ALA B 66 41.56 17.89 -4.12
N LEU B 67 41.94 18.79 -5.02
CA LEU B 67 40.97 19.71 -5.60
C LEU B 67 40.13 19.08 -6.70
N TYR B 68 40.56 17.95 -7.27
CA TYR B 68 39.80 17.31 -8.32
C TYR B 68 38.83 16.27 -7.77
N CYS B 69 39.21 15.55 -6.71
CA CYS B 69 38.30 14.64 -6.04
C CYS B 69 37.48 15.40 -5.01
N ASP B 70 36.90 16.52 -5.44
CA ASP B 70 36.04 17.33 -4.57
C ASP B 70 34.75 17.77 -5.26
N SER B 71 34.65 17.70 -6.58
CA SER B 71 33.40 17.94 -7.29
C SER B 71 32.59 16.66 -7.47
N TYR B 72 33.13 15.52 -7.06
CA TYR B 72 32.44 14.24 -7.14
C TYR B 72 31.80 13.85 -5.82
N ILE B 73 31.80 14.75 -4.83
CA ILE B 73 31.14 14.52 -3.55
C ILE B 73 29.79 15.24 -3.65
N GLN B 74 28.76 14.50 -4.02
CA GLN B 74 27.40 15.01 -4.13
C GLN B 74 26.46 14.14 -3.33
N LEU B 75 25.50 14.77 -2.65
CA LEU B 75 24.64 14.09 -1.69
C LEU B 75 23.28 13.72 -2.25
N ILE B 76 23.04 13.97 -3.54
CA ILE B 76 21.74 13.70 -4.14
C ILE B 76 21.55 12.20 -4.41
N PRO B 77 22.41 11.54 -5.22
CA PRO B 77 22.12 10.13 -5.58
C PRO B 77 22.22 9.19 -4.39
N ILE B 78 23.18 9.44 -3.51
CA ILE B 78 23.34 8.59 -2.33
C ILE B 78 22.11 8.68 -1.44
N SER B 79 21.59 9.89 -1.24
CA SER B 79 20.38 10.05 -0.43
C SER B 79 19.15 9.53 -1.13
N PHE B 80 19.13 9.47 -2.46
CA PHE B 80 18.02 8.83 -3.15
C PHE B 80 18.04 7.32 -2.96
N VAL B 81 19.19 6.69 -3.18
CA VAL B 81 19.26 5.23 -3.06
C VAL B 81 19.05 4.80 -1.61
N LEU B 82 19.73 5.45 -0.67
CA LEU B 82 19.48 5.24 0.75
C LEU B 82 18.21 6.01 1.08
N GLY B 83 17.08 5.32 1.05
CA GLY B 83 15.80 5.99 1.19
C GLY B 83 14.80 5.41 0.23
N PHE B 84 15.26 5.00 -0.95
CA PHE B 84 14.45 4.11 -1.77
C PHE B 84 14.73 2.64 -1.51
N TYR B 85 15.82 2.34 -0.80
CA TYR B 85 16.15 0.96 -0.43
C TYR B 85 15.70 0.62 0.99
N VAL B 86 15.93 1.53 1.94
CA VAL B 86 15.59 1.28 3.34
C VAL B 86 14.08 1.16 3.52
N THR B 87 13.30 1.92 2.75
CA THR B 87 11.84 1.80 2.84
C THR B 87 11.37 0.40 2.46
N LEU B 88 11.91 -0.15 1.37
CA LEU B 88 11.57 -1.51 0.97
C LEU B 88 12.01 -2.52 2.02
N VAL B 89 13.21 -2.32 2.59
CA VAL B 89 13.70 -3.23 3.61
C VAL B 89 12.76 -3.23 4.82
N VAL B 90 12.32 -2.05 5.26
CA VAL B 90 11.45 -1.95 6.43
C VAL B 90 10.08 -2.56 6.13
N SER B 91 9.56 -2.32 4.92
CA SER B 91 8.27 -2.89 4.55
C SER B 91 8.32 -4.41 4.55
N ARG B 92 9.42 -4.99 4.04
CA ARG B 92 9.59 -6.44 4.14
C ARG B 92 9.72 -6.90 5.58
N TRP B 93 10.44 -6.13 6.40
CA TRP B 93 10.66 -6.52 7.80
C TRP B 93 9.36 -6.61 8.57
N TRP B 94 8.45 -5.65 8.38
CA TRP B 94 7.18 -5.72 9.09
C TRP B 94 6.30 -6.87 8.60
N SER B 95 6.26 -7.09 7.28
CA SER B 95 5.48 -8.19 6.74
C SER B 95 6.01 -9.55 7.18
N GLN B 96 7.31 -9.66 7.44
CA GLN B 96 7.85 -10.89 7.99
C GLN B 96 7.34 -11.17 9.40
N TYR B 97 6.93 -10.14 10.14
CA TYR B 97 6.33 -10.33 11.46
C TYR B 97 4.83 -10.50 11.42
N GLU B 98 4.15 -9.88 10.45
CA GLU B 98 2.70 -10.07 10.36
C GLU B 98 2.32 -11.50 9.98
N ASN B 99 3.28 -12.33 9.55
CA ASN B 99 3.02 -13.71 9.14
C ASN B 99 3.43 -14.72 10.19
N LEU B 100 3.72 -14.29 11.41
CA LEU B 100 4.10 -15.22 12.47
C LEU B 100 2.86 -15.96 12.98
N PRO B 101 2.86 -17.29 12.97
CA PRO B 101 1.66 -18.03 13.39
C PRO B 101 1.44 -17.93 14.89
N TRP B 102 0.26 -17.45 15.28
CA TRP B 102 -0.17 -17.43 16.66
C TRP B 102 -1.33 -18.40 16.83
N PRO B 103 -1.19 -19.46 17.62
CA PRO B 103 -2.26 -20.45 17.79
C PRO B 103 -3.30 -20.05 18.83
N ASP B 104 -3.77 -18.81 18.74
CA ASP B 104 -4.78 -18.29 19.66
C ASP B 104 -6.20 -18.37 19.11
N ARG B 105 -6.35 -18.32 17.78
CA ARG B 105 -7.67 -18.47 17.17
C ARG B 105 -8.09 -19.92 17.00
N LEU B 106 -7.16 -20.87 17.17
CA LEU B 106 -7.46 -22.29 17.04
C LEU B 106 -7.76 -22.96 18.36
N MET B 107 -7.02 -22.59 19.42
CA MET B 107 -7.27 -23.19 20.73
C MET B 107 -8.65 -22.84 21.26
N ILE B 108 -9.18 -21.67 20.89
CA ILE B 108 -10.53 -21.28 21.31
C ILE B 108 -11.56 -22.28 20.79
N GLN B 109 -11.44 -22.66 19.52
CA GLN B 109 -12.38 -23.61 18.95
C GLN B 109 -12.08 -25.04 19.38
N VAL B 110 -10.81 -25.39 19.61
CA VAL B 110 -10.49 -26.74 20.04
C VAL B 110 -11.00 -26.99 21.46
N SER B 111 -10.92 -25.98 22.33
CA SER B 111 -11.37 -26.14 23.71
C SER B 111 -12.89 -26.23 23.82
N SER B 112 -13.63 -25.89 22.77
CA SER B 112 -15.09 -25.87 22.81
C SER B 112 -15.74 -26.96 21.98
N PHE B 113 -15.36 -27.07 20.71
CA PHE B 113 -16.08 -27.97 19.80
C PHE B 113 -15.88 -29.43 20.19
N VAL B 114 -14.67 -29.82 20.55
CA VAL B 114 -14.41 -31.20 20.97
C VAL B 114 -14.97 -31.40 22.36
N GLU B 115 -15.81 -32.44 22.52
CA GLU B 115 -16.59 -32.63 23.74
C GLU B 115 -16.06 -33.85 24.48
N GLY B 116 -15.64 -33.65 25.72
CA GLY B 116 -15.16 -34.74 26.55
C GLY B 116 -14.36 -34.20 27.71
N LYS B 117 -14.55 -34.80 28.88
CA LYS B 117 -13.84 -34.38 30.08
C LYS B 117 -13.29 -35.60 30.82
N ASP B 118 -12.66 -36.51 30.09
CA ASP B 118 -12.05 -37.69 30.67
C ASP B 118 -10.88 -38.10 29.78
N GLU B 119 -10.38 -39.32 29.99
CA GLU B 119 -9.41 -39.87 29.06
C GLU B 119 -10.10 -40.22 27.74
N GLU B 120 -9.31 -40.22 26.67
CA GLU B 120 -9.74 -40.37 25.28
C GLU B 120 -10.49 -39.14 24.79
N GLY B 121 -10.75 -38.16 25.65
CA GLY B 121 -11.29 -36.88 25.25
C GLY B 121 -10.32 -35.78 25.60
N ARG B 122 -9.40 -36.08 26.51
CA ARG B 122 -8.31 -35.20 26.88
C ARG B 122 -7.09 -35.38 25.98
N LEU B 123 -6.73 -36.64 25.72
CA LEU B 123 -5.60 -36.94 24.85
C LEU B 123 -5.85 -36.46 23.44
N LEU B 124 -7.09 -36.60 22.96
CA LEU B 124 -7.45 -36.13 21.62
C LEU B 124 -7.19 -34.64 21.48
N ARG B 125 -7.70 -33.84 22.43
CA ARG B 125 -7.50 -32.39 22.37
C ARG B 125 -6.03 -32.03 22.50
N ARG B 126 -5.30 -32.71 23.39
CA ARG B 126 -3.90 -32.38 23.58
C ARG B 126 -3.07 -32.68 22.34
N THR B 127 -3.31 -33.81 21.68
CA THR B 127 -2.59 -34.10 20.44
C THR B 127 -3.00 -33.15 19.33
N LEU B 128 -4.29 -32.80 19.24
CA LEU B 128 -4.73 -31.87 18.22
C LEU B 128 -4.07 -30.50 18.38
N ILE B 129 -3.85 -30.07 19.63
CA ILE B 129 -3.16 -28.80 19.85
C ILE B 129 -1.64 -28.93 19.76
N ARG B 130 -1.09 -30.13 19.94
CA ARG B 130 0.35 -30.31 19.81
C ARG B 130 0.79 -30.36 18.35
N TYR B 131 -0.07 -30.86 17.46
CA TYR B 131 0.28 -30.89 16.04
C TYR B 131 0.47 -29.49 15.46
N ALA B 132 -0.40 -28.55 15.81
CA ALA B 132 -0.27 -27.17 15.33
C ALA B 132 0.96 -26.46 15.88
N ILE B 133 1.48 -26.90 17.02
CA ILE B 133 2.71 -26.35 17.58
C ILE B 133 3.93 -26.97 16.92
N LEU B 134 3.90 -28.28 16.69
CA LEU B 134 4.97 -28.94 15.96
C LEU B 134 5.11 -28.35 14.55
N GLY B 135 3.98 -28.00 13.93
CA GLY B 135 4.02 -27.38 12.62
C GLY B 135 4.79 -26.08 12.60
N GLN B 136 4.61 -25.23 13.61
CA GLN B 136 5.34 -23.98 13.67
C GLN B 136 6.78 -24.17 14.12
N VAL B 137 7.05 -25.18 14.95
CA VAL B 137 8.43 -25.44 15.36
C VAL B 137 9.25 -25.94 14.17
N LEU B 138 8.65 -26.76 13.31
CA LEU B 138 9.39 -27.30 12.18
C LEU B 138 9.72 -26.24 11.13
N ILE B 139 9.02 -25.10 11.12
CA ILE B 139 9.31 -24.02 10.19
C ILE B 139 10.18 -22.94 10.82
N LEU B 140 10.00 -22.65 12.12
CA LEU B 140 10.93 -21.74 12.77
C LEU B 140 12.16 -22.51 13.22
N ARG B 141 12.71 -23.34 12.34
CA ARG B 141 13.99 -24.01 12.55
C ARG B 141 14.87 -24.02 11.32
N SER B 142 14.34 -23.74 10.14
CA SER B 142 15.10 -23.64 8.91
C SER B 142 15.34 -22.21 8.48
N ILE B 143 14.67 -21.24 9.12
CA ILE B 143 14.87 -19.84 8.79
C ILE B 143 15.62 -19.09 9.88
N SER B 144 15.46 -19.49 11.15
CA SER B 144 16.10 -18.80 12.26
C SER B 144 17.35 -19.54 12.71
N THR B 145 18.29 -18.79 13.30
CA THR B 145 19.54 -19.34 13.78
C THR B 145 19.53 -19.64 15.27
N SER B 146 18.91 -18.78 16.07
CA SER B 146 18.83 -18.99 17.51
C SER B 146 17.96 -20.17 17.88
N VAL B 147 17.12 -20.67 16.96
CA VAL B 147 16.29 -21.84 17.22
C VAL B 147 16.98 -23.07 16.68
N TYR B 148 17.72 -22.91 15.58
CA TYR B 148 18.51 -24.02 15.05
C TYR B 148 19.60 -24.41 16.04
N LYS B 149 20.26 -23.43 16.65
CA LYS B 149 21.28 -23.73 17.64
C LYS B 149 20.70 -24.37 18.89
N ARG B 150 19.39 -24.25 19.10
CA ARG B 150 18.72 -24.87 20.24
C ARG B 150 18.18 -26.26 19.92
N PHE B 151 17.83 -26.51 18.65
CA PHE B 151 17.37 -27.82 18.20
C PHE B 151 18.19 -28.24 16.99
N PRO B 152 19.46 -28.59 17.19
CA PRO B 152 20.32 -28.93 16.05
C PRO B 152 19.89 -30.17 15.29
N THR B 153 19.16 -31.08 15.92
CA THR B 153 18.79 -32.34 15.30
C THR B 153 17.33 -32.63 15.62
N LEU B 154 16.68 -33.39 14.73
CA LEU B 154 15.30 -33.78 14.96
C LEU B 154 15.14 -34.68 16.18
N HIS B 155 16.23 -35.29 16.65
CA HIS B 155 16.18 -36.05 17.89
C HIS B 155 16.13 -35.16 19.13
N HIS B 156 16.53 -33.89 19.00
CA HIS B 156 16.44 -32.96 20.11
C HIS B 156 15.00 -32.50 20.37
N LEU B 157 14.12 -32.62 19.37
CA LEU B 157 12.72 -32.28 19.57
C LEU B 157 12.02 -33.33 20.41
N VAL B 158 12.48 -34.59 20.34
CA VAL B 158 11.87 -35.64 21.14
C VAL B 158 12.17 -35.43 22.63
N LEU B 159 13.40 -35.02 22.94
CA LEU B 159 13.81 -34.83 24.34
C LEU B 159 13.17 -33.61 24.98
N ALA B 160 12.65 -32.67 24.20
CA ALA B 160 12.05 -31.46 24.75
C ALA B 160 10.54 -31.58 24.90
N GLY B 161 9.93 -32.67 24.46
CA GLY B 161 8.50 -32.88 24.59
C GLY B 161 7.68 -32.44 23.41
N PHE B 162 8.28 -31.76 22.43
CA PHE B 162 7.54 -31.33 21.25
C PHE B 162 7.10 -32.51 20.40
N MET B 163 7.95 -33.52 20.26
CA MET B 163 7.70 -34.67 19.41
C MET B 163 7.57 -35.93 20.28
N THR B 164 7.36 -37.06 19.60
CA THR B 164 7.27 -38.36 20.26
C THR B 164 8.06 -39.38 19.47
N HIS B 165 8.50 -40.44 20.16
CA HIS B 165 9.24 -41.50 19.48
C HIS B 165 8.40 -42.19 18.42
N GLY B 166 7.08 -42.22 18.61
CA GLY B 166 6.22 -42.82 17.60
C GLY B 166 6.06 -41.97 16.36
N GLU B 167 6.17 -40.64 16.52
CA GLU B 167 6.08 -39.73 15.39
C GLU B 167 7.41 -39.54 14.68
N HIS B 168 8.52 -39.67 15.39
CA HIS B 168 9.83 -39.54 14.75
C HIS B 168 10.04 -40.64 13.72
N LYS B 169 9.70 -41.87 14.08
CA LYS B 169 9.86 -43.00 13.16
C LYS B 169 8.94 -42.88 11.94
N GLN B 170 7.78 -42.24 12.09
CA GLN B 170 6.89 -42.03 10.96
C GLN B 170 7.34 -40.87 10.07
N LEU B 171 7.89 -39.81 10.66
CA LEU B 171 8.43 -38.72 9.86
C LEU B 171 9.73 -39.10 9.18
N GLN B 172 10.42 -40.12 9.69
CA GLN B 172 11.63 -40.62 9.03
C GLN B 172 11.35 -41.52 7.85
N LYS B 173 10.08 -41.85 7.57
CA LYS B 173 9.76 -42.89 6.61
C LYS B 173 8.82 -42.33 5.55
N LEU B 174 9.17 -41.18 4.98
CA LEU B 174 8.40 -40.59 3.90
C LEU B 174 9.05 -40.73 2.54
N GLY B 175 10.37 -40.81 2.48
CA GLY B 175 11.08 -40.97 1.22
C GLY B 175 10.97 -39.79 0.27
N LEU B 176 11.04 -38.57 0.80
CA LEU B 176 11.00 -37.36 -0.01
C LEU B 176 12.21 -36.50 0.32
N PRO B 177 12.91 -35.96 -0.68
CA PRO B 177 14.09 -35.13 -0.39
C PRO B 177 13.76 -33.72 0.04
N HIS B 178 12.52 -33.28 -0.09
CA HIS B 178 12.14 -31.91 0.23
C HIS B 178 11.95 -31.74 1.74
N ASN B 179 11.71 -30.51 2.17
CA ASN B 179 11.47 -30.23 3.57
C ASN B 179 10.14 -30.85 4.02
N THR B 180 10.05 -31.14 5.31
CA THR B 180 8.89 -31.86 5.84
C THR B 180 8.14 -31.04 6.87
N PHE B 181 7.87 -29.77 6.56
CA PHE B 181 7.13 -28.90 7.46
C PHE B 181 5.63 -28.90 7.19
N TRP B 182 5.14 -29.80 6.34
CA TRP B 182 3.73 -29.86 6.00
C TRP B 182 3.02 -31.10 6.53
N VAL B 183 3.75 -32.07 7.07
CA VAL B 183 3.17 -33.33 7.54
C VAL B 183 2.20 -33.13 8.71
N PRO B 184 2.55 -32.34 9.74
CA PRO B 184 1.58 -32.14 10.84
C PRO B 184 0.27 -31.54 10.39
N TRP B 185 0.26 -30.71 9.35
CA TRP B 185 -1.00 -30.13 8.87
C TRP B 185 -1.91 -31.17 8.25
N VAL B 186 -1.38 -32.29 7.76
CA VAL B 186 -2.20 -33.39 7.29
C VAL B 186 -2.59 -34.32 8.43
N TRP B 187 -1.67 -34.54 9.37
CA TRP B 187 -1.99 -35.34 10.55
C TRP B 187 -3.14 -34.72 11.32
N PHE B 188 -3.15 -33.39 11.46
CA PHE B 188 -4.22 -32.71 12.17
C PHE B 188 -5.57 -32.95 11.50
N ALA B 189 -5.61 -32.83 10.17
CA ALA B 189 -6.87 -33.04 9.46
C ALA B 189 -7.37 -34.47 9.60
N ASN B 190 -6.46 -35.44 9.47
CA ASN B 190 -6.88 -36.83 9.59
C ASN B 190 -7.37 -37.14 11.01
N LEU B 191 -6.69 -36.61 12.03
CA LEU B 191 -7.12 -36.83 13.40
C LEU B 191 -8.47 -36.16 13.67
N SER B 192 -8.69 -34.97 13.11
CA SER B 192 -9.98 -34.30 13.30
C SER B 192 -11.10 -35.08 12.63
N MET B 193 -10.87 -35.62 11.43
CA MET B 193 -11.90 -36.43 10.78
C MET B 193 -12.18 -37.70 11.57
N LYS B 194 -11.13 -38.34 12.09
CA LYS B 194 -11.32 -39.53 12.91
C LYS B 194 -12.10 -39.21 14.18
N ALA B 195 -11.83 -38.05 14.78
CA ALA B 195 -12.59 -37.62 15.95
C ALA B 195 -14.05 -37.36 15.60
N TYR B 196 -14.31 -36.74 14.45
CA TYR B 196 -15.69 -36.52 14.03
C TYR B 196 -16.42 -37.83 13.84
N LEU B 197 -15.77 -38.82 13.23
CA LEU B 197 -16.41 -40.13 13.11
C LEU B 197 -16.19 -40.94 14.39
N GLY B 198 -16.42 -40.31 15.53
CA GLY B 198 -16.35 -41.00 16.81
C GLY B 198 -17.35 -40.45 17.81
N GLY B 199 -18.22 -39.54 17.35
CA GLY B 199 -19.19 -38.90 18.21
C GLY B 199 -18.67 -37.72 19.01
N ARG B 200 -17.40 -37.34 18.83
CA ARG B 200 -16.85 -36.21 19.59
C ARG B 200 -17.36 -34.88 19.04
N ILE B 201 -17.06 -34.59 17.79
CA ILE B 201 -17.62 -33.42 17.13
C ILE B 201 -18.99 -33.78 16.56
N ARG B 202 -20.01 -33.02 16.95
CA ARG B 202 -21.39 -33.38 16.70
C ARG B 202 -21.98 -32.78 15.43
N ASP B 203 -21.18 -32.04 14.66
CA ASP B 203 -21.70 -31.44 13.44
C ASP B 203 -20.57 -31.24 12.44
N THR B 204 -20.94 -31.13 11.17
CA THR B 204 -19.98 -30.87 10.11
C THR B 204 -19.61 -29.39 9.98
N VAL B 205 -20.49 -28.49 10.41
CA VAL B 205 -20.17 -27.07 10.40
C VAL B 205 -18.99 -26.78 11.31
N LEU B 206 -18.99 -27.38 12.50
CA LEU B 206 -17.88 -27.19 13.43
C LEU B 206 -16.57 -27.74 12.86
N LEU B 207 -16.63 -28.89 12.20
CA LEU B 207 -15.42 -29.46 11.61
C LEU B 207 -14.90 -28.59 10.46
N GLN B 208 -15.79 -28.05 9.64
CA GLN B 208 -15.36 -27.16 8.58
C GLN B 208 -14.75 -25.88 9.15
N SER B 209 -15.34 -25.35 10.22
CA SER B 209 -14.77 -24.18 10.88
C SER B 209 -13.40 -24.48 11.45
N LEU B 210 -13.22 -25.68 12.00
CA LEU B 210 -11.91 -26.09 12.51
C LEU B 210 -10.88 -26.16 11.39
N MET B 211 -11.26 -26.72 10.24
CA MET B 211 -10.31 -26.84 9.13
C MET B 211 -9.98 -25.49 8.51
N ASN B 212 -10.93 -24.55 8.54
CA ASN B 212 -10.67 -23.23 7.96
C ASN B 212 -9.59 -22.49 8.72
N GLU B 213 -9.46 -22.71 10.03
CA GLU B 213 -8.43 -22.04 10.82
C GLU B 213 -7.06 -22.70 10.69
N VAL B 214 -6.99 -23.92 10.19
CA VAL B 214 -5.71 -24.55 9.89
C VAL B 214 -5.24 -24.22 8.48
N CYS B 215 -6.19 -24.08 7.54
CA CYS B 215 -5.83 -23.66 6.19
C CYS B 215 -5.22 -22.27 6.14
N THR B 216 -5.40 -21.46 7.19
CA THR B 216 -4.77 -20.14 7.27
C THR B 216 -3.38 -20.21 7.88
N LEU B 217 -3.19 -21.05 8.90
CA LEU B 217 -1.86 -21.28 9.44
C LEU B 217 -0.94 -21.91 8.40
N ARG B 218 -1.50 -22.73 7.50
CA ARG B 218 -0.69 -23.26 6.41
C ARG B 218 -0.13 -22.13 5.55
N THR B 219 -0.97 -21.16 5.18
CA THR B 219 -0.53 -20.03 4.38
C THR B 219 0.50 -19.18 5.14
N GLN B 220 0.25 -18.94 6.42
CA GLN B 220 1.19 -18.14 7.21
C GLN B 220 2.55 -18.82 7.33
N CYS B 221 2.58 -20.14 7.49
CA CYS B 221 3.84 -20.86 7.53
C CYS B 221 4.52 -20.95 6.18
N GLY B 222 3.76 -20.97 5.09
CA GLY B 222 4.36 -20.99 3.77
C GLY B 222 4.95 -19.66 3.36
N GLN B 223 4.32 -18.57 3.79
CA GLN B 223 4.82 -17.24 3.48
C GLN B 223 6.17 -16.94 4.12
N LEU B 224 6.41 -17.39 5.35
CA LEU B 224 7.71 -17.22 5.99
C LEU B 224 8.80 -17.96 5.21
N TYR B 225 8.52 -19.19 4.79
CA TYR B 225 9.47 -19.94 3.99
C TYR B 225 9.75 -19.27 2.66
N ALA B 226 8.70 -18.74 2.01
CA ALA B 226 8.91 -18.00 0.76
C ALA B 226 9.77 -16.75 0.97
N TYR B 227 9.48 -15.99 2.04
CA TYR B 227 10.26 -14.80 2.35
C TYR B 227 11.72 -15.12 2.62
N ASP B 228 12.00 -16.21 3.33
CA ASP B 228 13.38 -16.63 3.58
C ASP B 228 14.08 -17.16 2.33
N TRP B 229 13.33 -17.86 1.45
CA TRP B 229 13.96 -18.44 0.27
C TRP B 229 14.26 -17.38 -0.78
N ILE B 230 13.38 -16.41 -0.97
CA ILE B 230 13.55 -15.36 -1.97
C ILE B 230 13.90 -14.07 -1.25
N SER B 231 15.05 -13.50 -1.57
CA SER B 231 15.55 -12.30 -0.91
C SER B 231 15.68 -11.16 -1.91
N ILE B 232 16.04 -9.99 -1.39
CA ILE B 232 16.21 -8.81 -2.24
C ILE B 232 17.35 -9.06 -3.21
N PRO B 233 17.24 -8.63 -4.48
CA PRO B 233 18.28 -8.98 -5.47
C PRO B 233 19.67 -8.49 -5.07
N LEU B 234 20.67 -9.33 -5.36
CA LEU B 234 22.05 -8.99 -5.04
C LEU B 234 22.51 -7.77 -5.81
N VAL B 235 21.96 -7.52 -7.00
CA VAL B 235 22.29 -6.31 -7.74
C VAL B 235 21.89 -5.08 -6.95
N TYR B 236 20.66 -5.07 -6.44
CA TYR B 236 20.18 -3.95 -5.63
C TYR B 236 21.00 -3.82 -4.35
N THR B 237 21.34 -4.95 -3.72
CA THR B 237 22.15 -4.89 -2.50
C THR B 237 23.53 -4.31 -2.77
N GLN B 238 24.14 -4.67 -3.90
CA GLN B 238 25.50 -4.23 -4.21
C GLN B 238 25.57 -2.77 -4.67
N VAL B 239 24.51 -2.28 -5.33
CA VAL B 239 24.54 -0.92 -5.85
C VAL B 239 24.68 0.09 -4.71
N VAL B 240 23.90 -0.09 -3.64
CA VAL B 240 23.95 0.85 -2.52
C VAL B 240 25.32 0.81 -1.85
N THR B 241 25.87 -0.39 -1.65
CA THR B 241 27.17 -0.51 -1.01
C THR B 241 28.25 0.17 -1.84
N VAL B 242 28.24 -0.05 -3.16
CA VAL B 242 29.26 0.56 -4.00
C VAL B 242 29.11 2.07 -4.03
N ALA B 243 27.86 2.58 -4.00
CA ALA B 243 27.66 4.03 -3.98
C ALA B 243 28.20 4.64 -2.69
N VAL B 244 27.87 4.03 -1.54
CA VAL B 244 28.32 4.58 -0.26
C VAL B 244 29.84 4.52 -0.16
N TYR B 245 30.44 3.39 -0.56
CA TYR B 245 31.89 3.27 -0.45
C TYR B 245 32.61 4.21 -1.42
N SER B 246 32.06 4.40 -2.62
CA SER B 246 32.65 5.37 -3.53
C SER B 246 32.54 6.79 -2.98
N PHE B 247 31.42 7.13 -2.34
CA PHE B 247 31.30 8.44 -1.70
C PHE B 247 32.33 8.62 -0.60
N PHE B 248 32.53 7.60 0.23
CA PHE B 248 33.41 7.75 1.39
C PHE B 248 34.88 7.56 1.05
N LEU B 249 35.21 7.00 -0.11
CA LEU B 249 36.61 6.91 -0.53
C LEU B 249 37.14 8.23 -1.06
N ALA B 250 36.27 9.14 -1.51
CA ALA B 250 36.69 10.45 -1.97
C ALA B 250 36.89 11.44 -0.83
N CYS B 251 36.33 11.16 0.35
CA CYS B 251 36.51 12.03 1.50
C CYS B 251 37.86 11.81 2.19
N LEU B 252 38.52 10.69 1.91
CA LEU B 252 39.86 10.47 2.45
C LEU B 252 40.86 11.41 1.79
N ILE B 253 40.81 11.50 0.46
CA ILE B 253 41.66 12.40 -0.31
C ILE B 253 40.73 13.37 -1.04
N GLY B 254 40.64 14.59 -0.52
CA GLY B 254 39.71 15.57 -1.06
C GLY B 254 39.06 16.40 0.03
N ARG B 255 38.97 15.84 1.24
CA ARG B 255 38.53 16.58 2.41
C ARG B 255 39.68 16.80 3.39
N GLN B 256 40.91 16.54 2.97
CA GLN B 256 42.08 16.77 3.81
C GLN B 256 42.42 18.26 3.84
N PHE B 257 43.14 18.64 4.89
CA PHE B 257 43.49 20.05 5.11
C PHE B 257 44.82 20.33 4.40
N LEU B 258 44.74 20.93 3.23
CA LEU B 258 45.92 21.23 2.44
C LEU B 258 46.70 22.37 3.08
N ASN B 259 47.94 22.54 2.63
CA ASN B 259 48.80 23.59 3.14
C ASN B 259 48.23 24.96 2.77
N PRO B 260 47.97 25.84 3.73
CA PRO B 260 47.41 27.16 3.42
C PRO B 260 48.41 28.13 2.83
N ASN B 261 49.67 27.72 2.61
CA ASN B 261 50.67 28.61 2.06
C ASN B 261 50.41 28.96 0.61
N LYS B 262 49.53 28.22 -0.08
CA LYS B 262 49.21 28.49 -1.47
C LYS B 262 47.95 29.34 -1.64
N ASP B 263 47.21 29.59 -0.56
CA ASP B 263 46.01 30.43 -0.57
C ASP B 263 44.97 29.90 -1.56
N TYR B 264 44.51 28.68 -1.30
CA TYR B 264 43.48 28.06 -2.13
C TYR B 264 42.11 28.61 -1.79
N PRO B 265 41.18 28.59 -2.75
CA PRO B 265 39.85 29.18 -2.51
C PRO B 265 39.06 28.48 -1.41
N GLY B 266 39.35 27.23 -1.08
CA GLY B 266 38.55 26.50 -0.13
C GLY B 266 39.22 26.21 1.19
N HIS B 267 40.53 26.01 1.18
CA HIS B 267 41.28 25.63 2.37
C HIS B 267 41.96 26.87 2.96
N GLU B 268 41.60 27.21 4.20
CA GLU B 268 42.20 28.35 4.86
C GLU B 268 42.56 28.10 6.32
N MET B 269 42.24 26.94 6.88
CA MET B 269 42.54 26.63 8.27
C MET B 269 43.18 25.25 8.35
N ASP B 270 43.73 24.94 9.53
CA ASP B 270 44.45 23.68 9.75
C ASP B 270 44.01 23.08 11.09
N LEU B 271 42.70 23.03 11.31
CA LEU B 271 42.19 22.29 12.47
C LEU B 271 42.38 20.80 12.24
N VAL B 272 42.84 20.10 13.29
CA VAL B 272 43.30 18.73 13.11
C VAL B 272 42.15 17.76 12.84
N VAL B 273 41.04 17.89 13.57
CA VAL B 273 39.96 16.92 13.53
C VAL B 273 38.91 17.40 12.53
N PRO B 274 38.58 16.62 11.50
CA PRO B 274 37.45 16.93 10.59
C PRO B 274 36.10 16.57 11.22
N VAL B 275 35.59 17.49 12.04
CA VAL B 275 34.38 17.24 12.81
C VAL B 275 33.19 17.00 11.89
N PHE B 276 33.03 17.83 10.87
CA PHE B 276 31.88 17.71 9.98
C PHE B 276 32.05 16.60 8.94
N THR B 277 33.24 16.02 8.84
CA THR B 277 33.40 14.77 8.08
C THR B 277 33.05 13.57 8.94
N ILE B 278 33.44 13.59 10.22
CA ILE B 278 33.06 12.51 11.13
C ILE B 278 31.55 12.46 11.30
N LEU B 279 30.92 13.62 11.46
CA LEU B 279 29.46 13.66 11.61
C LEU B 279 28.76 13.15 10.36
N GLN B 280 29.27 13.52 9.17
CA GLN B 280 28.69 13.02 7.93
C GLN B 280 28.85 11.51 7.82
N PHE B 281 30.02 10.99 8.20
CA PHE B 281 30.23 9.55 8.19
C PHE B 281 29.23 8.84 9.09
N LEU B 282 29.06 9.36 10.31
CA LEU B 282 28.12 8.78 11.25
C LEU B 282 26.71 8.78 10.67
N PHE B 283 26.26 9.92 10.16
CA PHE B 283 24.90 10.04 9.66
C PHE B 283 24.66 9.16 8.44
N TYR B 284 25.62 9.10 7.52
CA TYR B 284 25.44 8.37 6.28
C TYR B 284 25.74 6.89 6.40
N MET B 285 26.33 6.43 7.49
CA MET B 285 26.52 4.99 7.68
C MET B 285 25.52 4.39 8.66
N GLY B 286 25.01 5.17 9.61
CA GLY B 286 23.89 4.69 10.40
C GLY B 286 22.62 4.49 9.61
N TRP B 287 22.51 5.12 8.45
CA TRP B 287 21.39 4.88 7.55
C TRP B 287 21.54 3.55 6.81
N LEU B 288 22.77 3.19 6.42
CA LEU B 288 23.00 1.90 5.79
C LEU B 288 22.91 0.75 6.78
N LYS B 289 23.35 0.96 8.03
CA LYS B 289 23.26 -0.10 9.02
C LYS B 289 21.82 -0.45 9.39
N VAL B 290 20.85 0.44 9.15
CA VAL B 290 19.45 0.07 9.36
C VAL B 290 19.08 -1.09 8.44
N ALA B 291 19.37 -0.96 7.15
CA ALA B 291 19.13 -2.06 6.21
C ALA B 291 20.01 -3.26 6.54
N GLU B 292 21.27 -3.02 6.90
CA GLU B 292 22.17 -4.11 7.27
C GLU B 292 21.63 -4.93 8.43
N GLN B 293 20.92 -4.30 9.37
CA GLN B 293 20.34 -4.99 10.51
C GLN B 293 19.01 -5.65 10.19
N LEU B 294 18.14 -4.97 9.45
CA LEU B 294 16.79 -5.47 9.21
C LEU B 294 16.67 -6.33 7.96
N ILE B 295 17.78 -6.59 7.26
CA ILE B 295 17.71 -7.43 6.06
C ILE B 295 17.45 -8.90 6.39
N ASN B 296 17.61 -9.30 7.66
CA ASN B 296 17.33 -10.67 8.08
C ASN B 296 16.84 -10.61 9.52
N PRO B 297 15.52 -10.47 9.73
CA PRO B 297 15.01 -10.28 11.08
C PRO B 297 15.23 -11.47 12.00
N PHE B 298 15.41 -12.69 11.47
CA PHE B 298 15.57 -13.87 12.29
C PHE B 298 17.06 -14.16 12.44
N GLY B 299 17.70 -13.36 13.30
CA GLY B 299 19.12 -13.51 13.55
C GLY B 299 19.45 -13.49 15.03
N GLU B 300 20.58 -12.90 15.38
CA GLU B 300 21.03 -12.82 16.76
C GLU B 300 21.48 -11.41 17.11
N ASP B 301 20.88 -10.42 16.47
CA ASP B 301 21.19 -9.02 16.73
C ASP B 301 20.40 -8.54 17.94
N ASP B 302 20.39 -7.22 18.16
CA ASP B 302 19.59 -6.64 19.23
C ASP B 302 18.19 -6.27 18.75
N ASP B 303 18.07 -5.70 17.57
CA ASP B 303 16.76 -5.38 16.99
C ASP B 303 16.32 -6.50 16.05
N ASP B 304 16.25 -7.71 16.61
CA ASP B 304 15.84 -8.89 15.88
C ASP B 304 14.79 -9.64 16.68
N PHE B 305 13.88 -10.31 15.98
CA PHE B 305 12.77 -11.00 16.63
C PHE B 305 13.28 -12.09 17.56
N GLU B 306 12.71 -12.13 18.76
CA GLU B 306 13.06 -13.13 19.77
C GLU B 306 12.15 -14.34 19.59
N THR B 307 12.51 -15.18 18.63
CA THR B 307 11.71 -16.37 18.32
C THR B 307 12.16 -17.58 19.13
N ASN B 308 12.30 -17.38 20.44
CA ASN B 308 12.59 -18.48 21.36
C ASN B 308 11.72 -18.46 22.61
N TRP B 309 11.18 -17.30 23.00
CA TRP B 309 10.18 -17.22 24.05
C TRP B 309 8.77 -17.40 23.50
N ILE B 310 8.58 -17.10 22.22
CA ILE B 310 7.28 -17.28 21.58
C ILE B 310 6.91 -18.76 21.55
N ILE B 311 7.86 -19.63 21.22
CA ILE B 311 7.57 -21.06 21.12
C ILE B 311 7.41 -21.72 22.48
N ASP B 312 7.74 -21.04 23.57
CA ASP B 312 7.41 -21.51 24.91
C ASP B 312 6.07 -20.97 25.38
N ARG B 313 5.79 -19.70 25.11
CA ARG B 313 4.49 -19.12 25.46
C ARG B 313 3.37 -19.83 24.71
N ASN B 314 3.55 -20.06 23.41
CA ASN B 314 2.53 -20.73 22.62
C ASN B 314 2.30 -22.17 23.06
N LEU B 315 3.31 -22.81 23.65
CA LEU B 315 3.12 -24.16 24.17
C LEU B 315 2.37 -24.14 25.49
N GLN B 316 2.85 -23.34 26.45
CA GLN B 316 2.22 -23.33 27.77
C GLN B 316 0.78 -22.83 27.71
N VAL B 317 0.54 -21.72 27.00
CA VAL B 317 -0.79 -21.13 26.96
C VAL B 317 -1.78 -22.09 26.30
N SER B 318 -1.37 -22.69 25.17
CA SER B 318 -2.26 -23.60 24.46
C SER B 318 -2.55 -24.84 25.30
N LEU B 319 -1.52 -25.42 25.93
CA LEU B 319 -1.74 -26.61 26.73
C LEU B 319 -2.61 -26.32 27.94
N LEU B 320 -2.52 -25.10 28.50
CA LEU B 320 -3.39 -24.75 29.61
C LEU B 320 -4.82 -24.53 29.15
N SER B 321 -5.02 -23.80 28.05
CA SER B 321 -6.37 -23.50 27.60
C SER B 321 -7.11 -24.75 27.16
N VAL B 322 -6.44 -25.62 26.41
CA VAL B 322 -7.08 -26.83 25.90
C VAL B 322 -7.39 -27.86 26.98
N ASP B 323 -6.51 -28.04 27.96
CA ASP B 323 -6.63 -29.11 28.94
C ASP B 323 -7.29 -28.67 30.24
N GLY B 324 -6.71 -27.70 30.93
CA GLY B 324 -7.14 -27.35 32.26
C GLY B 324 -8.18 -26.26 32.38
N MET B 325 -8.78 -25.84 31.26
CA MET B 325 -9.76 -24.75 31.28
C MET B 325 -10.94 -25.06 30.37
N HIS B 326 -11.30 -26.34 30.22
CA HIS B 326 -12.32 -26.69 29.24
C HIS B 326 -13.73 -26.40 29.76
N GLN B 327 -14.16 -27.12 30.78
CA GLN B 327 -15.43 -26.81 31.45
C GLN B 327 -15.17 -26.11 32.79
N ASN B 328 -14.59 -24.93 32.71
CA ASN B 328 -14.21 -24.17 33.92
C ASN B 328 -14.54 -22.70 33.68
N LEU B 329 -15.60 -22.21 34.31
CA LEU B 329 -16.00 -20.83 34.20
C LEU B 329 -16.26 -20.24 35.58
N PRO B 330 -16.02 -18.96 35.76
CA PRO B 330 -16.33 -18.30 37.03
C PRO B 330 -17.83 -18.27 37.27
N PRO B 331 -18.26 -18.17 38.53
CA PRO B 331 -19.71 -18.17 38.82
C PRO B 331 -20.43 -17.03 38.12
N MET B 332 -21.65 -17.30 37.70
CA MET B 332 -22.49 -16.32 37.01
C MET B 332 -23.34 -15.59 38.05
N GLU B 333 -23.14 -14.28 38.15
CA GLU B 333 -23.83 -13.45 39.14
C GLU B 333 -24.32 -12.17 38.50
N ARG B 334 -25.26 -11.51 39.18
CA ARG B 334 -25.76 -10.23 38.72
C ARG B 334 -24.66 -9.17 38.76
N ASP B 335 -24.69 -8.26 37.79
CA ASP B 335 -23.67 -7.24 37.65
C ASP B 335 -23.91 -6.11 38.65
N MET B 336 -22.96 -5.17 38.71
CA MET B 336 -23.13 -3.98 39.54
C MET B 336 -24.20 -3.06 38.99
N TYR B 337 -24.39 -3.05 37.67
CA TYR B 337 -25.36 -2.21 36.98
C TYR B 337 -26.59 -3.00 36.55
N TRP B 338 -27.06 -3.93 37.39
CA TRP B 338 -28.22 -4.74 37.04
C TRP B 338 -29.43 -3.87 36.72
N ASN B 339 -29.67 -2.83 37.52
CA ASN B 339 -30.74 -1.86 37.28
C ASN B 339 -30.11 -0.47 37.25
N GLU B 340 -29.62 -0.08 36.08
CA GLU B 340 -29.03 1.25 35.89
C GLU B 340 -28.95 1.51 34.40
N ALA B 341 -29.64 2.56 33.94
CA ALA B 341 -29.67 2.86 32.50
C ALA B 341 -28.29 3.27 31.99
N ALA B 342 -27.60 4.15 32.73
CA ALA B 342 -26.31 4.68 32.30
C ALA B 342 -25.26 4.43 33.37
N PRO B 343 -24.40 3.42 33.21
CA PRO B 343 -23.32 3.21 34.19
C PRO B 343 -22.35 4.38 34.19
N GLN B 344 -21.80 4.66 35.38
CA GLN B 344 -20.87 5.77 35.58
C GLN B 344 -19.64 5.25 36.33
N PRO B 345 -18.68 4.66 35.62
CA PRO B 345 -17.46 4.21 36.29
C PRO B 345 -16.71 5.38 36.89
N PRO B 346 -16.10 5.19 38.05
CA PRO B 346 -15.42 6.30 38.72
C PRO B 346 -14.08 6.64 38.07
N TYR B 347 -13.64 7.87 38.31
CA TYR B 347 -12.35 8.37 37.86
C TYR B 347 -11.46 8.63 39.07
N THR B 348 -10.23 8.17 39.01
CA THR B 348 -9.28 8.41 40.10
C THR B 348 -8.81 9.87 40.07
N ALA B 349 -8.23 10.29 41.20
CA ALA B 349 -7.74 11.66 41.30
C ALA B 349 -6.59 11.91 40.34
N ALA B 350 -5.70 10.93 40.17
CA ALA B 350 -4.55 11.11 39.30
C ALA B 350 -4.97 11.29 37.85
N SER B 351 -6.08 10.68 37.44
CA SER B 351 -6.58 10.78 36.07
C SER B 351 -7.98 11.39 36.12
N ALA B 352 -8.04 12.73 36.13
CA ALA B 352 -9.31 13.45 36.09
C ALA B 352 -9.34 14.51 35.00
N ARG B 353 -8.24 14.71 34.28
CA ARG B 353 -8.22 15.63 33.15
C ARG B 353 -8.85 15.02 31.91
N SER B 354 -8.82 13.69 31.77
CA SER B 354 -9.30 13.02 30.57
C SER B 354 -10.82 12.78 30.57
N ARG B 355 -11.56 13.41 31.48
CA ARG B 355 -13.02 13.31 31.49
C ARG B 355 -13.57 14.18 30.36
N ARG B 356 -13.49 13.66 29.15
CA ARG B 356 -13.94 14.38 27.97
C ARG B 356 -15.41 14.08 27.68
N HIS B 357 -15.99 14.87 26.80
CA HIS B 357 -17.37 14.69 26.36
C HIS B 357 -17.41 13.96 25.03
N SER B 358 -18.51 13.25 24.81
CA SER B 358 -18.65 12.44 23.60
C SER B 358 -18.71 13.32 22.36
N PHE B 359 -18.00 12.89 21.32
CA PHE B 359 -18.07 13.58 20.03
C PHE B 359 -19.43 13.33 19.38
N MET B 360 -20.03 14.40 18.86
CA MET B 360 -21.37 14.31 18.29
C MET B 360 -21.40 14.84 16.85
N GLY B 361 -20.31 14.66 16.12
CA GLY B 361 -20.29 15.07 14.72
C GLY B 361 -19.62 16.41 14.53
N SER B 362 -19.02 16.58 13.35
CA SER B 362 -18.32 17.83 13.04
C SER B 362 -19.29 18.99 12.86
N THR B 363 -20.38 18.76 12.13
CA THR B 363 -21.34 19.82 11.83
C THR B 363 -22.36 20.06 12.93
N PHE B 364 -22.10 19.56 14.15
CA PHE B 364 -23.02 19.78 15.25
C PHE B 364 -23.08 21.25 15.65
N ASN B 365 -21.95 21.95 15.57
CA ASN B 365 -21.84 23.32 16.05
C ASN B 365 -22.20 24.36 15.00
N ILE B 366 -22.93 23.97 13.96
CA ILE B 366 -23.36 24.93 12.95
C ILE B 366 -24.88 24.97 12.87
N THR C 2 17.22 -18.67 -8.22
CA THR C 2 17.29 -17.53 -7.32
C THR C 2 18.59 -17.55 -6.53
N ILE C 3 19.14 -16.36 -6.29
CA ILE C 3 20.38 -16.22 -5.52
C ILE C 3 20.01 -16.05 -4.06
N THR C 4 20.53 -16.92 -3.20
CA THR C 4 20.24 -16.90 -1.77
C THR C 4 21.50 -16.52 -1.02
N TYR C 5 21.43 -15.43 -0.24
CA TYR C 5 22.54 -14.98 0.58
C TYR C 5 22.06 -14.58 1.97
N THR C 6 20.91 -15.11 2.41
CA THR C 6 20.34 -14.72 3.69
C THR C 6 21.23 -15.12 4.85
N ASN C 7 21.86 -16.31 4.78
CA ASN C 7 22.70 -16.77 5.87
C ASN C 7 23.99 -15.97 5.99
N LYS C 8 24.40 -15.26 4.94
CA LYS C 8 25.61 -14.46 5.01
C LYS C 8 25.38 -13.08 5.60
N VAL C 9 24.13 -12.67 5.79
CA VAL C 9 23.81 -11.34 6.30
C VAL C 9 22.91 -11.46 7.52
N ALA C 10 23.05 -12.56 8.26
CA ALA C 10 22.21 -12.77 9.44
C ALA C 10 22.47 -11.71 10.50
N ASN C 11 23.73 -11.38 10.74
CA ASN C 11 24.11 -10.40 11.74
C ASN C 11 24.81 -9.22 11.06
N ALA C 12 24.71 -8.05 11.70
CA ALA C 12 25.34 -6.84 11.20
C ALA C 12 26.72 -6.72 11.82
N ARG C 13 27.73 -7.20 11.11
CA ARG C 13 29.12 -7.16 11.55
C ARG C 13 29.93 -6.29 10.59
N LEU C 14 31.23 -6.21 10.85
CA LEU C 14 32.12 -5.38 10.04
C LEU C 14 32.19 -5.89 8.60
N GLY C 15 32.49 -7.17 8.42
CA GLY C 15 32.55 -7.75 7.10
C GLY C 15 31.27 -8.47 6.69
N SER C 16 30.16 -7.73 6.59
CA SER C 16 28.88 -8.31 6.24
C SER C 16 28.40 -7.87 4.87
N PHE C 17 28.28 -6.57 4.63
CA PHE C 17 27.85 -6.07 3.33
C PHE C 17 29.01 -5.84 2.37
N SER C 18 30.19 -5.52 2.88
CA SER C 18 31.35 -5.33 2.03
C SER C 18 31.89 -6.64 1.45
N SER C 19 31.52 -7.78 2.03
CA SER C 19 31.93 -9.07 1.50
C SER C 19 31.07 -9.55 0.35
N LEU C 20 29.96 -8.88 0.07
CA LEU C 20 29.08 -9.23 -1.04
C LEU C 20 29.51 -8.60 -2.35
N LEU C 21 30.56 -7.78 -2.33
CA LEU C 21 31.08 -7.15 -3.54
C LEU C 21 32.08 -8.02 -4.28
N LEU C 22 32.40 -9.20 -3.76
CA LEU C 22 33.35 -10.11 -4.37
C LEU C 22 32.68 -11.39 -4.84
N CYS C 23 31.40 -11.32 -5.18
CA CYS C 23 30.63 -12.44 -5.68
C CYS C 23 30.38 -12.28 -7.17
N TRP C 24 30.58 -13.36 -7.93
CA TRP C 24 30.43 -13.28 -9.38
C TRP C 24 28.98 -13.45 -9.81
N ARG C 25 28.37 -14.58 -9.46
CA ARG C 25 27.04 -14.91 -9.97
C ARG C 25 25.99 -13.96 -9.41
N GLY C 26 25.16 -13.40 -10.29
CA GLY C 26 24.10 -12.51 -9.89
C GLY C 26 24.51 -11.10 -9.58
N SER C 27 25.75 -10.71 -9.86
CA SER C 27 26.26 -9.40 -9.52
C SER C 27 26.27 -8.47 -10.73
N ILE C 28 26.60 -7.21 -10.48
CA ILE C 28 26.67 -6.22 -11.55
C ILE C 28 27.83 -6.53 -12.49
N TYR C 29 28.87 -7.20 -11.99
CA TYR C 29 30.01 -7.54 -12.83
C TYR C 29 29.64 -8.54 -13.93
N LYS C 30 28.61 -9.33 -13.72
CA LYS C 30 28.15 -10.29 -14.72
C LYS C 30 27.18 -9.67 -15.72
N LEU C 31 26.58 -8.54 -15.39
CA LEU C 31 25.60 -7.90 -16.27
C LEU C 31 26.16 -6.71 -17.05
N LEU C 32 27.14 -6.01 -16.49
CA LEU C 32 27.68 -4.81 -17.13
C LEU C 32 28.89 -5.09 -18.02
N TYR C 33 29.27 -6.35 -18.18
CA TYR C 33 30.46 -6.67 -18.95
C TYR C 33 30.30 -6.29 -20.42
N GLY C 34 29.13 -6.54 -20.98
CA GLY C 34 28.92 -6.26 -22.39
C GLY C 34 28.86 -4.78 -22.74
N GLU C 35 28.53 -3.93 -21.76
CA GLU C 35 28.42 -2.50 -22.00
C GLU C 35 29.65 -1.72 -21.55
N PHE C 36 30.38 -2.20 -20.54
CA PHE C 36 31.57 -1.51 -20.09
C PHE C 36 32.63 -1.49 -21.18
N LEU C 37 32.78 -2.59 -21.92
CA LEU C 37 33.76 -2.63 -23.01
C LEU C 37 33.42 -1.61 -24.09
N VAL C 38 32.14 -1.51 -24.46
CA VAL C 38 31.73 -0.53 -25.46
C VAL C 38 31.98 0.88 -24.96
N PHE C 39 31.64 1.15 -23.71
CA PHE C 39 31.86 2.49 -23.15
C PHE C 39 33.34 2.85 -23.14
N ILE C 40 34.19 1.92 -22.72
CA ILE C 40 35.62 2.18 -22.66
C ILE C 40 36.20 2.39 -24.05
N PHE C 41 35.79 1.57 -25.02
CA PHE C 41 36.27 1.72 -26.39
C PHE C 41 35.85 3.07 -26.96
N LEU C 42 34.59 3.47 -26.73
CA LEU C 42 34.14 4.77 -27.22
C LEU C 42 34.90 5.91 -26.56
N TYR C 43 35.15 5.80 -25.25
CA TYR C 43 35.87 6.85 -24.55
C TYR C 43 37.30 6.98 -25.06
N TYR C 44 37.99 5.85 -25.28
CA TYR C 44 39.37 5.90 -25.71
C TYR C 44 39.53 6.07 -27.21
N SER C 45 38.43 6.03 -27.98
CA SER C 45 38.51 6.36 -29.40
C SER C 45 38.51 7.86 -29.65
N ILE C 46 38.29 8.68 -28.62
CA ILE C 46 38.33 10.13 -28.76
C ILE C 46 39.66 10.64 -28.22
N ARG C 47 40.21 9.94 -27.23
CA ARG C 47 41.56 10.19 -26.75
C ARG C 47 42.49 9.37 -27.62
N GLY C 48 42.92 9.97 -28.73
CA GLY C 48 43.59 9.25 -29.80
C GLY C 48 43.17 9.85 -31.12
N LEU C 49 42.08 10.61 -31.08
CA LEU C 49 41.68 11.51 -32.16
C LEU C 49 41.96 12.95 -31.80
N TYR C 50 41.46 13.41 -30.65
CA TYR C 50 41.66 14.80 -30.24
C TYR C 50 43.13 15.12 -30.02
N ARG C 51 43.95 14.12 -29.69
CA ARG C 51 45.34 14.36 -29.35
C ARG C 51 46.31 14.16 -30.51
N MET C 52 45.95 13.38 -31.53
CA MET C 52 46.91 13.10 -32.60
C MET C 52 46.30 13.13 -33.99
N VAL C 53 45.06 13.57 -34.16
CA VAL C 53 44.42 13.66 -35.46
C VAL C 53 43.93 15.07 -35.76
N LEU C 54 43.16 15.65 -34.84
CA LEU C 54 42.67 17.01 -35.02
C LEU C 54 43.83 18.00 -34.92
N SER C 55 43.80 19.00 -35.81
CA SER C 55 44.86 20.00 -35.86
C SER C 55 44.62 21.09 -34.82
N SER C 56 45.56 22.03 -34.73
CA SER C 56 45.42 23.12 -33.78
C SER C 56 44.20 23.99 -34.10
N ASP C 57 43.84 24.10 -35.37
CA ASP C 57 42.64 24.83 -35.73
C ASP C 57 41.39 24.11 -35.24
N GLN C 58 41.26 22.82 -35.53
CA GLN C 58 40.15 22.03 -35.02
C GLN C 58 40.56 21.33 -33.73
N GLN C 59 41.18 22.10 -32.84
CA GLN C 59 41.40 21.65 -31.47
C GLN C 59 40.91 22.70 -30.48
N LEU C 60 40.40 23.83 -30.95
CA LEU C 60 39.80 24.83 -30.09
C LEU C 60 38.29 24.84 -30.19
N LEU C 61 37.72 24.25 -31.25
CA LEU C 61 36.29 24.00 -31.35
C LEU C 61 35.89 22.73 -30.61
N PHE C 62 36.83 21.84 -30.32
CA PHE C 62 36.60 20.67 -29.49
C PHE C 62 36.50 21.05 -28.01
N GLU C 63 37.33 21.99 -27.56
CA GLU C 63 37.31 22.40 -26.17
C GLU C 63 36.09 23.24 -25.81
N LYS C 64 35.57 24.04 -26.74
CA LYS C 64 34.31 24.74 -26.52
C LYS C 64 33.12 23.79 -26.48
N LEU C 65 33.22 22.63 -27.14
CA LEU C 65 32.22 21.57 -26.99
C LEU C 65 32.38 20.85 -25.66
N ALA C 66 33.62 20.61 -25.24
CA ALA C 66 33.85 19.96 -23.95
C ALA C 66 33.36 20.80 -22.79
N LEU C 67 33.59 22.12 -22.83
CA LEU C 67 33.13 23.01 -21.77
C LEU C 67 31.64 23.29 -21.83
N TYR C 68 31.01 23.10 -23.00
CA TYR C 68 29.58 23.32 -23.15
C TYR C 68 28.76 22.08 -22.79
N CYS C 69 29.30 20.89 -23.08
CA CYS C 69 28.67 19.64 -22.70
C CYS C 69 29.03 19.29 -21.27
N ASP C 70 28.89 20.25 -20.36
CA ASP C 70 29.22 20.03 -18.96
C ASP C 70 28.21 20.62 -17.99
N SER C 71 27.36 21.55 -18.43
CA SER C 71 26.26 22.06 -17.61
C SER C 71 25.00 21.23 -17.77
N TYR C 72 25.01 20.25 -18.67
CA TYR C 72 23.87 19.36 -18.89
C TYR C 72 24.05 18.02 -18.20
N ILE C 73 25.08 17.87 -17.38
CA ILE C 73 25.28 16.66 -16.59
C ILE C 73 24.75 16.99 -15.19
N GLN C 74 23.51 16.61 -14.94
CA GLN C 74 22.85 16.85 -13.67
C GLN C 74 22.24 15.55 -13.17
N LEU C 75 22.34 15.31 -11.86
CA LEU C 75 22.02 14.02 -11.27
C LEU C 75 20.64 14.01 -10.61
N ILE C 76 19.87 15.09 -10.73
CA ILE C 76 18.55 15.16 -10.08
C ILE C 76 17.50 14.39 -10.87
N PRO C 77 17.25 14.69 -12.16
CA PRO C 77 16.13 14.02 -12.85
C PRO C 77 16.38 12.54 -13.08
N ILE C 78 17.63 12.18 -13.37
CA ILE C 78 17.97 10.78 -13.59
C ILE C 78 17.75 9.98 -12.32
N SER C 79 18.18 10.51 -11.18
CA SER C 79 17.97 9.83 -9.90
C SER C 79 16.52 9.87 -9.46
N PHE C 80 15.71 10.77 -10.01
CA PHE C 80 14.27 10.72 -9.73
C PHE C 80 13.60 9.61 -10.53
N VAL C 81 13.85 9.56 -11.83
CA VAL C 81 13.21 8.55 -12.67
C VAL C 81 13.67 7.15 -12.28
N LEU C 82 14.99 6.98 -12.12
CA LEU C 82 15.54 5.74 -11.56
C LEU C 82 15.32 5.82 -10.06
N GLY C 83 14.24 5.20 -9.59
CA GLY C 83 13.85 5.33 -8.20
C GLY C 83 12.35 5.51 -8.09
N PHE C 84 11.76 6.19 -9.08
CA PHE C 84 10.32 6.11 -9.24
C PHE C 84 9.90 5.01 -10.20
N TYR C 85 10.83 4.44 -10.94
CA TYR C 85 10.56 3.32 -11.84
C TYR C 85 10.91 1.97 -11.21
N VAL C 86 12.05 1.89 -10.55
CA VAL C 86 12.50 0.63 -9.96
C VAL C 86 11.57 0.19 -8.83
N THR C 87 11.02 1.15 -8.07
CA THR C 87 10.08 0.79 -7.02
C THR C 87 8.85 0.10 -7.58
N LEU C 88 8.29 0.64 -8.66
CA LEU C 88 7.14 0.00 -9.31
C LEU C 88 7.51 -1.37 -9.86
N VAL C 89 8.70 -1.49 -10.45
CA VAL C 89 9.13 -2.78 -10.98
C VAL C 89 9.21 -3.81 -9.87
N VAL C 90 9.80 -3.44 -8.73
CA VAL C 90 9.95 -4.37 -7.62
C VAL C 90 8.59 -4.75 -7.02
N SER C 91 7.69 -3.77 -6.90
CA SER C 91 6.36 -4.06 -6.37
C SER C 91 5.62 -5.03 -7.27
N ARG C 92 5.72 -4.86 -8.59
CA ARG C 92 5.15 -5.84 -9.50
C ARG C 92 5.82 -7.20 -9.38
N TRP C 93 7.14 -7.22 -9.21
CA TRP C 93 7.87 -8.47 -9.12
C TRP C 93 7.44 -9.31 -7.92
N TRP C 94 7.23 -8.67 -6.77
CA TRP C 94 6.79 -9.43 -5.61
C TRP C 94 5.36 -9.94 -5.75
N SER C 95 4.47 -9.09 -6.30
CA SER C 95 3.09 -9.53 -6.50
C SER C 95 2.98 -10.65 -7.52
N GLN C 96 3.92 -10.72 -8.47
CA GLN C 96 3.94 -11.86 -9.38
C GLN C 96 4.27 -13.17 -8.69
N TYR C 97 4.96 -13.12 -7.55
CA TYR C 97 5.25 -14.31 -6.77
C TYR C 97 4.18 -14.62 -5.74
N GLU C 98 3.50 -13.60 -5.19
CA GLU C 98 2.43 -13.88 -4.24
C GLU C 98 1.23 -14.56 -4.88
N ASN C 99 1.17 -14.64 -6.21
CA ASN C 99 0.06 -15.25 -6.92
C ASN C 99 0.39 -16.64 -7.46
N LEU C 100 1.50 -17.23 -7.01
CA LEU C 100 1.87 -18.57 -7.47
C LEU C 100 0.99 -19.60 -6.79
N PRO C 101 0.30 -20.46 -7.54
CA PRO C 101 -0.61 -21.44 -6.91
C PRO C 101 0.17 -22.53 -6.18
N TRP C 102 -0.11 -22.68 -4.89
CA TRP C 102 0.41 -23.78 -4.10
C TRP C 102 -0.74 -24.70 -3.72
N PRO C 103 -0.73 -25.97 -4.14
CA PRO C 103 -1.84 -26.89 -3.83
C PRO C 103 -1.72 -27.56 -2.47
N ASP C 104 -1.41 -26.76 -1.44
CA ASP C 104 -1.27 -27.25 -0.08
C ASP C 104 -2.53 -27.10 0.74
N ARG C 105 -3.36 -26.10 0.47
CA ARG C 105 -4.61 -25.92 1.18
C ARG C 105 -5.73 -26.79 0.63
N LEU C 106 -5.56 -27.38 -0.55
CA LEU C 106 -6.54 -28.25 -1.17
C LEU C 106 -6.30 -29.73 -0.89
N MET C 107 -5.04 -30.15 -0.86
CA MET C 107 -4.73 -31.55 -0.58
C MET C 107 -5.12 -31.93 0.84
N ILE C 108 -5.07 -30.99 1.78
CA ILE C 108 -5.48 -31.27 3.15
C ILE C 108 -6.94 -31.68 3.20
N GLN C 109 -7.81 -30.96 2.48
CA GLN C 109 -9.23 -31.28 2.46
C GLN C 109 -9.53 -32.48 1.59
N VAL C 110 -8.78 -32.69 0.50
CA VAL C 110 -9.02 -33.84 -0.35
C VAL C 110 -8.65 -35.13 0.37
N SER C 111 -7.58 -35.11 1.17
CA SER C 111 -7.15 -36.31 1.89
C SER C 111 -8.10 -36.69 3.02
N SER C 112 -9.03 -35.80 3.39
CA SER C 112 -9.91 -36.03 4.52
C SER C 112 -11.37 -36.20 4.13
N PHE C 113 -11.93 -35.25 3.37
CA PHE C 113 -13.36 -35.27 3.10
C PHE C 113 -13.78 -36.48 2.27
N VAL C 114 -13.00 -36.81 1.25
CA VAL C 114 -13.31 -37.98 0.43
C VAL C 114 -12.99 -39.24 1.21
N GLU C 115 -13.96 -40.15 1.29
CA GLU C 115 -13.87 -41.31 2.18
C GLU C 115 -13.73 -42.57 1.34
N GLY C 116 -12.67 -43.34 1.57
CA GLY C 116 -12.45 -44.59 0.90
C GLY C 116 -10.99 -44.96 0.96
N LYS C 117 -10.74 -46.27 1.16
CA LYS C 117 -9.37 -46.76 1.25
C LYS C 117 -9.22 -48.02 0.40
N ASP C 118 -9.72 -47.98 -0.84
CA ASP C 118 -9.60 -49.09 -1.77
C ASP C 118 -9.58 -48.52 -3.18
N GLU C 119 -9.78 -49.38 -4.16
CA GLU C 119 -9.98 -48.90 -5.52
C GLU C 119 -11.35 -48.24 -5.63
N GLU C 120 -11.47 -47.33 -6.59
CA GLU C 120 -12.62 -46.45 -6.81
C GLU C 120 -12.73 -45.40 -5.71
N GLY C 121 -11.88 -45.45 -4.69
CA GLY C 121 -11.80 -44.40 -3.69
C GLY C 121 -10.41 -43.80 -3.69
N ARG C 122 -9.46 -44.54 -4.25
CA ARG C 122 -8.09 -44.09 -4.46
C ARG C 122 -7.94 -43.35 -5.78
N LEU C 123 -8.50 -43.92 -6.85
CA LEU C 123 -8.45 -43.29 -8.16
C LEU C 123 -9.17 -41.95 -8.15
N LEU C 124 -10.28 -41.86 -7.43
CA LEU C 124 -11.02 -40.61 -7.33
C LEU C 124 -10.14 -39.50 -6.75
N ARG C 125 -9.49 -39.77 -5.61
CA ARG C 125 -8.64 -38.78 -4.98
C ARG C 125 -7.46 -38.43 -5.87
N ARG C 126 -6.84 -39.43 -6.52
CA ARG C 126 -5.68 -39.16 -7.35
C ARG C 126 -6.05 -38.29 -8.55
N THR C 127 -7.17 -38.57 -9.21
CA THR C 127 -7.59 -37.72 -10.32
C THR C 127 -7.98 -36.32 -9.85
N LEU C 128 -8.67 -36.22 -8.71
CA LEU C 128 -9.05 -34.92 -8.18
C LEU C 128 -7.83 -34.07 -7.88
N ILE C 129 -6.75 -34.69 -7.40
CA ILE C 129 -5.53 -33.93 -7.13
C ILE C 129 -4.68 -33.72 -8.39
N ARG C 130 -4.84 -34.55 -9.41
CA ARG C 130 -4.09 -34.36 -10.65
C ARG C 130 -4.67 -33.23 -11.49
N TYR C 131 -6.00 -33.02 -11.42
CA TYR C 131 -6.60 -31.92 -12.16
C TYR C 131 -6.07 -30.57 -11.71
N ALA C 132 -5.92 -30.35 -10.41
CA ALA C 132 -5.40 -29.10 -9.88
C ALA C 132 -3.95 -28.85 -10.26
N ILE C 133 -3.18 -29.90 -10.51
CA ILE C 133 -1.79 -29.76 -10.97
C ILE C 133 -1.73 -29.51 -12.46
N LEU C 134 -2.57 -30.19 -13.24
CA LEU C 134 -2.66 -29.91 -14.66
C LEU C 134 -3.08 -28.46 -14.91
N GLY C 135 -3.97 -27.94 -14.06
CA GLY C 135 -4.38 -26.55 -14.18
C GLY C 135 -3.23 -25.58 -14.04
N GLN C 136 -2.32 -25.83 -13.09
CA GLN C 136 -1.17 -24.96 -12.91
C GLN C 136 -0.10 -25.19 -13.97
N VAL C 137 0.04 -26.41 -14.48
CA VAL C 137 1.02 -26.68 -15.52
C VAL C 137 0.59 -25.99 -16.82
N LEU C 138 -0.71 -25.97 -17.10
CA LEU C 138 -1.18 -25.36 -18.35
C LEU C 138 -1.01 -23.85 -18.36
N ILE C 139 -0.89 -23.21 -17.20
CA ILE C 139 -0.66 -21.76 -17.14
C ILE C 139 0.81 -21.43 -17.00
N LEU C 140 1.57 -22.21 -16.23
CA LEU C 140 3.02 -21.98 -16.20
C LEU C 140 3.67 -22.65 -17.41
N ARG C 141 3.09 -22.44 -18.58
CA ARG C 141 3.68 -22.85 -19.85
C ARG C 141 3.54 -21.80 -20.94
N SER C 142 2.66 -20.82 -20.78
CA SER C 142 2.50 -19.72 -21.71
C SER C 142 3.14 -18.44 -21.23
N ILE C 143 3.58 -18.39 -19.98
CA ILE C 143 4.24 -17.21 -19.44
C ILE C 143 5.73 -17.43 -19.21
N SER C 144 6.15 -18.65 -18.89
CA SER C 144 7.54 -18.96 -18.60
C SER C 144 8.21 -19.58 -19.82
N THR C 145 9.52 -19.41 -19.92
CA THR C 145 10.31 -19.93 -21.02
C THR C 145 11.00 -21.24 -20.68
N SER C 146 11.53 -21.37 -19.46
CA SER C 146 12.19 -22.60 -19.05
C SER C 146 11.24 -23.78 -18.94
N VAL C 147 9.93 -23.53 -18.87
CA VAL C 147 8.94 -24.60 -18.82
C VAL C 147 8.45 -24.89 -20.23
N TYR C 148 8.37 -23.84 -21.06
CA TYR C 148 8.00 -24.05 -22.45
C TYR C 148 9.05 -24.88 -23.18
N LYS C 149 10.33 -24.61 -22.92
CA LYS C 149 11.38 -25.41 -23.54
C LYS C 149 11.41 -26.84 -23.02
N ARG C 150 10.73 -27.11 -21.91
CA ARG C 150 10.65 -28.46 -21.36
C ARG C 150 9.40 -29.19 -21.83
N PHE C 151 8.32 -28.46 -22.13
CA PHE C 151 7.09 -29.04 -22.67
C PHE C 151 6.70 -28.28 -23.93
N PRO C 152 7.45 -28.47 -25.01
CA PRO C 152 7.17 -27.69 -26.24
C PRO C 152 5.83 -28.00 -26.88
N THR C 153 5.24 -29.16 -26.60
CA THR C 153 3.99 -29.57 -27.23
C THR C 153 3.09 -30.21 -26.18
N LEU C 154 1.78 -30.12 -26.42
CA LEU C 154 0.82 -30.76 -25.53
C LEU C 154 0.96 -32.28 -25.51
N HIS C 155 1.61 -32.88 -26.51
CA HIS C 155 1.89 -34.30 -26.48
C HIS C 155 3.03 -34.65 -25.53
N HIS C 156 3.88 -33.68 -25.18
CA HIS C 156 4.93 -33.92 -24.21
C HIS C 156 4.41 -34.05 -22.79
N LEU C 157 3.23 -33.49 -22.51
CA LEU C 157 2.64 -33.64 -21.18
C LEU C 157 2.11 -35.05 -20.97
N VAL C 158 1.70 -35.73 -22.04
CA VAL C 158 1.23 -37.10 -21.91
C VAL C 158 2.37 -38.03 -21.52
N LEU C 159 3.55 -37.83 -22.12
CA LEU C 159 4.69 -38.69 -21.87
C LEU C 159 5.30 -38.49 -20.48
N ALA C 160 5.02 -37.37 -19.82
CA ALA C 160 5.56 -37.10 -18.50
C ALA C 160 4.63 -37.51 -17.36
N GLY C 161 3.42 -37.98 -17.67
CA GLY C 161 2.49 -38.41 -16.66
C GLY C 161 1.51 -37.36 -16.19
N PHE C 162 1.70 -36.09 -16.59
CA PHE C 162 0.77 -35.05 -16.18
C PHE C 162 -0.61 -35.23 -16.80
N MET C 163 -0.66 -35.69 -18.05
CA MET C 163 -1.91 -35.83 -18.79
C MET C 163 -2.16 -37.29 -19.11
N THR C 164 -3.26 -37.54 -19.82
CA THR C 164 -3.64 -38.88 -20.24
C THR C 164 -4.12 -38.83 -21.69
N HIS C 165 -3.98 -39.96 -22.38
CA HIS C 165 -4.44 -40.02 -23.77
C HIS C 165 -5.94 -39.82 -23.88
N GLY C 166 -6.69 -40.16 -22.83
CA GLY C 166 -8.13 -39.96 -22.86
C GLY C 166 -8.52 -38.50 -22.71
N GLU C 167 -7.72 -37.72 -21.99
CA GLU C 167 -8.00 -36.31 -21.81
C GLU C 167 -7.40 -35.44 -22.90
N HIS C 168 -6.32 -35.90 -23.55
CA HIS C 168 -5.77 -35.13 -24.67
C HIS C 168 -6.77 -35.04 -25.81
N LYS C 169 -7.43 -36.16 -26.14
CA LYS C 169 -8.42 -36.16 -27.20
C LYS C 169 -9.64 -35.33 -26.86
N GLN C 170 -9.96 -35.18 -25.57
CA GLN C 170 -11.08 -34.35 -25.15
C GLN C 170 -10.72 -32.86 -25.14
N LEU C 171 -9.49 -32.52 -24.75
CA LEU C 171 -9.06 -31.13 -24.81
C LEU C 171 -8.82 -30.68 -26.25
N GLN C 172 -8.55 -31.61 -27.16
CA GLN C 172 -8.43 -31.28 -28.58
C GLN C 172 -9.77 -30.99 -29.25
N LYS C 173 -10.89 -31.20 -28.56
CA LYS C 173 -12.19 -31.18 -29.21
C LYS C 173 -13.11 -30.17 -28.53
N LEU C 174 -12.61 -28.95 -28.34
CA LEU C 174 -13.43 -27.88 -27.79
C LEU C 174 -13.87 -26.86 -28.83
N GLY C 175 -13.09 -26.68 -29.89
CA GLY C 175 -13.45 -25.75 -30.94
C GLY C 175 -13.44 -24.29 -30.52
N LEU C 176 -12.46 -23.88 -29.72
CA LEU C 176 -12.32 -22.50 -29.29
C LEU C 176 -10.91 -22.02 -29.61
N PRO C 177 -10.76 -20.81 -30.18
CA PRO C 177 -9.42 -20.32 -30.52
C PRO C 177 -8.64 -19.78 -29.33
N HIS C 178 -9.29 -19.58 -28.18
CA HIS C 178 -8.62 -18.99 -27.03
C HIS C 178 -7.80 -20.03 -26.29
N ASN C 179 -7.09 -19.59 -25.25
CA ASN C 179 -6.30 -20.49 -24.43
C ASN C 179 -7.22 -21.43 -23.65
N THR C 180 -6.68 -22.61 -23.31
CA THR C 180 -7.48 -23.65 -22.68
C THR C 180 -6.95 -24.01 -21.29
N PHE C 181 -6.65 -23.00 -20.48
CA PHE C 181 -6.16 -23.22 -19.13
C PHE C 181 -7.28 -23.23 -18.08
N TRP C 182 -8.54 -23.26 -18.52
CA TRP C 182 -9.67 -23.25 -17.61
C TRP C 182 -10.46 -24.55 -17.59
N VAL C 183 -10.18 -25.48 -18.49
CA VAL C 183 -10.91 -26.74 -18.60
C VAL C 183 -10.74 -27.61 -17.35
N PRO C 184 -9.53 -27.81 -16.82
CA PRO C 184 -9.41 -28.64 -15.61
C PRO C 184 -10.19 -28.12 -14.42
N TRP C 185 -10.37 -26.81 -14.30
CA TRP C 185 -11.14 -26.27 -13.18
C TRP C 185 -12.62 -26.60 -13.28
N VAL C 186 -13.13 -26.88 -14.48
CA VAL C 186 -14.50 -27.35 -14.64
C VAL C 186 -14.58 -28.87 -14.48
N TRP C 187 -13.56 -29.57 -14.98
CA TRP C 187 -13.51 -31.02 -14.80
C TRP C 187 -13.48 -31.38 -13.32
N PHE C 188 -12.72 -30.62 -12.52
CA PHE C 188 -12.65 -30.87 -11.09
C PHE C 188 -14.02 -30.73 -10.44
N ALA C 189 -14.73 -29.66 -10.78
CA ALA C 189 -16.05 -29.44 -10.19
C ALA C 189 -17.02 -30.55 -10.57
N ASN C 190 -17.03 -30.94 -11.85
CA ASN C 190 -17.94 -32.01 -12.27
C ASN C 190 -17.60 -33.33 -11.58
N LEU C 191 -16.30 -33.66 -11.47
CA LEU C 191 -15.92 -34.90 -10.80
C LEU C 191 -16.27 -34.86 -9.33
N SER C 192 -16.11 -33.71 -8.66
CA SER C 192 -16.47 -33.61 -7.26
C SER C 192 -17.98 -33.77 -7.06
N MET C 193 -18.79 -33.17 -7.93
CA MET C 193 -20.23 -33.35 -7.81
C MET C 193 -20.64 -34.79 -8.06
N LYS C 194 -20.01 -35.45 -9.04
CA LYS C 194 -20.29 -36.86 -9.29
C LYS C 194 -19.90 -37.72 -8.10
N ALA C 195 -18.77 -37.40 -7.46
CA ALA C 195 -18.36 -38.11 -6.26
C ALA C 195 -19.34 -37.90 -5.12
N TYR C 196 -19.84 -36.67 -4.96
CA TYR C 196 -20.83 -36.41 -3.93
C TYR C 196 -22.10 -37.24 -4.17
N LEU C 197 -22.55 -37.31 -5.41
CA LEU C 197 -23.70 -38.17 -5.71
C LEU C 197 -23.25 -39.61 -5.90
N GLY C 198 -22.41 -40.11 -4.99
CA GLY C 198 -22.00 -41.49 -5.00
C GLY C 198 -21.78 -42.03 -3.60
N GLY C 199 -22.12 -41.23 -2.60
CA GLY C 199 -21.91 -41.61 -1.21
C GLY C 199 -20.52 -41.36 -0.68
N ARG C 200 -19.61 -40.81 -1.49
CA ARG C 200 -18.25 -40.56 -1.02
C ARG C 200 -18.19 -39.37 -0.08
N ILE C 201 -18.57 -38.19 -0.55
CA ILE C 201 -18.69 -37.02 0.31
C ILE C 201 -20.08 -37.04 0.95
N ARG C 202 -20.11 -36.98 2.28
CA ARG C 202 -21.34 -37.24 3.03
C ARG C 202 -22.11 -35.98 3.38
N ASP C 203 -21.67 -34.80 2.94
CA ASP C 203 -22.38 -33.58 3.27
C ASP C 203 -22.13 -32.54 2.18
N THR C 204 -23.04 -31.56 2.11
CA THR C 204 -22.90 -30.45 1.17
C THR C 204 -21.97 -29.36 1.69
N VAL C 205 -21.82 -29.23 3.01
CA VAL C 205 -20.90 -28.25 3.56
C VAL C 205 -19.47 -28.58 3.14
N LEU C 206 -19.10 -29.86 3.20
CA LEU C 206 -17.76 -30.27 2.78
C LEU C 206 -17.53 -30.00 1.30
N LEU C 207 -18.55 -30.26 0.47
CA LEU C 207 -18.41 -30.00 -0.97
C LEU C 207 -18.28 -28.52 -1.26
N GLN C 208 -19.05 -27.68 -0.57
CA GLN C 208 -18.91 -26.24 -0.73
C GLN C 208 -17.53 -25.76 -0.29
N SER C 209 -17.02 -26.31 0.81
CA SER C 209 -15.68 -25.96 1.26
C SER C 209 -14.63 -26.39 0.24
N LEU C 210 -14.83 -27.55 -0.38
CA LEU C 210 -13.91 -28.00 -1.43
C LEU C 210 -13.93 -27.04 -2.62
N MET C 211 -15.11 -26.61 -3.05
CA MET C 211 -15.20 -25.73 -4.21
C MET C 211 -14.67 -24.34 -3.91
N ASN C 212 -14.77 -23.89 -2.66
CA ASN C 212 -14.27 -22.56 -2.31
C ASN C 212 -12.76 -22.48 -2.44
N GLU C 213 -12.04 -23.58 -2.22
CA GLU C 213 -10.59 -23.58 -2.35
C GLU C 213 -10.12 -23.71 -3.80
N VAL C 214 -11.00 -24.11 -4.71
CA VAL C 214 -10.67 -24.12 -6.13
C VAL C 214 -11.01 -22.78 -6.77
N CYS C 215 -12.07 -22.12 -6.30
CA CYS C 215 -12.41 -20.79 -6.80
C CYS C 215 -11.32 -19.76 -6.49
N THR C 216 -10.43 -20.04 -5.54
CA THR C 216 -9.30 -19.16 -5.26
C THR C 216 -8.10 -19.45 -6.14
N LEU C 217 -7.83 -20.73 -6.40
CA LEU C 217 -6.79 -21.08 -7.36
C LEU C 217 -7.12 -20.59 -8.75
N ARG C 218 -8.41 -20.52 -9.10
CA ARG C 218 -8.80 -19.93 -10.38
C ARG C 218 -8.35 -18.47 -10.46
N THR C 219 -8.59 -17.70 -9.41
CA THR C 219 -8.18 -16.30 -9.38
C THR C 219 -6.66 -16.17 -9.42
N GLN C 220 -5.95 -17.01 -8.66
CA GLN C 220 -4.50 -16.94 -8.65
C GLN C 220 -3.91 -17.27 -10.01
N CYS C 221 -4.48 -18.24 -10.73
CA CYS C 221 -4.04 -18.55 -12.07
C CYS C 221 -4.42 -17.48 -13.09
N GLY C 222 -5.55 -16.80 -12.91
CA GLY C 222 -5.93 -15.73 -13.81
C GLY C 222 -5.08 -14.49 -13.65
N GLN C 223 -4.68 -14.20 -12.42
CA GLN C 223 -3.85 -13.03 -12.16
C GLN C 223 -2.47 -13.12 -12.80
N LEU C 224 -1.86 -14.30 -12.81
CA LEU C 224 -0.57 -14.47 -13.50
C LEU C 224 -0.69 -14.21 -14.98
N TYR C 225 -1.76 -14.73 -15.60
CA TYR C 225 -1.99 -14.48 -17.03
C TYR C 225 -2.23 -13.01 -17.29
N ALA C 226 -2.98 -12.33 -16.42
CA ALA C 226 -3.19 -10.89 -16.59
C ALA C 226 -1.89 -10.12 -16.47
N TYR C 227 -1.05 -10.47 -15.48
CA TYR C 227 0.24 -9.82 -15.30
C TYR C 227 1.16 -10.01 -16.50
N ASP C 228 1.18 -11.22 -17.08
CA ASP C 228 1.96 -11.47 -18.28
C ASP C 228 1.42 -10.76 -19.52
N TRP C 229 0.09 -10.66 -19.63
CA TRP C 229 -0.50 -10.05 -20.83
C TRP C 229 -0.35 -8.53 -20.82
N ILE C 230 -0.50 -7.91 -19.66
CA ILE C 230 -0.43 -6.46 -19.54
C ILE C 230 0.87 -6.10 -18.82
N SER C 231 1.71 -5.31 -19.48
CA SER C 231 3.02 -4.95 -18.97
C SER C 231 3.10 -3.44 -18.76
N ILE C 232 4.23 -3.01 -18.21
CA ILE C 232 4.47 -1.58 -17.96
C ILE C 232 4.50 -0.85 -19.29
N PRO C 233 3.92 0.35 -19.41
CA PRO C 233 3.84 1.01 -20.72
C PRO C 233 5.20 1.25 -21.35
N LEU C 234 5.24 1.06 -22.68
CA LEU C 234 6.48 1.24 -23.42
C LEU C 234 6.98 2.67 -23.35
N VAL C 235 6.07 3.65 -23.21
CA VAL C 235 6.49 5.04 -23.03
C VAL C 235 7.32 5.18 -21.77
N TYR C 236 6.82 4.62 -20.66
CA TYR C 236 7.53 4.71 -19.39
C TYR C 236 8.83 3.91 -19.44
N THR C 237 8.84 2.80 -20.16
CA THR C 237 10.07 2.03 -20.30
C THR C 237 11.12 2.80 -21.11
N GLN C 238 10.70 3.50 -22.17
CA GLN C 238 11.63 4.19 -23.05
C GLN C 238 12.16 5.49 -22.44
N VAL C 239 11.36 6.16 -21.60
CA VAL C 239 11.80 7.43 -21.02
C VAL C 239 13.06 7.22 -20.18
N VAL C 240 13.07 6.17 -19.35
CA VAL C 240 14.22 5.92 -18.49
C VAL C 240 15.46 5.64 -19.33
N THR C 241 15.32 4.81 -20.37
CA THR C 241 16.46 4.46 -21.20
C THR C 241 17.02 5.67 -21.92
N VAL C 242 16.14 6.51 -22.47
CA VAL C 242 16.63 7.69 -23.18
C VAL C 242 17.29 8.67 -22.21
N ALA C 243 16.77 8.80 -20.99
CA ALA C 243 17.40 9.68 -20.01
C ALA C 243 18.80 9.18 -19.65
N VAL C 244 18.93 7.88 -19.36
CA VAL C 244 20.22 7.34 -18.97
C VAL C 244 21.23 7.45 -20.11
N TYR C 245 20.80 7.13 -21.33
CA TYR C 245 21.73 7.18 -22.46
C TYR C 245 22.12 8.62 -22.80
N SER C 246 21.18 9.56 -22.67
CA SER C 246 21.54 10.96 -22.86
C SER C 246 22.53 11.43 -21.80
N PHE C 247 22.36 10.99 -20.56
CA PHE C 247 23.33 11.34 -19.52
C PHE C 247 24.70 10.78 -19.84
N PHE C 248 24.77 9.52 -20.28
CA PHE C 248 26.07 8.88 -20.48
C PHE C 248 26.72 9.22 -21.81
N LEU C 249 25.97 9.79 -22.76
CA LEU C 249 26.57 10.25 -24.01
C LEU C 249 27.28 11.60 -23.85
N ALA C 250 26.90 12.39 -22.85
CA ALA C 250 27.57 13.65 -22.59
C ALA C 250 28.80 13.49 -21.70
N CYS C 251 29.03 12.30 -21.14
CA CYS C 251 30.24 12.04 -20.40
C CYS C 251 31.39 11.60 -21.29
N LEU C 252 31.09 11.16 -22.52
CA LEU C 252 32.14 10.81 -23.46
C LEU C 252 32.91 12.06 -23.91
N ILE C 253 32.19 13.10 -24.29
CA ILE C 253 32.77 14.40 -24.63
C ILE C 253 32.28 15.39 -23.57
N GLY C 254 33.21 15.95 -22.81
CA GLY C 254 32.85 16.84 -21.72
C GLY C 254 33.53 16.46 -20.42
N ARG C 255 33.72 15.16 -20.21
CA ARG C 255 34.49 14.66 -19.07
C ARG C 255 35.89 14.21 -19.49
N GLN C 256 36.29 14.53 -20.71
CA GLN C 256 37.63 14.22 -21.17
C GLN C 256 38.64 15.21 -20.61
N PHE C 257 39.89 14.76 -20.52
CA PHE C 257 40.97 15.56 -19.94
C PHE C 257 41.55 16.46 -21.02
N LEU C 258 41.15 17.73 -21.00
CA LEU C 258 41.62 18.69 -21.99
C LEU C 258 43.07 19.06 -21.74
N ASN C 259 43.68 19.68 -22.73
CA ASN C 259 45.06 20.11 -22.63
C ASN C 259 45.20 21.19 -21.56
N PRO C 260 46.05 20.99 -20.54
CA PRO C 260 46.19 22.00 -19.48
C PRO C 260 47.00 23.23 -19.90
N ASN C 261 47.46 23.30 -21.15
CA ASN C 261 48.23 24.44 -21.61
C ASN C 261 47.42 25.72 -21.70
N LYS C 262 46.09 25.63 -21.66
CA LYS C 262 45.23 26.80 -21.72
C LYS C 262 44.76 27.28 -20.35
N ASP C 263 45.04 26.52 -19.29
CA ASP C 263 44.70 26.90 -17.92
C ASP C 263 43.19 27.14 -17.76
N TYR C 264 42.42 26.09 -18.01
CA TYR C 264 40.98 26.16 -17.87
C TYR C 264 40.57 26.05 -16.40
N PRO C 265 39.42 26.62 -16.03
CA PRO C 265 39.01 26.61 -14.62
C PRO C 265 38.79 25.23 -14.04
N GLY C 266 38.52 24.23 -14.86
CA GLY C 266 38.17 22.91 -14.33
C GLY C 266 39.21 21.83 -14.57
N HIS C 267 39.93 21.92 -15.68
CA HIS C 267 40.90 20.89 -16.06
C HIS C 267 42.30 21.35 -15.68
N GLU C 268 42.96 20.59 -14.81
CA GLU C 268 44.31 20.92 -14.38
C GLU C 268 45.24 19.72 -14.28
N MET C 269 44.76 18.51 -14.53
CA MET C 269 45.59 17.32 -14.47
C MET C 269 45.34 16.46 -15.71
N ASP C 270 46.21 15.46 -15.91
CA ASP C 270 46.14 14.59 -17.07
C ASP C 270 46.32 13.14 -16.62
N LEU C 271 45.58 12.73 -15.59
CA LEU C 271 45.53 11.33 -15.23
C LEU C 271 44.76 10.56 -16.29
N VAL C 272 45.28 9.39 -16.67
CA VAL C 272 44.77 8.69 -17.85
C VAL C 272 43.37 8.13 -17.60
N VAL C 273 43.15 7.50 -16.46
CA VAL C 273 41.93 6.73 -16.21
C VAL C 273 40.94 7.62 -15.47
N PRO C 274 39.73 7.83 -16.00
CA PRO C 274 38.66 8.55 -15.28
C PRO C 274 37.98 7.65 -14.25
N VAL C 275 38.59 7.56 -13.07
CA VAL C 275 38.13 6.62 -12.04
C VAL C 275 36.73 6.99 -11.58
N PHE C 276 36.48 8.28 -11.34
CA PHE C 276 35.18 8.71 -10.84
C PHE C 276 34.12 8.78 -11.93
N THR C 277 34.50 8.66 -13.19
CA THR C 277 33.53 8.44 -14.26
C THR C 277 33.18 6.98 -14.40
N ILE C 278 34.17 6.08 -14.25
CA ILE C 278 33.90 4.65 -14.27
C ILE C 278 33.01 4.26 -13.10
N LEU C 279 33.28 4.80 -11.91
CA LEU C 279 32.46 4.49 -10.74
C LEU C 279 31.02 4.99 -10.92
N GLN C 280 30.87 6.20 -11.49
CA GLN C 280 29.53 6.71 -11.75
C GLN C 280 28.80 5.85 -12.77
N PHE C 281 29.49 5.40 -13.81
CA PHE C 281 28.89 4.51 -14.79
C PHE C 281 28.41 3.23 -14.13
N LEU C 282 29.26 2.62 -13.29
CA LEU C 282 28.90 1.41 -12.58
C LEU C 282 27.65 1.63 -11.73
N PHE C 283 27.65 2.70 -10.94
CA PHE C 283 26.55 2.95 -10.01
C PHE C 283 25.24 3.24 -10.74
N TYR C 284 25.29 4.03 -11.82
CA TYR C 284 24.09 4.42 -12.54
C TYR C 284 23.62 3.39 -13.55
N MET C 285 24.43 2.38 -13.85
CA MET C 285 23.98 1.28 -14.70
C MET C 285 23.52 0.07 -13.91
N GLY C 286 24.11 -0.19 -12.74
CA GLY C 286 23.58 -1.23 -11.88
C GLY C 286 22.20 -0.95 -11.35
N TRP C 287 21.80 0.32 -11.31
CA TRP C 287 20.44 0.68 -10.92
C TRP C 287 19.44 0.39 -12.03
N LEU C 288 19.81 0.62 -13.28
CA LEU C 288 18.95 0.29 -14.41
C LEU C 288 18.85 -1.22 -14.64
N LYS C 289 19.95 -1.94 -14.43
CA LYS C 289 19.92 -3.39 -14.61
C LYS C 289 19.03 -4.11 -13.61
N VAL C 290 18.73 -3.50 -12.45
CA VAL C 290 17.76 -4.09 -11.54
C VAL C 290 16.41 -4.21 -12.21
N ALA C 291 15.92 -3.12 -12.80
CA ALA C 291 14.68 -3.17 -13.55
C ALA C 291 14.80 -4.05 -14.79
N GLU C 292 15.94 -3.98 -15.47
CA GLU C 292 16.17 -4.84 -16.64
C GLU C 292 16.06 -6.31 -16.31
N GLN C 293 16.44 -6.71 -15.10
CA GLN C 293 16.38 -8.11 -14.67
C GLN C 293 15.01 -8.48 -14.14
N LEU C 294 14.38 -7.61 -13.34
CA LEU C 294 13.12 -7.95 -12.68
C LEU C 294 11.89 -7.58 -13.51
N ILE C 295 12.05 -7.06 -14.71
CA ILE C 295 10.89 -6.73 -15.53
C ILE C 295 10.16 -7.96 -16.06
N ASN C 296 10.78 -9.14 -15.97
CA ASN C 296 10.14 -10.39 -16.38
C ASN C 296 10.68 -11.50 -15.52
N PRO C 297 10.04 -11.77 -14.37
CA PRO C 297 10.61 -12.74 -13.42
C PRO C 297 10.65 -14.16 -13.94
N PHE C 298 9.85 -14.51 -14.94
CA PHE C 298 9.80 -15.88 -15.46
C PHE C 298 10.70 -15.96 -16.69
N GLY C 299 12.00 -16.00 -16.43
CA GLY C 299 12.97 -16.08 -17.51
C GLY C 299 14.05 -17.11 -17.23
N GLU C 300 15.27 -16.84 -17.68
CA GLU C 300 16.40 -17.74 -17.48
C GLU C 300 17.59 -16.98 -16.92
N ASP C 301 17.33 -15.96 -16.12
CA ASP C 301 18.39 -15.19 -15.48
C ASP C 301 18.83 -15.90 -14.20
N ASP C 302 19.63 -15.22 -13.39
CA ASP C 302 20.05 -15.76 -12.10
C ASP C 302 19.06 -15.40 -11.00
N ASP C 303 18.61 -14.15 -10.96
CA ASP C 303 17.60 -13.71 -9.99
C ASP C 303 16.20 -13.80 -10.60
N ASP C 304 15.86 -15.01 -11.05
CA ASP C 304 14.57 -15.28 -11.64
C ASP C 304 13.98 -16.53 -11.00
N PHE C 305 12.65 -16.58 -10.93
CA PHE C 305 11.97 -17.68 -10.27
C PHE C 305 12.25 -19.00 -10.97
N GLU C 306 12.59 -20.01 -10.17
CA GLU C 306 12.84 -21.36 -10.68
C GLU C 306 11.52 -22.13 -10.70
N THR C 307 10.77 -21.92 -11.78
CA THR C 307 9.47 -22.58 -11.93
C THR C 307 9.59 -23.90 -12.66
N ASN C 308 10.54 -24.73 -12.22
CA ASN C 308 10.68 -26.09 -12.73
C ASN C 308 10.86 -27.14 -11.65
N TRP C 309 11.33 -26.76 -10.46
CA TRP C 309 11.34 -27.65 -9.31
C TRP C 309 10.03 -27.55 -8.52
N ILE C 310 9.33 -26.42 -8.64
CA ILE C 310 8.04 -26.26 -7.96
C ILE C 310 7.02 -27.23 -8.53
N ILE C 311 6.99 -27.40 -9.86
CA ILE C 311 6.00 -28.29 -10.48
C ILE C 311 6.32 -29.76 -10.26
N ASP C 312 7.51 -30.09 -9.75
CA ASP C 312 7.82 -31.45 -9.33
C ASP C 312 7.52 -31.66 -7.85
N ARG C 313 7.86 -30.68 -7.02
CA ARG C 313 7.53 -30.76 -5.60
C ARG C 313 6.04 -30.83 -5.39
N ASN C 314 5.28 -29.98 -6.09
CA ASN C 314 3.83 -29.97 -5.96
C ASN C 314 3.20 -31.27 -6.43
N LEU C 315 3.81 -31.95 -7.39
CA LEU C 315 3.30 -33.25 -7.83
C LEU C 315 3.58 -34.33 -6.80
N GLN C 316 4.85 -34.46 -6.39
CA GLN C 316 5.22 -35.53 -5.47
C GLN C 316 4.52 -35.38 -4.12
N VAL C 317 4.52 -34.17 -3.56
CA VAL C 317 3.95 -33.96 -2.23
C VAL C 317 2.45 -34.26 -2.25
N SER C 318 1.74 -33.73 -3.25
CA SER C 318 0.30 -33.93 -3.32
C SER C 318 -0.04 -35.41 -3.52
N LEU C 319 0.67 -36.08 -4.43
CA LEU C 319 0.40 -37.49 -4.69
C LEU C 319 0.68 -38.35 -3.47
N LEU C 320 1.72 -38.01 -2.70
CA LEU C 320 1.97 -38.73 -1.45
C LEU C 320 0.87 -38.46 -0.43
N SER C 321 0.42 -37.20 -0.33
CA SER C 321 -0.55 -36.85 0.70
C SER C 321 -1.89 -37.51 0.47
N VAL C 322 -2.40 -37.48 -0.78
CA VAL C 322 -3.75 -37.97 -1.04
C VAL C 322 -3.83 -39.48 -1.19
N ASP C 323 -2.70 -40.17 -1.32
CA ASP C 323 -2.69 -41.60 -1.60
C ASP C 323 -2.14 -42.44 -0.45
N GLY C 324 -0.91 -42.18 -0.03
CA GLY C 324 -0.23 -43.00 0.96
C GLY C 324 -0.25 -42.48 2.37
N MET C 325 -1.06 -41.46 2.66
CA MET C 325 -1.10 -40.87 4.00
C MET C 325 -2.52 -40.54 4.42
N HIS C 326 -3.51 -41.30 3.92
CA HIS C 326 -4.91 -40.93 4.14
C HIS C 326 -5.37 -41.34 5.54
N GLN C 327 -5.45 -42.64 5.80
CA GLN C 327 -5.71 -43.13 7.15
C GLN C 327 -4.44 -43.67 7.80
N ASN C 328 -3.48 -42.77 8.00
CA ASN C 328 -2.17 -43.13 8.54
C ASN C 328 -1.75 -42.07 9.54
N LEU C 329 -1.87 -42.38 10.83
CA LEU C 329 -1.47 -41.47 11.89
C LEU C 329 -0.56 -42.18 12.87
N PRO C 330 0.38 -41.45 13.46
CA PRO C 330 1.26 -42.05 14.47
C PRO C 330 0.47 -42.39 15.73
N PRO C 331 0.96 -43.33 16.54
CA PRO C 331 0.22 -43.74 17.73
C PRO C 331 -0.03 -42.57 18.68
N MET C 332 -1.19 -42.60 19.33
CA MET C 332 -1.59 -41.58 20.28
C MET C 332 -1.17 -42.00 21.68
N GLU C 333 -0.28 -41.22 22.29
CA GLU C 333 0.27 -41.53 23.61
C GLU C 333 0.26 -40.29 24.48
N ARG C 334 0.39 -40.51 25.79
CA ARG C 334 0.45 -39.40 26.72
C ARG C 334 1.72 -38.58 26.49
N ASP C 335 1.61 -37.27 26.69
CA ASP C 335 2.72 -36.37 26.45
C ASP C 335 3.73 -36.43 27.60
N MET C 336 4.85 -35.74 27.42
CA MET C 336 5.83 -35.63 28.50
C MET C 336 5.31 -34.78 29.65
N TYR C 337 4.45 -33.81 29.36
CA TYR C 337 3.89 -32.89 30.35
C TYR C 337 2.45 -33.25 30.68
N TRP C 338 2.15 -34.55 30.80
CA TRP C 338 0.78 -34.97 31.10
C TRP C 338 0.28 -34.36 32.40
N ASN C 339 1.13 -34.32 33.43
CA ASN C 339 0.80 -33.67 34.70
C ASN C 339 1.90 -32.66 35.00
N GLU C 340 1.75 -31.45 34.46
CA GLU C 340 2.70 -30.37 34.69
C GLU C 340 2.04 -29.07 34.29
N ALA C 341 1.87 -28.15 35.24
CA ALA C 341 1.19 -26.89 34.95
C ALA C 341 1.99 -26.03 33.97
N ALA C 342 3.29 -25.91 34.19
CA ALA C 342 4.14 -25.06 33.37
C ALA C 342 5.29 -25.86 32.79
N PRO C 343 5.23 -26.26 31.51
CA PRO C 343 6.37 -26.97 30.91
C PRO C 343 7.60 -26.08 30.83
N GLN C 344 8.77 -26.70 30.97
CA GLN C 344 10.05 -26.00 30.95
C GLN C 344 10.99 -26.72 29.99
N PRO C 345 10.89 -26.43 28.69
CA PRO C 345 11.81 -27.03 27.73
C PRO C 345 13.24 -26.62 28.03
N PRO C 346 14.20 -27.52 27.83
CA PRO C 346 15.59 -27.21 28.17
C PRO C 346 16.25 -26.30 27.14
N TYR C 347 17.31 -25.63 27.58
CA TYR C 347 18.14 -24.78 26.73
C TYR C 347 19.52 -25.39 26.60
N THR C 348 20.03 -25.45 25.38
CA THR C 348 21.38 -25.96 25.16
C THR C 348 22.42 -24.93 25.61
N ALA C 349 23.65 -25.41 25.80
CA ALA C 349 24.72 -24.53 26.23
C ALA C 349 25.04 -23.47 25.17
N ALA C 350 25.00 -23.86 23.89
CA ALA C 350 25.33 -22.92 22.83
C ALA C 350 24.33 -21.78 22.76
N SER C 351 23.07 -22.03 23.12
CA SER C 351 22.02 -21.02 23.09
C SER C 351 21.47 -20.86 24.51
N ALA C 352 22.12 -20.02 25.30
CA ALA C 352 21.67 -19.70 26.65
C ALA C 352 21.58 -18.21 26.90
N ARG C 353 21.97 -17.37 25.94
CA ARG C 353 21.82 -15.93 26.05
C ARG C 353 20.39 -15.48 25.81
N SER C 354 19.62 -16.22 25.02
CA SER C 354 18.28 -15.83 24.62
C SER C 354 17.21 -16.23 25.63
N ARG C 355 17.59 -16.61 26.84
CA ARG C 355 16.62 -16.92 27.90
C ARG C 355 16.09 -15.59 28.44
N ARG C 356 15.16 -15.01 27.69
CA ARG C 356 14.58 -13.72 28.05
C ARG C 356 13.31 -13.92 28.87
N HIS C 357 12.84 -12.83 29.46
CA HIS C 357 11.62 -12.82 30.26
C HIS C 357 10.45 -12.30 29.42
N SER C 358 9.25 -12.75 29.77
CA SER C 358 8.06 -12.39 29.02
C SER C 358 7.76 -10.90 29.13
N PHE C 359 7.39 -10.30 28.00
CA PHE C 359 6.97 -8.91 28.01
C PHE C 359 5.61 -8.78 28.68
N MET C 360 5.47 -7.77 29.55
CA MET C 360 4.25 -7.60 30.33
C MET C 360 3.68 -6.21 30.18
N GLY C 361 3.86 -5.59 29.01
CA GLY C 361 3.28 -4.29 28.76
C GLY C 361 4.29 -3.17 28.95
N SER C 362 4.09 -2.08 28.19
CA SER C 362 5.01 -0.95 28.25
C SER C 362 4.88 -0.21 29.58
N THR C 363 3.66 0.03 30.04
CA THR C 363 3.42 0.80 31.25
C THR C 363 3.54 -0.03 32.53
N PHE C 364 4.15 -1.21 32.45
CA PHE C 364 4.30 -2.04 33.64
C PHE C 364 5.25 -1.41 34.64
N ASN C 365 6.28 -0.73 34.16
CA ASN C 365 7.35 -0.19 35.01
C ASN C 365 7.05 1.22 35.52
N ILE C 366 5.79 1.66 35.48
CA ILE C 366 5.43 2.96 36.00
C ILE C 366 4.45 2.82 37.15
N THR D 2 -3.36 -3.32 -26.25
CA THR D 2 -2.22 -3.26 -25.35
C THR D 2 -0.94 -3.66 -26.07
N ILE D 3 0.17 -3.01 -25.73
CA ILE D 3 1.46 -3.31 -26.32
C ILE D 3 2.14 -4.38 -25.47
N THR D 4 2.49 -5.50 -26.09
CA THR D 4 3.13 -6.61 -25.40
C THR D 4 4.57 -6.74 -25.89
N TYR D 5 5.52 -6.62 -24.96
CA TYR D 5 6.94 -6.78 -25.27
C TYR D 5 7.64 -7.63 -24.22
N THR D 6 6.89 -8.47 -23.49
CA THR D 6 7.46 -9.27 -22.42
C THR D 6 8.48 -10.27 -22.94
N ASN D 7 8.23 -10.87 -24.10
CA ASN D 7 9.15 -11.87 -24.64
C ASN D 7 10.46 -11.25 -25.10
N LYS D 8 10.49 -9.95 -25.39
CA LYS D 8 11.72 -9.30 -25.82
C LYS D 8 12.62 -8.90 -24.66
N VAL D 9 12.13 -8.97 -23.42
CA VAL D 9 12.91 -8.54 -22.27
C VAL D 9 12.96 -9.67 -21.25
N ALA D 10 12.90 -10.91 -21.72
CA ALA D 10 12.93 -12.05 -20.81
C ALA D 10 14.25 -12.13 -20.06
N ASN D 11 15.37 -11.90 -20.75
CA ASN D 11 16.69 -11.95 -20.15
C ASN D 11 17.36 -10.58 -20.24
N ALA D 12 18.26 -10.33 -19.30
CA ALA D 12 19.01 -9.06 -19.25
C ALA D 12 20.30 -9.25 -20.03
N ARG D 13 20.28 -8.87 -21.30
CA ARG D 13 21.43 -8.96 -22.18
C ARG D 13 21.84 -7.55 -22.62
N LEU D 14 22.88 -7.49 -23.45
CA LEU D 14 23.39 -6.19 -23.90
C LEU D 14 22.35 -5.45 -24.74
N GLY D 15 21.82 -6.10 -25.76
CA GLY D 15 20.80 -5.49 -26.60
C GLY D 15 19.38 -5.85 -26.19
N SER D 16 18.98 -5.46 -24.98
CA SER D 16 17.65 -5.77 -24.47
C SER D 16 16.78 -4.53 -24.33
N PHE D 17 17.24 -3.53 -23.58
CA PHE D 17 16.47 -2.29 -23.42
C PHE D 17 16.81 -1.26 -24.49
N SER D 18 18.03 -1.27 -25.00
CA SER D 18 18.40 -0.34 -26.06
C SER D 18 17.73 -0.66 -27.39
N SER D 19 17.21 -1.86 -27.56
CA SER D 19 16.50 -2.25 -28.77
C SER D 19 15.04 -1.82 -28.76
N LEU D 20 14.52 -1.36 -27.62
CA LEU D 20 13.16 -0.88 -27.53
C LEU D 20 13.01 0.58 -27.95
N LEU D 21 14.11 1.25 -28.28
CA LEU D 21 14.08 2.63 -28.72
C LEU D 21 13.85 2.77 -30.22
N LEU D 22 13.74 1.66 -30.94
CA LEU D 22 13.53 1.67 -32.38
C LEU D 22 12.17 1.10 -32.76
N CYS D 23 11.19 1.21 -31.86
CA CYS D 23 9.84 0.74 -32.09
C CYS D 23 8.92 1.94 -32.31
N TRP D 24 8.04 1.82 -33.30
CA TRP D 24 7.15 2.94 -33.64
C TRP D 24 5.89 2.94 -32.77
N ARG D 25 5.13 1.85 -32.83
CA ARG D 25 3.82 1.83 -32.18
C ARG D 25 3.96 1.83 -30.67
N GLY D 26 3.27 2.76 -30.02
CA GLY D 26 3.30 2.86 -28.57
C GLY D 26 4.47 3.63 -27.99
N SER D 27 5.32 4.21 -28.82
CA SER D 27 6.52 4.90 -28.36
C SER D 27 6.31 6.41 -28.35
N ILE D 28 7.25 7.11 -27.71
CA ILE D 28 7.17 8.56 -27.57
C ILE D 28 7.20 9.24 -28.92
N TYR D 29 7.80 8.61 -29.93
CA TYR D 29 7.87 9.19 -31.26
C TYR D 29 6.49 9.30 -31.91
N LYS D 30 5.53 8.51 -31.45
CA LYS D 30 4.17 8.56 -31.98
C LYS D 30 3.30 9.58 -31.26
N LEU D 31 3.63 9.94 -30.02
CA LEU D 31 2.84 10.91 -29.26
C LEU D 31 3.41 12.32 -29.30
N LEU D 32 4.72 12.48 -29.47
CA LEU D 32 5.34 13.79 -29.43
C LEU D 32 5.44 14.46 -30.79
N TYR D 33 4.93 13.83 -31.84
CA TYR D 33 5.08 14.38 -33.18
C TYR D 33 4.35 15.71 -33.33
N GLY D 34 3.14 15.80 -32.78
CA GLY D 34 2.36 17.02 -32.93
C GLY D 34 2.89 18.20 -32.15
N GLU D 35 3.69 17.95 -31.11
CA GLU D 35 4.23 19.02 -30.28
C GLU D 35 5.67 19.38 -30.62
N PHE D 36 6.46 18.43 -31.10
CA PHE D 36 7.84 18.74 -31.47
C PHE D 36 7.90 19.72 -32.63
N LEU D 37 6.99 19.58 -33.61
CA LEU D 37 6.97 20.51 -34.73
C LEU D 37 6.67 21.93 -34.27
N VAL D 38 5.69 22.09 -33.37
CA VAL D 38 5.36 23.42 -32.85
C VAL D 38 6.55 23.98 -32.07
N PHE D 39 7.18 23.16 -31.24
CA PHE D 39 8.33 23.65 -30.46
C PHE D 39 9.46 24.09 -31.38
N ILE D 40 9.77 23.30 -32.41
CA ILE D 40 10.85 23.65 -33.32
C ILE D 40 10.52 24.91 -34.10
N PHE D 41 9.28 25.03 -34.58
CA PHE D 41 8.88 26.23 -35.31
C PHE D 41 8.98 27.47 -34.43
N LEU D 42 8.53 27.37 -33.18
CA LEU D 42 8.63 28.51 -32.26
C LEU D 42 10.08 28.86 -31.97
N TYR D 43 10.93 27.84 -31.79
CA TYR D 43 12.34 28.11 -31.51
C TYR D 43 13.03 28.79 -32.69
N TYR D 44 12.75 28.32 -33.91
CA TYR D 44 13.41 28.88 -35.09
C TYR D 44 12.74 30.15 -35.61
N SER D 45 11.58 30.53 -35.06
CA SER D 45 10.99 31.80 -35.41
C SER D 45 11.62 32.97 -34.64
N ILE D 46 12.51 32.69 -33.69
CA ILE D 46 13.20 33.74 -32.94
C ILE D 46 14.61 33.88 -33.49
N ARG D 47 15.17 32.76 -33.97
CA ARG D 47 16.44 32.77 -34.69
C ARG D 47 16.10 33.03 -36.16
N GLY D 48 16.06 34.30 -36.51
CA GLY D 48 15.50 34.74 -37.78
C GLY D 48 14.79 36.06 -37.56
N LEU D 49 14.51 36.36 -36.30
CA LEU D 49 14.10 37.70 -35.87
C LEU D 49 15.22 38.40 -35.12
N TYR D 50 15.79 37.75 -34.11
CA TYR D 50 16.88 38.36 -33.33
C TYR D 50 18.10 38.62 -34.19
N ARG D 51 18.29 37.85 -35.27
CA ARG D 51 19.50 37.96 -36.07
C ARG D 51 19.36 38.85 -37.30
N MET D 52 18.14 39.06 -37.81
CA MET D 52 17.99 39.82 -39.05
C MET D 52 16.82 40.80 -39.04
N VAL D 53 16.16 41.02 -37.91
CA VAL D 53 15.05 41.96 -37.81
C VAL D 53 15.31 43.02 -36.74
N LEU D 54 15.64 42.59 -35.53
CA LEU D 54 15.94 43.53 -34.46
C LEU D 54 17.25 44.27 -34.75
N SER D 55 17.24 45.57 -34.46
CA SER D 55 18.41 46.40 -34.71
C SER D 55 19.41 46.29 -33.57
N SER D 56 20.55 46.96 -33.71
CA SER D 56 21.57 46.94 -32.67
C SER D 56 21.05 47.55 -31.37
N ASP D 57 20.16 48.53 -31.48
CA ASP D 57 19.56 49.10 -30.27
C ASP D 57 18.67 48.08 -29.57
N GLN D 58 17.76 47.44 -30.30
CA GLN D 58 16.93 46.39 -29.74
C GLN D 58 17.57 45.01 -29.99
N GLN D 59 18.88 44.94 -29.73
CA GLN D 59 19.56 43.66 -29.68
C GLN D 59 20.35 43.52 -28.38
N LEU D 60 20.36 44.54 -27.53
CA LEU D 60 20.98 44.45 -26.21
C LEU D 60 19.95 44.33 -25.10
N LEU D 61 18.68 44.67 -25.37
CA LEU D 61 17.59 44.35 -24.47
C LEU D 61 17.10 42.92 -24.62
N PHE D 62 17.40 42.27 -25.75
CA PHE D 62 17.12 40.86 -25.94
C PHE D 62 18.10 39.98 -25.17
N GLU D 63 19.38 40.37 -25.14
CA GLU D 63 20.38 39.61 -24.43
C GLU D 63 20.20 39.69 -22.91
N LYS D 64 19.75 40.82 -22.38
CA LYS D 64 19.43 40.93 -20.97
C LYS D 64 18.23 40.09 -20.58
N LEU D 65 17.31 39.84 -21.51
CA LEU D 65 16.22 38.90 -21.30
C LEU D 65 16.72 37.45 -21.39
N ALA D 66 17.62 37.17 -22.32
CA ALA D 66 18.17 35.84 -22.44
C ALA D 66 18.97 35.44 -21.20
N LEU D 67 19.73 36.37 -20.63
CA LEU D 67 20.49 36.08 -19.42
C LEU D 67 19.65 36.13 -18.15
N TYR D 68 18.45 36.71 -18.21
CA TYR D 68 17.58 36.79 -17.05
C TYR D 68 16.61 35.62 -16.97
N CYS D 69 16.09 35.18 -18.12
CA CYS D 69 15.25 33.99 -18.17
C CYS D 69 16.12 32.75 -18.29
N ASP D 70 17.12 32.66 -17.41
CA ASP D 70 18.02 31.51 -17.38
C ASP D 70 18.31 31.02 -15.97
N SER D 71 18.04 31.80 -14.94
CA SER D 71 18.14 31.35 -13.56
C SER D 71 16.84 30.74 -13.05
N TYR D 72 15.79 30.77 -13.86
CA TYR D 72 14.50 30.19 -13.50
C TYR D 72 14.28 28.82 -14.15
N ILE D 73 15.30 28.27 -14.78
CA ILE D 73 15.25 26.92 -15.35
C ILE D 73 15.87 26.01 -14.29
N GLN D 74 15.01 25.45 -13.44
CA GLN D 74 15.44 24.55 -12.37
C GLN D 74 14.67 23.24 -12.50
N LEU D 75 15.37 22.13 -12.26
CA LEU D 75 14.86 20.80 -12.56
C LEU D 75 14.33 20.07 -11.32
N ILE D 76 14.34 20.72 -10.16
CA ILE D 76 13.92 20.07 -8.92
C ILE D 76 12.39 20.00 -8.81
N PRO D 77 11.66 21.14 -8.87
CA PRO D 77 10.20 21.05 -8.62
C PRO D 77 9.45 20.33 -9.73
N ILE D 78 9.89 20.51 -10.97
CA ILE D 78 9.24 19.82 -12.09
C ILE D 78 9.41 18.31 -11.95
N SER D 79 10.62 17.86 -11.58
CA SER D 79 10.85 16.44 -11.37
C SER D 79 10.16 15.91 -10.12
N PHE D 80 9.86 16.78 -9.16
CA PHE D 80 9.06 16.32 -8.02
C PHE D 80 7.60 16.10 -8.41
N VAL D 81 6.99 17.08 -9.09
CA VAL D 81 5.59 16.97 -9.46
C VAL D 81 5.39 15.83 -10.46
N LEU D 82 6.22 15.79 -11.50
CA LEU D 82 6.24 14.65 -12.41
C LEU D 82 7.00 13.54 -11.71
N GLY D 83 6.27 12.63 -11.08
CA GLY D 83 6.89 11.63 -10.24
C GLY D 83 6.10 11.45 -8.97
N PHE D 84 5.50 12.53 -8.47
CA PHE D 84 4.46 12.39 -7.47
C PHE D 84 3.06 12.34 -8.08
N TYR D 85 2.94 12.67 -9.37
CA TYR D 85 1.66 12.58 -10.08
C TYR D 85 1.53 11.29 -10.89
N VAL D 86 2.60 10.91 -11.60
CA VAL D 86 2.57 9.73 -12.44
C VAL D 86 2.41 8.46 -11.62
N THR D 87 2.99 8.43 -10.41
CA THR D 87 2.82 7.26 -9.54
C THR D 87 1.35 7.05 -9.18
N LEU D 88 0.65 8.12 -8.81
CA LEU D 88 -0.77 8.02 -8.51
C LEU D 88 -1.56 7.60 -9.74
N VAL D 89 -1.21 8.14 -10.91
CA VAL D 89 -1.90 7.77 -12.14
C VAL D 89 -1.75 6.28 -12.42
N VAL D 90 -0.52 5.77 -12.26
CA VAL D 90 -0.27 4.35 -12.54
C VAL D 90 -0.98 3.46 -11.52
N SER D 91 -0.99 3.87 -10.25
CA SER D 91 -1.68 3.09 -9.22
C SER D 91 -3.17 3.01 -9.51
N ARG D 92 -3.77 4.13 -9.94
CA ARG D 92 -5.17 4.09 -10.35
C ARG D 92 -5.38 3.22 -11.59
N TRP D 93 -4.45 3.28 -12.54
CA TRP D 93 -4.59 2.52 -13.77
C TRP D 93 -4.60 1.02 -13.51
N TRP D 94 -3.75 0.54 -12.62
CA TRP D 94 -3.75 -0.89 -12.32
C TRP D 94 -5.00 -1.32 -11.57
N SER D 95 -5.45 -0.51 -10.61
CA SER D 95 -6.67 -0.83 -9.88
C SER D 95 -7.90 -0.83 -10.77
N GLN D 96 -7.89 -0.01 -11.83
CA GLN D 96 -9.00 -0.06 -12.79
C GLN D 96 -9.05 -1.38 -13.55
N TYR D 97 -7.93 -2.09 -13.65
CA TYR D 97 -7.92 -3.41 -14.27
C TYR D 97 -8.18 -4.54 -13.29
N GLU D 98 -7.77 -4.38 -12.02
CA GLU D 98 -8.05 -5.42 -11.05
C GLU D 98 -9.53 -5.57 -10.74
N ASN D 99 -10.36 -4.63 -11.18
CA ASN D 99 -11.80 -4.65 -10.93
C ASN D 99 -12.61 -5.10 -12.13
N LEU D 100 -11.96 -5.66 -13.15
CA LEU D 100 -12.67 -6.13 -14.34
C LEU D 100 -13.38 -7.44 -14.02
N PRO D 101 -14.70 -7.53 -14.23
CA PRO D 101 -15.43 -8.76 -13.88
C PRO D 101 -15.09 -9.89 -14.84
N TRP D 102 -14.60 -11.00 -14.28
CA TRP D 102 -14.39 -12.24 -15.03
C TRP D 102 -15.38 -13.28 -14.55
N PRO D 103 -16.27 -13.78 -15.41
CA PRO D 103 -17.27 -14.77 -14.99
C PRO D 103 -16.75 -16.20 -15.00
N ASP D 104 -15.56 -16.41 -14.44
CA ASP D 104 -14.95 -17.72 -14.38
C ASP D 104 -15.18 -18.44 -13.06
N ARG D 105 -15.35 -17.71 -11.96
CA ARG D 105 -15.66 -18.31 -10.68
C ARG D 105 -17.14 -18.64 -10.52
N LEU D 106 -18.00 -18.12 -11.38
CA LEU D 106 -19.43 -18.35 -11.33
C LEU D 106 -19.89 -19.49 -12.22
N MET D 107 -19.31 -19.61 -13.42
CA MET D 107 -19.71 -20.69 -14.33
C MET D 107 -19.33 -22.05 -13.76
N ILE D 108 -18.27 -22.11 -12.96
CA ILE D 108 -17.87 -23.38 -12.34
C ILE D 108 -18.99 -23.90 -11.44
N GLN D 109 -19.57 -23.02 -10.62
CA GLN D 109 -20.66 -23.42 -9.73
C GLN D 109 -21.98 -23.59 -10.48
N VAL D 110 -22.22 -22.80 -11.53
CA VAL D 110 -23.47 -22.94 -12.28
C VAL D 110 -23.49 -24.27 -13.03
N SER D 111 -22.35 -24.70 -13.56
CA SER D 111 -22.29 -25.94 -14.32
C SER D 111 -22.43 -27.17 -13.42
N SER D 112 -22.33 -27.01 -12.10
CA SER D 112 -22.36 -28.14 -11.18
C SER D 112 -23.60 -28.17 -10.30
N PHE D 113 -23.90 -27.07 -9.62
CA PHE D 113 -24.98 -27.09 -8.63
C PHE D 113 -26.34 -27.31 -9.28
N VAL D 114 -26.61 -26.65 -10.40
CA VAL D 114 -27.88 -26.83 -11.10
C VAL D 114 -27.86 -28.19 -11.79
N GLU D 115 -28.90 -28.99 -11.55
CA GLU D 115 -28.92 -30.38 -11.97
C GLU D 115 -29.99 -30.56 -13.04
N GLY D 116 -29.57 -31.03 -14.21
CA GLY D 116 -30.48 -31.30 -15.31
C GLY D 116 -29.70 -31.39 -16.60
N LYS D 117 -30.10 -32.34 -17.44
CA LYS D 117 -29.44 -32.56 -18.73
C LYS D 117 -30.48 -32.71 -19.84
N ASP D 118 -31.47 -31.82 -19.86
CA ASP D 118 -32.50 -31.82 -20.89
C ASP D 118 -32.99 -30.39 -21.06
N GLU D 119 -34.14 -30.25 -21.72
CA GLU D 119 -34.80 -28.95 -21.75
C GLU D 119 -35.39 -28.65 -20.37
N GLU D 120 -35.55 -27.36 -20.09
CA GLU D 120 -35.94 -26.80 -18.81
C GLU D 120 -34.85 -26.96 -17.76
N GLY D 121 -33.75 -27.63 -18.08
CA GLY D 121 -32.58 -27.68 -17.23
C GLY D 121 -31.39 -27.08 -17.95
N ARG D 122 -31.49 -27.00 -19.27
CA ARG D 122 -30.50 -26.35 -20.11
C ARG D 122 -30.79 -24.85 -20.26
N LEU D 123 -32.06 -24.52 -20.51
CA LEU D 123 -32.45 -23.12 -20.65
C LEU D 123 -32.22 -22.36 -19.35
N LEU D 124 -32.50 -22.99 -18.22
CA LEU D 124 -32.28 -22.34 -16.93
C LEU D 124 -30.82 -21.96 -16.76
N ARG D 125 -29.90 -22.89 -17.01
CA ARG D 125 -28.48 -22.60 -16.87
C ARG D 125 -28.03 -21.54 -17.86
N ARG D 126 -28.52 -21.62 -19.10
CA ARG D 126 -28.10 -20.64 -20.11
C ARG D 126 -28.56 -19.24 -19.75
N THR D 127 -29.80 -19.08 -19.28
CA THR D 127 -30.26 -17.76 -18.87
C THR D 127 -29.52 -17.27 -17.63
N LEU D 128 -29.26 -18.16 -16.67
CA LEU D 128 -28.52 -17.78 -15.47
C LEU D 128 -27.13 -17.29 -15.82
N ILE D 129 -26.49 -17.87 -16.83
CA ILE D 129 -25.17 -17.41 -17.23
C ILE D 129 -25.23 -16.21 -18.19
N ARG D 130 -26.35 -16.00 -18.87
CA ARG D 130 -26.48 -14.84 -19.74
C ARG D 130 -26.74 -13.56 -18.94
N TYR D 131 -27.44 -13.68 -17.81
CA TYR D 131 -27.68 -12.49 -17.00
C TYR D 131 -26.39 -11.86 -16.47
N ALA D 132 -25.44 -12.68 -16.01
CA ALA D 132 -24.17 -12.18 -15.51
C ALA D 132 -23.31 -11.54 -16.59
N ILE D 133 -23.52 -11.88 -17.86
CA ILE D 133 -22.81 -11.26 -18.97
C ILE D 133 -23.50 -9.98 -19.41
N LEU D 134 -24.83 -9.97 -19.43
CA LEU D 134 -25.56 -8.73 -19.68
C LEU D 134 -25.22 -7.68 -18.64
N GLY D 135 -25.03 -8.10 -17.39
CA GLY D 135 -24.65 -7.17 -16.35
C GLY D 135 -23.33 -6.48 -16.62
N GLN D 136 -22.34 -7.22 -17.12
CA GLN D 136 -21.04 -6.62 -17.42
C GLN D 136 -21.08 -5.81 -18.73
N VAL D 137 -21.91 -6.22 -19.69
CA VAL D 137 -22.02 -5.46 -20.93
C VAL D 137 -22.68 -4.10 -20.66
N LEU D 138 -23.66 -4.07 -19.77
CA LEU D 138 -24.36 -2.82 -19.49
C LEU D 138 -23.49 -1.81 -18.77
N ILE D 139 -22.40 -2.24 -18.13
CA ILE D 139 -21.49 -1.32 -17.46
C ILE D 139 -20.28 -1.00 -18.34
N LEU D 140 -19.77 -1.96 -19.09
CA LEU D 140 -18.72 -1.62 -20.05
C LEU D 140 -19.33 -1.05 -21.33
N ARG D 141 -20.27 -0.12 -21.16
CA ARG D 141 -20.84 0.66 -22.25
C ARG D 141 -21.00 2.13 -21.92
N SER D 142 -20.95 2.50 -20.64
CA SER D 142 -21.03 3.89 -20.22
C SER D 142 -19.67 4.45 -19.81
N ILE D 143 -18.65 3.61 -19.70
CA ILE D 143 -17.31 4.05 -19.36
C ILE D 143 -16.35 3.95 -20.54
N SER D 144 -16.52 2.99 -21.43
CA SER D 144 -15.64 2.78 -22.56
C SER D 144 -16.24 3.39 -23.83
N THR D 145 -15.36 3.76 -24.75
CA THR D 145 -15.76 4.36 -26.02
C THR D 145 -15.80 3.37 -27.16
N SER D 146 -14.82 2.45 -27.23
CA SER D 146 -14.81 1.45 -28.28
C SER D 146 -15.96 0.47 -28.19
N VAL D 147 -16.63 0.38 -27.04
CA VAL D 147 -17.79 -0.48 -26.88
C VAL D 147 -19.05 0.32 -27.15
N TYR D 148 -19.03 1.61 -26.81
CA TYR D 148 -20.18 2.46 -27.11
C TYR D 148 -20.35 2.62 -28.61
N LYS D 149 -19.25 2.81 -29.35
CA LYS D 149 -19.37 2.89 -30.80
C LYS D 149 -19.79 1.57 -31.43
N ARG D 150 -19.71 0.47 -30.69
CA ARG D 150 -20.15 -0.83 -31.19
C ARG D 150 -21.59 -1.13 -30.81
N PHE D 151 -22.07 -0.59 -29.69
CA PHE D 151 -23.46 -0.75 -29.25
C PHE D 151 -24.04 0.63 -28.96
N PRO D 152 -24.29 1.43 -30.00
CA PRO D 152 -24.77 2.80 -29.77
C PRO D 152 -26.15 2.88 -29.13
N THR D 153 -26.97 1.85 -29.26
CA THR D 153 -28.34 1.88 -28.75
C THR D 153 -28.64 0.55 -28.07
N LEU D 154 -29.57 0.59 -27.11
CA LEU D 154 -29.98 -0.64 -26.44
C LEU D 154 -30.67 -1.62 -27.39
N HIS D 155 -31.12 -1.15 -28.56
CA HIS D 155 -31.66 -2.05 -29.56
C HIS D 155 -30.58 -2.82 -30.29
N HIS D 156 -29.34 -2.35 -30.26
CA HIS D 156 -28.24 -3.07 -30.87
C HIS D 156 -27.82 -4.29 -30.06
N LEU D 157 -28.15 -4.31 -28.77
CA LEU D 157 -27.85 -5.49 -27.96
C LEU D 157 -28.79 -6.64 -28.28
N VAL D 158 -30.01 -6.33 -28.73
CA VAL D 158 -30.95 -7.38 -29.11
C VAL D 158 -30.47 -8.10 -30.36
N LEU D 159 -29.95 -7.35 -31.33
CA LEU D 159 -29.51 -7.94 -32.60
C LEU D 159 -28.24 -8.76 -32.47
N ALA D 160 -27.46 -8.57 -31.40
CA ALA D 160 -26.22 -9.30 -31.23
C ALA D 160 -26.37 -10.56 -30.38
N GLY D 161 -27.56 -10.81 -29.82
CA GLY D 161 -27.82 -11.98 -29.02
C GLY D 161 -27.61 -11.80 -27.54
N PHE D 162 -27.08 -10.65 -27.10
CA PHE D 162 -26.90 -10.42 -25.67
C PHE D 162 -28.23 -10.28 -24.94
N MET D 163 -29.21 -9.65 -25.56
CA MET D 163 -30.50 -9.36 -24.96
C MET D 163 -31.60 -10.12 -25.70
N THR D 164 -32.83 -9.91 -25.25
CA THR D 164 -34.00 -10.51 -25.87
C THR D 164 -35.10 -9.47 -25.97
N HIS D 165 -36.01 -9.67 -26.93
CA HIS D 165 -37.12 -8.73 -27.10
C HIS D 165 -38.02 -8.71 -25.88
N GLY D 166 -38.13 -9.82 -25.16
CA GLY D 166 -38.93 -9.83 -23.94
C GLY D 166 -38.26 -9.10 -22.80
N GLU D 167 -36.92 -9.08 -22.77
CA GLU D 167 -36.17 -8.36 -21.75
C GLU D 167 -36.08 -6.88 -22.04
N HIS D 168 -36.02 -6.48 -23.31
CA HIS D 168 -35.95 -5.07 -23.66
C HIS D 168 -37.19 -4.33 -23.20
N LYS D 169 -38.37 -4.91 -23.44
CA LYS D 169 -39.62 -4.28 -23.05
C LYS D 169 -39.77 -4.17 -21.53
N GLN D 170 -39.17 -5.10 -20.79
CA GLN D 170 -39.19 -5.03 -19.33
C GLN D 170 -38.19 -4.05 -18.77
N LEU D 171 -37.01 -3.93 -19.39
CA LEU D 171 -36.04 -2.92 -18.97
C LEU D 171 -36.46 -1.52 -19.36
N GLN D 172 -37.35 -1.39 -20.36
CA GLN D 172 -37.88 -0.10 -20.74
C GLN D 172 -38.99 0.40 -19.82
N LYS D 173 -39.42 -0.40 -18.85
CA LYS D 173 -40.61 -0.09 -18.08
C LYS D 173 -40.28 -0.08 -16.60
N LEU D 174 -39.22 0.63 -16.24
CA LEU D 174 -38.83 0.80 -14.84
C LEU D 174 -39.18 2.16 -14.27
N GLY D 175 -39.21 3.20 -15.12
CA GLY D 175 -39.55 4.54 -14.66
C GLY D 175 -38.56 5.16 -13.70
N LEU D 176 -37.27 4.98 -13.94
CA LEU D 176 -36.23 5.56 -13.11
C LEU D 176 -35.25 6.32 -14.01
N PRO D 177 -34.89 7.55 -13.65
CA PRO D 177 -33.96 8.32 -14.50
C PRO D 177 -32.51 7.89 -14.38
N HIS D 178 -32.16 7.06 -13.41
CA HIS D 178 -30.78 6.68 -13.18
C HIS D 178 -30.37 5.57 -14.15
N ASN D 179 -29.09 5.19 -14.09
CA ASN D 179 -28.59 4.11 -14.92
C ASN D 179 -29.22 2.78 -14.51
N THR D 180 -29.28 1.85 -15.45
CA THR D 180 -29.96 0.58 -15.23
C THR D 180 -29.01 -0.60 -15.37
N PHE D 181 -27.84 -0.51 -14.76
CA PHE D 181 -26.87 -1.59 -14.80
C PHE D 181 -26.98 -2.54 -13.62
N TRP D 182 -28.04 -2.43 -12.82
CA TRP D 182 -28.23 -3.28 -11.65
C TRP D 182 -29.39 -4.25 -11.77
N VAL D 183 -30.22 -4.13 -12.81
CA VAL D 183 -31.41 -4.97 -12.98
C VAL D 183 -31.05 -6.44 -13.19
N PRO D 184 -30.07 -6.79 -14.04
CA PRO D 184 -29.73 -8.21 -14.19
C PRO D 184 -29.28 -8.88 -12.91
N TRP D 185 -28.65 -8.15 -11.99
CA TRP D 185 -28.22 -8.75 -10.73
C TRP D 185 -29.40 -9.12 -9.84
N VAL D 186 -30.55 -8.47 -10.01
CA VAL D 186 -31.76 -8.86 -9.30
C VAL D 186 -32.50 -9.96 -10.04
N TRP D 187 -32.50 -9.90 -11.37
CA TRP D 187 -33.10 -10.97 -12.15
C TRP D 187 -32.42 -12.31 -11.88
N PHE D 188 -31.09 -12.29 -11.76
CA PHE D 188 -30.35 -13.52 -11.47
C PHE D 188 -30.77 -14.11 -10.14
N ALA D 189 -30.89 -13.27 -9.11
CA ALA D 189 -31.27 -13.77 -7.79
C ALA D 189 -32.67 -14.34 -7.80
N ASN D 190 -33.61 -13.65 -8.46
CA ASN D 190 -34.98 -14.15 -8.51
C ASN D 190 -35.06 -15.47 -9.27
N LEU D 191 -34.34 -15.57 -10.39
CA LEU D 191 -34.35 -16.81 -11.16
C LEU D 191 -33.72 -17.95 -10.36
N SER D 192 -32.64 -17.68 -9.62
CA SER D 192 -32.03 -18.72 -8.82
C SER D 192 -32.95 -19.19 -7.70
N MET D 193 -33.66 -18.27 -7.05
CA MET D 193 -34.62 -18.68 -6.02
C MET D 193 -35.76 -19.50 -6.62
N LYS D 194 -36.25 -19.09 -7.80
CA LYS D 194 -37.30 -19.87 -8.46
C LYS D 194 -36.81 -21.25 -8.83
N ALA D 195 -35.55 -21.36 -9.28
CA ALA D 195 -34.96 -22.66 -9.59
C ALA D 195 -34.84 -23.52 -8.34
N TYR D 196 -34.44 -22.91 -7.22
CA TYR D 196 -34.35 -23.67 -5.97
C TYR D 196 -35.71 -24.20 -5.56
N LEU D 197 -36.76 -23.38 -5.69
CA LEU D 197 -38.10 -23.88 -5.41
C LEU D 197 -38.67 -24.60 -6.62
N GLY D 198 -37.87 -25.49 -7.22
CA GLY D 198 -38.33 -26.31 -8.32
C GLY D 198 -37.66 -27.67 -8.32
N GLY D 199 -36.90 -27.96 -7.27
CA GLY D 199 -36.16 -29.21 -7.17
C GLY D 199 -34.85 -29.24 -7.92
N ARG D 200 -34.44 -28.15 -8.55
CA ARG D 200 -33.18 -28.15 -9.30
C ARG D 200 -31.99 -28.08 -8.35
N ILE D 201 -31.89 -27.01 -7.57
CA ILE D 201 -30.88 -26.92 -6.53
C ILE D 201 -31.39 -27.62 -5.28
N ARG D 202 -30.62 -28.58 -4.78
CA ARG D 202 -31.10 -29.49 -3.75
C ARG D 202 -30.75 -29.06 -2.33
N ASP D 203 -30.11 -27.90 -2.15
CA ASP D 203 -29.75 -27.45 -0.82
C ASP D 203 -29.66 -25.93 -0.79
N THR D 204 -29.78 -25.39 0.42
CA THR D 204 -29.66 -23.95 0.61
C THR D 204 -28.21 -23.49 0.71
N VAL D 205 -27.29 -24.37 1.10
CA VAL D 205 -25.89 -24.01 1.14
C VAL D 205 -25.38 -23.70 -0.26
N LEU D 206 -25.78 -24.51 -1.24
CA LEU D 206 -25.37 -24.26 -2.63
C LEU D 206 -25.94 -22.94 -3.14
N LEU D 207 -27.19 -22.64 -2.80
CA LEU D 207 -27.80 -21.38 -3.24
C LEU D 207 -27.11 -20.18 -2.60
N GLN D 208 -26.77 -20.27 -1.31
CA GLN D 208 -26.03 -19.20 -0.66
C GLN D 208 -24.65 -19.02 -1.29
N SER D 209 -23.98 -20.12 -1.61
CA SER D 209 -22.69 -20.03 -2.29
C SER D 209 -22.83 -19.38 -3.66
N LEU D 210 -23.91 -19.69 -4.38
CA LEU D 210 -24.16 -19.06 -5.67
C LEU D 210 -24.37 -17.57 -5.52
N MET D 211 -25.14 -17.14 -4.52
CA MET D 211 -25.40 -15.72 -4.33
C MET D 211 -24.15 -14.97 -3.87
N ASN D 212 -23.27 -15.63 -3.13
CA ASN D 212 -22.06 -14.97 -2.65
C ASN D 212 -21.13 -14.58 -3.80
N GLU D 213 -21.12 -15.35 -4.89
CA GLU D 213 -20.28 -15.04 -6.04
C GLU D 213 -20.88 -13.97 -6.95
N VAL D 214 -22.17 -13.68 -6.81
CA VAL D 214 -22.78 -12.57 -7.54
C VAL D 214 -22.67 -11.27 -6.73
N CYS D 215 -22.73 -11.36 -5.40
CA CYS D 215 -22.54 -10.19 -4.57
C CYS D 215 -21.14 -9.58 -4.70
N THR D 216 -20.18 -10.34 -5.24
CA THR D 216 -18.84 -9.82 -5.50
C THR D 216 -18.73 -9.17 -6.87
N LEU D 217 -19.38 -9.75 -7.88
CA LEU D 217 -19.44 -9.11 -9.19
C LEU D 217 -20.19 -7.80 -9.11
N ARG D 218 -21.18 -7.69 -8.23
CA ARG D 218 -21.85 -6.40 -8.03
C ARG D 218 -20.86 -5.34 -7.58
N THR D 219 -20.02 -5.66 -6.58
CA THR D 219 -19.01 -4.72 -6.11
C THR D 219 -18.00 -4.38 -7.19
N GLN D 220 -17.55 -5.38 -7.96
CA GLN D 220 -16.59 -5.12 -9.02
C GLN D 220 -17.17 -4.22 -10.10
N CYS D 221 -18.44 -4.42 -10.46
CA CYS D 221 -19.08 -3.53 -11.42
C CYS D 221 -19.35 -2.14 -10.87
N GLY D 222 -19.61 -2.01 -9.57
CA GLY D 222 -19.83 -0.70 -8.99
C GLY D 222 -18.56 0.11 -8.86
N GLN D 223 -17.44 -0.56 -8.60
CA GLN D 223 -16.17 0.12 -8.48
C GLN D 223 -15.69 0.74 -9.78
N LEU D 224 -15.92 0.08 -10.92
CA LEU D 224 -15.57 0.67 -12.22
C LEU D 224 -16.37 1.95 -12.47
N TYR D 225 -17.66 1.92 -12.18
CA TYR D 225 -18.50 3.10 -12.32
C TYR D 225 -18.03 4.23 -11.40
N ALA D 226 -17.67 3.90 -10.15
CA ALA D 226 -17.15 4.91 -9.25
C ALA D 226 -15.85 5.51 -9.76
N TYR D 227 -14.93 4.67 -10.25
CA TYR D 227 -13.67 5.13 -10.80
C TYR D 227 -13.87 6.05 -12.01
N ASP D 228 -14.81 5.72 -12.89
CA ASP D 228 -15.10 6.57 -14.03
C ASP D 228 -15.81 7.86 -13.64
N TRP D 229 -16.67 7.83 -12.64
CA TRP D 229 -17.41 9.02 -12.25
C TRP D 229 -16.54 10.02 -11.51
N ILE D 230 -15.67 9.54 -10.62
CA ILE D 230 -14.80 10.39 -9.82
C ILE D 230 -13.38 10.28 -10.36
N SER D 231 -12.81 11.40 -10.78
CA SER D 231 -11.50 11.44 -11.41
C SER D 231 -10.55 12.28 -10.56
N ILE D 232 -9.29 12.31 -11.00
CA ILE D 232 -8.26 13.08 -10.29
C ILE D 232 -8.62 14.56 -10.36
N PRO D 233 -8.43 15.33 -9.29
CA PRO D 233 -8.89 16.73 -9.29
C PRO D 233 -8.27 17.56 -10.41
N LEU D 234 -9.09 18.43 -10.99
CA LEU D 234 -8.63 19.29 -12.07
C LEU D 234 -7.53 20.24 -11.62
N VAL D 235 -7.53 20.62 -10.34
CA VAL D 235 -6.45 21.45 -9.82
C VAL D 235 -5.12 20.71 -9.94
N TYR D 236 -5.10 19.46 -9.50
CA TYR D 236 -3.88 18.67 -9.56
C TYR D 236 -3.48 18.39 -11.01
N THR D 237 -4.46 18.21 -11.89
CA THR D 237 -4.14 18.01 -13.30
C THR D 237 -3.55 19.26 -13.92
N GLN D 238 -4.06 20.44 -13.55
CA GLN D 238 -3.60 21.69 -14.16
C GLN D 238 -2.25 22.14 -13.63
N VAL D 239 -1.93 21.82 -12.37
CA VAL D 239 -0.67 22.29 -11.79
C VAL D 239 0.52 21.73 -12.56
N VAL D 240 0.48 20.43 -12.89
CA VAL D 240 1.59 19.81 -13.60
C VAL D 240 1.74 20.41 -14.99
N THR D 241 0.62 20.61 -15.69
CA THR D 241 0.67 21.17 -17.03
C THR D 241 1.24 22.57 -17.03
N VAL D 242 0.80 23.41 -16.08
CA VAL D 242 1.32 24.77 -16.04
C VAL D 242 2.79 24.79 -15.67
N ALA D 243 3.22 23.89 -14.78
CA ALA D 243 4.64 23.82 -14.44
C ALA D 243 5.48 23.44 -15.65
N VAL D 244 5.06 22.40 -16.38
CA VAL D 244 5.84 21.95 -17.53
C VAL D 244 5.88 23.01 -18.61
N TYR D 245 4.73 23.66 -18.89
CA TYR D 245 4.70 24.68 -19.93
C TYR D 245 5.51 25.91 -19.54
N SER D 246 5.47 26.29 -18.26
CA SER D 246 6.32 27.39 -17.80
C SER D 246 7.80 27.04 -17.94
N PHE D 247 8.16 25.80 -17.63
CA PHE D 247 9.56 25.39 -17.82
C PHE D 247 9.97 25.46 -19.28
N PHE D 248 9.11 25.00 -20.19
CA PHE D 248 9.49 24.92 -21.60
C PHE D 248 9.32 26.25 -22.34
N LEU D 249 8.60 27.21 -21.77
CA LEU D 249 8.54 28.54 -22.38
C LEU D 249 9.77 29.38 -22.07
N ALA D 250 10.52 29.05 -21.02
CA ALA D 250 11.76 29.74 -20.72
C ALA D 250 12.94 29.18 -21.51
N CYS D 251 12.79 28.03 -22.15
CA CYS D 251 13.84 27.49 -22.99
C CYS D 251 13.81 28.06 -24.40
N LEU D 252 12.69 28.67 -24.80
CA LEU D 252 12.64 29.32 -26.11
C LEU D 252 13.51 30.58 -26.13
N ILE D 253 13.38 31.42 -25.11
CA ILE D 253 14.22 32.59 -24.94
C ILE D 253 15.01 32.37 -23.65
N GLY D 254 16.33 32.27 -23.77
CA GLY D 254 17.16 31.96 -22.63
C GLY D 254 18.14 30.85 -22.92
N ARG D 255 17.75 29.89 -23.76
CA ARG D 255 18.63 28.84 -24.24
C ARG D 255 19.06 29.08 -25.69
N GLN D 256 18.79 30.26 -26.22
CA GLN D 256 19.20 30.61 -27.57
C GLN D 256 20.68 30.97 -27.60
N PHE D 257 21.29 30.81 -28.77
CA PHE D 257 22.73 31.04 -28.94
C PHE D 257 22.93 32.52 -29.24
N LEU D 258 23.35 33.27 -28.22
CA LEU D 258 23.57 34.69 -28.36
C LEU D 258 24.84 34.96 -29.17
N ASN D 259 24.99 36.20 -29.61
CA ASN D 259 26.14 36.61 -30.39
C ASN D 259 27.41 36.52 -29.53
N PRO D 260 28.43 35.76 -29.93
CA PRO D 260 29.64 35.64 -29.12
C PRO D 260 30.54 36.86 -29.17
N ASN D 261 30.17 37.91 -29.91
CA ASN D 261 30.99 39.11 -30.01
C ASN D 261 31.07 39.88 -28.70
N LYS D 262 30.19 39.61 -27.74
CA LYS D 262 30.21 40.28 -26.46
C LYS D 262 30.95 39.49 -25.37
N ASP D 263 31.34 38.25 -25.67
CA ASP D 263 32.10 37.41 -24.73
C ASP D 263 31.37 37.23 -23.41
N TYR D 264 30.19 36.61 -23.50
CA TYR D 264 29.39 36.33 -22.32
C TYR D 264 29.93 35.13 -21.57
N PRO D 265 29.69 35.05 -20.26
CA PRO D 265 30.24 33.93 -19.47
C PRO D 265 29.72 32.57 -19.87
N GLY D 266 28.55 32.48 -20.51
CA GLY D 266 27.95 31.20 -20.81
C GLY D 266 27.93 30.83 -22.27
N HIS D 267 27.80 31.82 -23.15
CA HIS D 267 27.67 31.58 -24.59
C HIS D 267 29.02 31.79 -25.26
N GLU D 268 29.55 30.74 -25.88
CA GLU D 268 30.83 30.83 -26.58
C GLU D 268 30.85 30.13 -27.93
N MET D 269 29.77 29.47 -28.33
CA MET D 269 29.71 28.77 -29.61
C MET D 269 28.39 29.09 -30.30
N ASP D 270 28.32 28.75 -31.58
CA ASP D 270 27.14 29.04 -32.40
C ASP D 270 26.76 27.81 -33.22
N LEU D 271 26.69 26.66 -32.57
CA LEU D 271 26.14 25.48 -33.21
C LEU D 271 24.64 25.65 -33.42
N VAL D 272 24.15 25.24 -34.59
CA VAL D 272 22.79 25.60 -34.99
C VAL D 272 21.75 24.85 -34.16
N VAL D 273 21.93 23.55 -33.97
CA VAL D 273 20.90 22.68 -33.38
C VAL D 273 21.15 22.57 -31.89
N PRO D 274 20.19 22.92 -31.03
CA PRO D 274 20.29 22.67 -29.58
C PRO D 274 19.97 21.23 -29.22
N VAL D 275 21.00 20.37 -29.34
CA VAL D 275 20.80 18.94 -29.17
C VAL D 275 20.35 18.61 -27.75
N PHE D 276 20.99 19.22 -26.75
CA PHE D 276 20.67 18.92 -25.36
C PHE D 276 19.42 19.66 -24.88
N THR D 277 18.88 20.59 -25.67
CA THR D 277 17.55 21.10 -25.42
C THR D 277 16.48 20.19 -26.02
N ILE D 278 16.74 19.65 -27.21
CA ILE D 278 15.82 18.69 -27.82
C ILE D 278 15.72 17.43 -26.96
N LEU D 279 16.87 16.94 -26.47
CA LEU D 279 16.85 15.74 -25.63
C LEU D 279 16.09 15.99 -24.33
N GLN D 280 16.29 17.16 -23.72
CA GLN D 280 15.55 17.49 -22.51
C GLN D 280 14.05 17.59 -22.78
N PHE D 281 13.67 18.18 -23.92
CA PHE D 281 12.27 18.24 -24.29
C PHE D 281 11.68 16.84 -24.42
N LEU D 282 12.39 15.96 -25.12
CA LEU D 282 11.93 14.58 -25.29
C LEU D 282 11.75 13.90 -23.93
N PHE D 283 12.76 14.00 -23.06
CA PHE D 283 12.72 13.30 -21.78
C PHE D 283 11.62 13.85 -20.88
N TYR D 284 11.44 15.17 -20.84
CA TYR D 284 10.47 15.78 -19.94
C TYR D 284 9.06 15.83 -20.50
N MET D 285 8.86 15.51 -21.78
CA MET D 285 7.52 15.38 -22.32
C MET D 285 7.05 13.94 -22.41
N GLY D 286 7.96 12.98 -22.64
CA GLY D 286 7.56 11.60 -22.54
C GLY D 286 7.15 11.16 -21.15
N TRP D 287 7.57 11.90 -20.13
CA TRP D 287 7.12 11.63 -18.76
C TRP D 287 5.70 12.13 -18.54
N LEU D 288 5.33 13.26 -19.12
CA LEU D 288 3.97 13.76 -19.01
C LEU D 288 3.00 12.96 -19.87
N LYS D 289 3.44 12.49 -21.04
CA LYS D 289 2.56 11.69 -21.88
C LYS D 289 2.20 10.35 -21.27
N VAL D 290 2.99 9.84 -20.32
CA VAL D 290 2.59 8.63 -19.60
C VAL D 290 1.28 8.86 -18.86
N ALA D 291 1.20 9.94 -18.08
CA ALA D 291 -0.05 10.29 -17.41
C ALA D 291 -1.14 10.65 -18.41
N GLU D 292 -0.77 11.38 -19.48
CA GLU D 292 -1.76 11.73 -20.50
C GLU D 292 -2.38 10.52 -21.16
N GLN D 293 -1.65 9.40 -21.24
CA GLN D 293 -2.15 8.17 -21.84
C GLN D 293 -2.91 7.31 -20.84
N LEU D 294 -2.42 7.19 -19.61
CA LEU D 294 -3.02 6.30 -18.63
C LEU D 294 -4.08 6.96 -17.77
N ILE D 295 -4.41 8.24 -18.00
CA ILE D 295 -5.44 8.90 -17.22
C ILE D 295 -6.83 8.38 -17.53
N ASN D 296 -7.01 7.67 -18.64
CA ASN D 296 -8.29 7.07 -19.00
C ASN D 296 -8.02 5.77 -19.74
N PRO D 297 -7.91 4.66 -19.01
CA PRO D 297 -7.51 3.40 -19.65
C PRO D 297 -8.51 2.87 -20.67
N PHE D 298 -9.78 3.27 -20.60
CA PHE D 298 -10.81 2.76 -21.50
C PHE D 298 -10.99 3.75 -22.64
N GLY D 299 -10.04 3.73 -23.57
CA GLY D 299 -10.08 4.62 -24.72
C GLY D 299 -9.77 3.90 -26.02
N GLU D 300 -9.11 4.60 -26.94
CA GLU D 300 -8.74 4.04 -28.23
C GLU D 300 -7.27 4.29 -28.53
N ASP D 301 -6.44 4.29 -27.50
CA ASP D 301 -5.00 4.46 -27.66
C ASP D 301 -4.36 3.11 -27.95
N ASP D 302 -3.03 3.06 -27.90
CA ASP D 302 -2.31 1.80 -28.06
C ASP D 302 -2.11 1.09 -26.73
N ASP D 303 -1.75 1.83 -25.68
CA ASP D 303 -1.61 1.25 -24.34
C ASP D 303 -2.90 1.44 -23.55
N ASP D 304 -3.99 0.92 -24.11
CA ASP D 304 -5.31 0.99 -23.49
C ASP D 304 -5.95 -0.38 -23.55
N PHE D 305 -6.79 -0.66 -22.55
CA PHE D 305 -7.39 -1.98 -22.44
C PHE D 305 -8.29 -2.27 -23.63
N GLU D 306 -8.16 -3.49 -24.17
CA GLU D 306 -8.98 -3.95 -25.29
C GLU D 306 -10.24 -4.60 -24.73
N THR D 307 -11.21 -3.77 -24.38
CA THR D 307 -12.47 -4.25 -23.82
C THR D 307 -13.49 -4.53 -24.91
N ASN D 308 -13.08 -5.26 -25.94
CA ASN D 308 -13.98 -5.72 -26.98
C ASN D 308 -13.78 -7.18 -27.35
N TRP D 309 -12.62 -7.76 -27.10
CA TRP D 309 -12.41 -9.20 -27.22
C TRP D 309 -12.74 -9.92 -25.92
N ILE D 310 -12.67 -9.21 -24.80
CA ILE D 310 -13.02 -9.79 -23.51
C ILE D 310 -14.50 -10.16 -23.47
N ILE D 311 -15.37 -9.28 -23.99
CA ILE D 311 -16.80 -9.55 -23.95
C ILE D 311 -17.24 -10.60 -24.96
N ASP D 312 -16.35 -11.01 -25.88
CA ASP D 312 -16.61 -12.17 -26.72
C ASP D 312 -16.07 -13.45 -26.11
N ARG D 313 -14.86 -13.39 -25.54
CA ARG D 313 -14.30 -14.56 -24.86
C ARG D 313 -15.18 -14.98 -23.68
N ASN D 314 -15.62 -14.02 -22.88
CA ASN D 314 -16.45 -14.33 -21.73
C ASN D 314 -17.80 -14.91 -22.14
N LEU D 315 -18.31 -14.54 -23.31
CA LEU D 315 -19.56 -15.13 -23.78
C LEU D 315 -19.34 -16.55 -24.26
N GLN D 316 -18.37 -16.75 -25.16
CA GLN D 316 -18.17 -18.09 -25.74
C GLN D 316 -17.76 -19.10 -24.67
N VAL D 317 -16.79 -18.74 -23.82
CA VAL D 317 -16.29 -19.68 -22.83
C VAL D 317 -17.38 -20.08 -21.85
N SER D 318 -18.15 -19.09 -21.38
CA SER D 318 -19.22 -19.39 -20.43
C SER D 318 -20.30 -20.24 -21.06
N LEU D 319 -20.72 -19.89 -22.28
CA LEU D 319 -21.77 -20.67 -22.93
C LEU D 319 -21.33 -22.08 -23.23
N LEU D 320 -20.03 -22.29 -23.49
CA LEU D 320 -19.54 -23.65 -23.68
C LEU D 320 -19.48 -24.41 -22.37
N SER D 321 -18.99 -23.76 -21.31
CA SER D 321 -18.82 -24.45 -20.03
C SER D 321 -20.15 -24.86 -19.43
N VAL D 322 -21.16 -23.97 -19.51
CA VAL D 322 -22.43 -24.23 -18.83
C VAL D 322 -23.37 -25.14 -19.62
N ASP D 323 -23.16 -25.27 -20.93
CA ASP D 323 -24.09 -26.01 -21.78
C ASP D 323 -23.50 -27.33 -22.29
N GLY D 324 -22.36 -27.28 -22.98
CA GLY D 324 -21.81 -28.46 -23.64
C GLY D 324 -20.76 -29.22 -22.86
N MET D 325 -20.56 -28.90 -21.58
CA MET D 325 -19.52 -29.55 -20.79
C MET D 325 -20.02 -29.87 -19.38
N HIS D 326 -21.32 -30.12 -19.23
CA HIS D 326 -21.89 -30.28 -17.89
C HIS D 326 -21.61 -31.67 -17.32
N GLN D 327 -22.18 -32.70 -17.92
CA GLN D 327 -21.85 -34.08 -17.55
C GLN D 327 -20.93 -34.71 -18.60
N ASN D 328 -19.72 -34.14 -18.72
CA ASN D 328 -18.76 -34.59 -19.71
C ASN D 328 -17.37 -34.56 -19.09
N LEU D 329 -16.84 -35.75 -18.80
CA LEU D 329 -15.51 -35.87 -18.22
C LEU D 329 -14.71 -36.92 -18.99
N PRO D 330 -13.39 -36.76 -19.06
CA PRO D 330 -12.54 -37.77 -19.70
C PRO D 330 -12.55 -39.06 -18.89
N PRO D 331 -12.28 -40.20 -19.52
CA PRO D 331 -12.32 -41.47 -18.79
C PRO D 331 -11.32 -41.50 -17.64
N MET D 332 -11.73 -42.15 -16.55
CA MET D 332 -10.90 -42.26 -15.36
C MET D 332 -10.06 -43.53 -15.44
N GLU D 333 -8.74 -43.35 -15.47
CA GLU D 333 -7.81 -44.46 -15.61
C GLU D 333 -6.67 -44.32 -14.61
N ARG D 334 -5.96 -45.42 -14.39
CA ARG D 334 -4.79 -45.40 -13.52
C ARG D 334 -3.70 -44.52 -14.10
N ASP D 335 -2.98 -43.83 -13.22
CA ASP D 335 -1.95 -42.90 -13.64
C ASP D 335 -0.67 -43.64 -14.03
N MET D 336 0.30 -42.89 -14.53
CA MET D 336 1.60 -43.47 -14.86
C MET D 336 2.37 -43.87 -13.60
N TYR D 337 2.16 -43.15 -12.50
CA TYR D 337 2.83 -43.39 -11.23
C TYR D 337 1.93 -44.10 -10.23
N TRP D 338 1.13 -45.07 -10.69
CA TRP D 338 0.21 -45.77 -9.80
C TRP D 338 0.96 -46.42 -8.64
N ASN D 339 2.10 -47.04 -8.91
CA ASN D 339 2.96 -47.61 -7.88
C ASN D 339 4.35 -47.02 -8.05
N GLU D 340 4.57 -45.87 -7.43
CA GLU D 340 5.86 -45.19 -7.47
C GLU D 340 5.88 -44.15 -6.36
N ALA D 341 6.80 -44.29 -5.42
CA ALA D 341 6.85 -43.36 -4.29
C ALA D 341 7.24 -41.96 -4.73
N ALA D 342 8.25 -41.84 -5.58
CA ALA D 342 8.76 -40.53 -6.02
C ALA D 342 8.75 -40.46 -7.54
N PRO D 343 7.78 -39.79 -8.15
CA PRO D 343 7.79 -39.63 -9.61
C PRO D 343 8.99 -38.81 -10.06
N GLN D 344 9.50 -39.15 -11.25
CA GLN D 344 10.66 -38.48 -11.84
C GLN D 344 10.34 -38.09 -13.27
N PRO D 345 9.69 -36.95 -13.47
CA PRO D 345 9.41 -36.49 -14.83
C PRO D 345 10.71 -36.23 -15.58
N PRO D 346 10.73 -36.52 -16.87
CA PRO D 346 11.97 -36.36 -17.64
C PRO D 346 12.26 -34.90 -17.97
N TYR D 347 13.54 -34.64 -18.25
CA TYR D 347 14.02 -33.34 -18.68
C TYR D 347 14.52 -33.44 -20.12
N THR D 348 14.11 -32.48 -20.95
CA THR D 348 14.58 -32.45 -22.32
C THR D 348 16.03 -31.96 -22.39
N ALA D 349 16.68 -32.23 -23.52
CA ALA D 349 18.06 -31.82 -23.69
C ALA D 349 18.21 -30.31 -23.69
N ALA D 350 17.26 -29.61 -24.32
CA ALA D 350 17.34 -28.15 -24.40
C ALA D 350 17.24 -27.49 -23.03
N SER D 351 16.53 -28.13 -22.10
CA SER D 351 16.37 -27.60 -20.74
C SER D 351 16.91 -28.62 -19.76
N ALA D 352 18.22 -28.55 -19.51
CA ALA D 352 18.88 -29.42 -18.53
C ALA D 352 19.72 -28.63 -17.54
N ARG D 353 19.83 -27.31 -17.70
CA ARG D 353 20.54 -26.47 -16.73
C ARG D 353 19.71 -26.23 -15.47
N SER D 354 18.39 -26.26 -15.58
CA SER D 354 17.51 -25.91 -14.47
C SER D 354 17.20 -27.08 -13.54
N ARG D 355 17.96 -28.18 -13.65
CA ARG D 355 17.80 -29.32 -12.72
C ARG D 355 18.44 -28.94 -11.39
N ARG D 356 17.72 -28.14 -10.61
CA ARG D 356 18.21 -27.66 -9.33
C ARG D 356 17.78 -28.61 -8.21
N HIS D 357 18.39 -28.41 -7.04
CA HIS D 357 18.08 -29.19 -5.86
C HIS D 357 17.12 -28.41 -4.96
N SER D 358 16.34 -29.15 -4.17
CA SER D 358 15.33 -28.54 -3.33
C SER D 358 15.97 -27.71 -2.23
N PHE D 359 15.41 -26.53 -1.98
CA PHE D 359 15.85 -25.69 -0.89
C PHE D 359 15.44 -26.32 0.44
N MET D 360 16.37 -26.33 1.40
CA MET D 360 16.13 -26.99 2.68
C MET D 360 16.40 -26.04 3.85
N GLY D 361 16.17 -24.76 3.67
CA GLY D 361 16.34 -23.81 4.75
C GLY D 361 17.67 -23.08 4.69
N SER D 362 17.66 -21.85 5.19
CA SER D 362 18.87 -21.02 5.14
C SER D 362 19.93 -21.56 6.09
N THR D 363 19.54 -21.92 7.31
CA THR D 363 20.47 -22.37 8.34
C THR D 363 20.84 -23.84 8.21
N PHE D 364 20.57 -24.47 7.06
CA PHE D 364 20.92 -25.87 6.88
C PHE D 364 22.43 -26.07 6.85
N ASN D 365 23.17 -25.11 6.29
CA ASN D 365 24.60 -25.25 6.07
C ASN D 365 25.43 -24.77 7.26
N ILE D 366 24.84 -24.64 8.45
CA ILE D 366 25.59 -24.24 9.63
C ILE D 366 25.54 -25.34 10.67
N THR E 2 -18.95 17.01 -8.12
CA THR E 2 -17.66 16.55 -8.64
C THR E 2 -17.48 17.03 -10.08
N ILE E 3 -16.25 17.36 -10.43
CA ILE E 3 -15.91 17.80 -11.77
C ILE E 3 -15.51 16.58 -12.59
N THR E 4 -16.20 16.35 -13.69
CA THR E 4 -15.94 15.21 -14.57
C THR E 4 -15.38 15.71 -15.89
N TYR E 5 -14.18 15.23 -16.23
CA TYR E 5 -13.55 15.57 -17.51
C TYR E 5 -12.94 14.33 -18.16
N THR E 6 -13.44 13.14 -17.83
CA THR E 6 -12.87 11.90 -18.35
C THR E 6 -13.04 11.80 -19.87
N ASN E 7 -14.17 12.24 -20.39
CA ASN E 7 -14.41 12.13 -21.84
C ASN E 7 -13.53 13.07 -22.64
N LYS E 8 -12.99 14.12 -22.02
CA LYS E 8 -12.13 15.05 -22.74
C LYS E 8 -10.68 14.59 -22.80
N VAL E 9 -10.31 13.56 -22.05
CA VAL E 9 -8.93 13.08 -22.01
C VAL E 9 -8.88 11.59 -22.34
N ALA E 10 -9.84 11.14 -23.16
CA ALA E 10 -9.88 9.72 -23.51
C ALA E 10 -8.65 9.30 -24.31
N ASN E 11 -8.23 10.12 -25.25
CA ASN E 11 -7.08 9.84 -26.09
C ASN E 11 -5.99 10.89 -25.87
N ALA E 12 -4.74 10.48 -26.07
CA ALA E 12 -3.59 11.37 -25.91
C ALA E 12 -3.31 12.02 -27.26
N ARG E 13 -3.85 13.21 -27.46
CA ARG E 13 -3.67 13.99 -28.68
C ARG E 13 -2.94 15.29 -28.35
N LEU E 14 -2.72 16.11 -29.38
CA LEU E 14 -2.00 17.36 -29.20
C LEU E 14 -2.76 18.32 -28.29
N GLY E 15 -4.03 18.57 -28.60
CA GLY E 15 -4.84 19.44 -27.77
C GLY E 15 -5.69 18.70 -26.76
N SER E 16 -5.06 17.99 -25.82
CA SER E 16 -5.77 17.21 -24.82
C SER E 16 -5.60 17.78 -23.41
N PHE E 17 -4.36 17.91 -22.95
CA PHE E 17 -4.10 18.46 -21.62
C PHE E 17 -3.94 19.97 -21.63
N SER E 18 -3.48 20.54 -22.74
CA SER E 18 -3.35 21.99 -22.85
C SER E 18 -4.69 22.69 -22.97
N SER E 19 -5.76 21.96 -23.32
CA SER E 19 -7.09 22.54 -23.41
C SER E 19 -7.81 22.57 -22.08
N LEU E 20 -7.24 21.96 -21.04
CA LEU E 20 -7.82 21.99 -19.70
C LEU E 20 -7.41 23.21 -18.91
N LEU E 21 -6.55 24.06 -19.47
CA LEU E 21 -6.12 25.28 -18.81
C LEU E 21 -7.05 26.46 -19.05
N LEU E 22 -8.11 26.26 -19.84
CA LEU E 22 -9.05 27.32 -20.17
C LEU E 22 -10.43 27.03 -19.57
N CYS E 23 -10.48 26.28 -18.48
CA CYS E 23 -11.72 25.95 -17.80
C CYS E 23 -11.81 26.73 -16.50
N TRP E 24 -12.99 27.31 -16.24
CA TRP E 24 -13.16 28.14 -15.06
C TRP E 24 -13.46 27.30 -13.82
N ARG E 25 -14.56 26.54 -13.85
CA ARG E 25 -15.02 25.84 -12.65
C ARG E 25 -14.03 24.76 -12.25
N GLY E 26 -13.68 24.75 -10.96
CA GLY E 26 -12.78 23.74 -10.43
C GLY E 26 -11.31 23.96 -10.71
N SER E 27 -10.93 25.10 -11.26
CA SER E 27 -9.55 25.36 -11.63
C SER E 27 -8.87 26.27 -10.62
N ILE E 28 -7.54 26.39 -10.74
CA ILE E 28 -6.77 27.22 -9.84
C ILE E 28 -7.17 28.68 -9.94
N TYR E 29 -7.71 29.09 -11.09
CA TYR E 29 -8.12 30.47 -11.28
C TYR E 29 -9.31 30.85 -10.39
N LYS E 30 -10.11 29.86 -9.97
CA LYS E 30 -11.22 30.10 -9.09
C LYS E 30 -10.83 30.07 -7.61
N LEU E 31 -9.70 29.45 -7.28
CA LEU E 31 -9.26 29.35 -5.89
C LEU E 31 -8.21 30.37 -5.51
N LEU E 32 -7.38 30.81 -6.45
CA LEU E 32 -6.29 31.73 -6.15
C LEU E 32 -6.65 33.20 -6.31
N TYR E 33 -7.92 33.50 -6.64
CA TYR E 33 -8.29 34.88 -6.90
C TYR E 33 -8.18 35.74 -5.65
N GLY E 34 -8.57 35.21 -4.49
CA GLY E 34 -8.54 35.99 -3.27
C GLY E 34 -7.15 36.27 -2.75
N GLU E 35 -6.16 35.45 -3.13
CA GLU E 35 -4.80 35.62 -2.65
C GLU E 35 -3.90 36.31 -3.66
N PHE E 36 -4.17 36.17 -4.96
CA PHE E 36 -3.34 36.84 -5.95
C PHE E 36 -3.46 38.35 -5.84
N LEU E 37 -4.66 38.86 -5.56
CA LEU E 37 -4.83 40.30 -5.40
C LEU E 37 -4.02 40.82 -4.22
N VAL E 38 -4.06 40.11 -3.09
CA VAL E 38 -3.28 40.53 -1.92
C VAL E 38 -1.79 40.49 -2.23
N PHE E 39 -1.33 39.43 -2.90
CA PHE E 39 0.09 39.33 -3.23
C PHE E 39 0.52 40.47 -4.14
N ILE E 40 -0.28 40.78 -5.16
CA ILE E 40 0.07 41.84 -6.10
C ILE E 40 0.06 43.19 -5.40
N PHE E 41 -0.93 43.45 -4.55
CA PHE E 41 -0.99 44.71 -3.82
C PHE E 41 0.22 44.87 -2.91
N LEU E 42 0.59 43.80 -2.21
CA LEU E 42 1.76 43.88 -1.33
C LEU E 42 3.04 44.09 -2.14
N TYR E 43 3.16 43.43 -3.29
CA TYR E 43 4.35 43.60 -4.12
C TYR E 43 4.46 45.02 -4.65
N TYR E 44 3.36 45.60 -5.10
CA TYR E 44 3.39 46.93 -5.69
C TYR E 44 3.33 48.04 -4.65
N SER E 45 3.08 47.70 -3.38
CA SER E 45 3.19 48.71 -2.33
C SER E 45 4.63 48.99 -1.92
N ILE E 46 5.58 48.20 -2.38
CA ILE E 46 6.99 48.43 -2.08
C ILE E 46 7.65 49.13 -3.27
N ARG E 47 7.15 48.84 -4.47
CA ARG E 47 7.55 49.58 -5.67
C ARG E 47 6.63 50.79 -5.76
N GLY E 48 7.05 51.88 -5.13
CA GLY E 48 6.20 53.03 -4.88
C GLY E 48 6.56 53.60 -3.53
N LEU E 49 7.25 52.81 -2.73
CA LEU E 49 7.93 53.27 -1.52
C LEU E 49 9.44 53.36 -1.73
N TYR E 50 10.06 52.27 -2.20
CA TYR E 50 11.50 52.25 -2.41
C TYR E 50 11.92 53.25 -3.48
N ARG E 51 11.04 53.58 -4.41
CA ARG E 51 11.40 54.42 -5.54
C ARG E 51 11.06 55.90 -5.35
N MET E 52 10.10 56.24 -4.48
CA MET E 52 9.70 57.63 -4.36
C MET E 52 9.45 58.08 -2.92
N VAL E 53 9.80 57.28 -1.91
CA VAL E 53 9.63 57.65 -0.52
C VAL E 53 10.94 57.58 0.24
N LEU E 54 11.64 56.44 0.16
CA LEU E 54 12.92 56.29 0.82
C LEU E 54 13.97 57.18 0.17
N SER E 55 14.80 57.81 0.99
CA SER E 55 15.83 58.72 0.49
C SER E 55 17.06 57.93 0.05
N SER E 56 18.05 58.65 -0.48
CA SER E 56 19.28 58.00 -0.91
C SER E 56 20.01 57.35 0.25
N ASP E 57 19.90 57.92 1.46
CA ASP E 57 20.49 57.29 2.63
C ASP E 57 19.80 55.97 2.96
N GLN E 58 18.48 55.99 3.06
CA GLN E 58 17.72 54.75 3.27
C GLN E 58 17.26 54.16 1.95
N GLN E 59 18.20 54.11 1.00
CA GLN E 59 18.00 53.35 -0.23
C GLN E 59 19.17 52.40 -0.48
N LEU E 60 20.18 52.41 0.37
CA LEU E 60 21.30 51.50 0.27
C LEU E 60 21.26 50.44 1.36
N LEU E 61 20.49 50.65 2.42
CA LEU E 61 20.15 49.60 3.37
C LEU E 61 19.03 48.71 2.87
N PHE E 62 18.22 49.19 1.93
CA PHE E 62 17.20 48.39 1.27
C PHE E 62 17.83 47.38 0.31
N GLU E 63 18.89 47.78 -0.40
CA GLU E 63 19.56 46.89 -1.33
C GLU E 63 20.33 45.78 -0.63
N LYS E 64 20.94 46.05 0.53
CA LYS E 64 21.55 44.98 1.31
C LYS E 64 20.54 43.99 1.85
N LEU E 65 19.29 44.41 2.08
CA LEU E 65 18.22 43.48 2.43
C LEU E 65 17.76 42.70 1.21
N ALA E 66 17.68 43.36 0.06
CA ALA E 66 17.28 42.66 -1.17
C ALA E 66 18.27 41.58 -1.56
N LEU E 67 19.57 41.86 -1.44
CA LEU E 67 20.58 40.87 -1.78
C LEU E 67 20.80 39.83 -0.68
N TYR E 68 20.33 40.10 0.54
CA TYR E 68 20.46 39.14 1.63
C TYR E 68 19.27 38.19 1.71
N CYS E 69 18.06 38.69 1.44
CA CYS E 69 16.89 37.84 1.39
C CYS E 69 16.76 37.22 0.00
N ASP E 70 17.85 36.65 -0.49
CA ASP E 70 17.86 35.99 -1.79
C ASP E 70 18.57 34.65 -1.79
N SER E 71 19.37 34.34 -0.78
CA SER E 71 19.96 33.02 -0.61
C SER E 71 19.08 32.10 0.22
N TYR E 72 17.96 32.60 0.74
CA TYR E 72 17.02 31.81 1.51
C TYR E 72 15.84 31.36 0.68
N ILE E 73 15.88 31.59 -0.63
CA ILE E 73 14.83 31.12 -1.54
C ILE E 73 15.38 29.84 -2.17
N GLN E 74 14.97 28.70 -1.61
CA GLN E 74 15.39 27.39 -2.08
C GLN E 74 14.16 26.52 -2.27
N LEU E 75 14.16 25.73 -3.34
CA LEU E 75 12.98 24.99 -3.77
C LEU E 75 13.01 23.53 -3.37
N ILE E 76 14.01 23.10 -2.62
CA ILE E 76 14.13 21.69 -2.24
C ILE E 76 13.18 21.34 -1.08
N PRO E 77 13.26 22.02 0.09
CA PRO E 77 12.44 21.57 1.22
C PRO E 77 10.95 21.81 1.02
N ILE E 78 10.61 22.92 0.36
CA ILE E 78 9.21 23.22 0.09
C ILE E 78 8.61 22.17 -0.85
N SER E 79 9.36 21.79 -1.89
CA SER E 79 8.89 20.76 -2.80
C SER E 79 8.92 19.37 -2.18
N PHE E 80 9.68 19.18 -1.10
CA PHE E 80 9.59 17.91 -0.37
C PHE E 80 8.34 17.84 0.48
N VAL E 81 8.08 18.88 1.28
CA VAL E 81 6.90 18.86 2.15
C VAL E 81 5.63 18.85 1.32
N LEU E 82 5.55 19.71 0.30
CA LEU E 82 4.47 19.67 -0.66
C LEU E 82 4.79 18.54 -1.62
N GLY E 83 4.21 17.37 -1.38
CA GLY E 83 4.57 16.19 -2.13
C GLY E 83 4.69 15.01 -1.20
N PHE E 84 5.14 15.24 0.03
CA PHE E 84 4.97 14.24 1.08
C PHE E 84 3.70 14.47 1.88
N TYR E 85 3.06 15.62 1.74
CA TYR E 85 1.80 15.91 2.41
C TYR E 85 0.59 15.67 1.51
N VAL E 86 0.67 16.11 0.25
CA VAL E 86 -0.44 15.96 -0.67
C VAL E 86 -0.73 14.50 -0.97
N THR E 87 0.31 13.66 -1.02
CA THR E 87 0.09 12.23 -1.26
C THR E 87 -0.74 11.62 -0.14
N LEU E 88 -0.41 11.93 1.11
CA LEU E 88 -1.20 11.43 2.24
C LEU E 88 -2.63 11.97 2.19
N VAL E 89 -2.79 13.24 1.83
CA VAL E 89 -4.12 13.82 1.75
C VAL E 89 -4.96 13.09 0.69
N VAL E 90 -4.37 12.81 -0.48
CA VAL E 90 -5.10 12.15 -1.55
C VAL E 90 -5.43 10.71 -1.17
N SER E 91 -4.48 10.03 -0.51
CA SER E 91 -4.74 8.65 -0.08
C SER E 91 -5.89 8.58 0.92
N ARG E 92 -5.94 9.54 1.85
CA ARG E 92 -7.09 9.62 2.75
C ARG E 92 -8.37 9.95 2.00
N TRP E 93 -8.30 10.84 1.00
CA TRP E 93 -9.49 11.25 0.27
C TRP E 93 -10.12 10.09 -0.47
N TRP E 94 -9.32 9.23 -1.09
CA TRP E 94 -9.90 8.09 -1.80
C TRP E 94 -10.48 7.06 -0.83
N SER E 95 -9.80 6.79 0.28
CA SER E 95 -10.32 5.85 1.26
C SER E 95 -11.61 6.35 1.90
N GLN E 96 -11.79 7.67 2.00
CA GLN E 96 -13.06 8.21 2.49
C GLN E 96 -14.21 7.91 1.54
N TYR E 97 -13.94 7.69 0.25
CA TYR E 97 -14.97 7.30 -0.70
C TYR E 97 -15.15 5.80 -0.81
N GLU E 98 -14.09 5.03 -0.61
CA GLU E 98 -14.24 3.58 -0.66
C GLU E 98 -15.09 3.04 0.49
N ASN E 99 -15.39 3.84 1.50
CA ASN E 99 -16.17 3.42 2.66
C ASN E 99 -17.60 3.92 2.61
N LEU E 100 -18.07 4.42 1.47
CA LEU E 100 -19.44 4.89 1.36
C LEU E 100 -20.39 3.71 1.26
N PRO E 101 -21.39 3.61 2.12
CA PRO E 101 -22.30 2.45 2.10
C PRO E 101 -23.22 2.48 0.89
N TRP E 102 -23.16 1.42 0.08
CA TRP E 102 -24.08 1.22 -1.03
C TRP E 102 -24.98 0.03 -0.71
N PRO E 103 -26.30 0.22 -0.60
CA PRO E 103 -27.21 -0.88 -0.25
C PRO E 103 -27.62 -1.72 -1.46
N ASP E 104 -26.65 -2.09 -2.28
CA ASP E 104 -26.91 -2.90 -3.47
C ASP E 104 -26.68 -4.38 -3.25
N ARG E 105 -25.78 -4.76 -2.34
CA ARG E 105 -25.55 -6.16 -2.01
C ARG E 105 -26.56 -6.71 -1.02
N LEU E 106 -27.32 -5.85 -0.36
CA LEU E 106 -28.33 -6.26 0.62
C LEU E 106 -29.72 -6.40 0.01
N MET E 107 -30.09 -5.49 -0.89
CA MET E 107 -31.42 -5.56 -1.51
C MET E 107 -31.57 -6.80 -2.37
N ILE E 108 -30.46 -7.30 -2.94
CA ILE E 108 -30.51 -8.52 -3.74
C ILE E 108 -30.98 -9.69 -2.89
N GLN E 109 -30.44 -9.82 -1.68
CA GLN E 109 -30.83 -10.90 -0.78
C GLN E 109 -32.19 -10.66 -0.14
N VAL E 110 -32.53 -9.39 0.14
CA VAL E 110 -33.82 -9.10 0.75
C VAL E 110 -34.96 -9.40 -0.23
N SER E 111 -34.74 -9.10 -1.51
CA SER E 111 -35.80 -9.33 -2.50
C SER E 111 -36.02 -10.81 -2.79
N SER E 112 -35.12 -11.69 -2.33
CA SER E 112 -35.19 -13.11 -2.64
C SER E 112 -35.50 -13.97 -1.42
N PHE E 113 -34.72 -13.83 -0.34
CA PHE E 113 -34.85 -14.74 0.79
C PHE E 113 -36.20 -14.59 1.48
N VAL E 114 -36.66 -13.36 1.69
CA VAL E 114 -37.97 -13.15 2.31
C VAL E 114 -39.06 -13.50 1.31
N GLU E 115 -39.99 -14.35 1.74
CA GLU E 115 -40.98 -14.95 0.83
C GLU E 115 -42.36 -14.41 1.16
N GLY E 116 -43.00 -13.79 0.18
CA GLY E 116 -44.35 -13.29 0.35
C GLY E 116 -44.64 -12.24 -0.71
N LYS E 117 -45.87 -12.29 -1.24
CA LYS E 117 -46.29 -11.35 -2.27
C LYS E 117 -47.66 -10.78 -1.94
N ASP E 118 -47.85 -10.36 -0.70
CA ASP E 118 -49.09 -9.74 -0.26
C ASP E 118 -48.77 -8.76 0.86
N GLU E 119 -49.80 -8.34 1.59
CA GLU E 119 -49.58 -7.57 2.80
C GLU E 119 -49.01 -8.47 3.88
N GLU E 120 -48.29 -7.87 4.82
CA GLU E 120 -47.50 -8.52 5.87
C GLU E 120 -46.29 -9.24 5.30
N GLY E 121 -46.12 -9.29 3.98
CA GLY E 121 -44.92 -9.79 3.36
C GLY E 121 -44.26 -8.71 2.54
N ARG E 122 -45.03 -7.67 2.21
CA ARG E 122 -44.55 -6.48 1.54
C ARG E 122 -44.04 -5.45 2.54
N LEU E 123 -44.81 -5.22 3.61
CA LEU E 123 -44.40 -4.29 4.65
C LEU E 123 -43.11 -4.73 5.33
N LEU E 124 -42.96 -6.04 5.53
CA LEU E 124 -41.74 -6.56 6.15
C LEU E 124 -40.51 -6.20 5.32
N ARG E 125 -40.56 -6.48 4.01
CA ARG E 125 -39.43 -6.16 3.15
C ARG E 125 -39.18 -4.66 3.09
N ARG E 126 -40.25 -3.85 3.01
CA ARG E 126 -40.07 -2.41 2.92
C ARG E 126 -39.43 -1.85 4.18
N THR E 127 -39.87 -2.29 5.36
CA THR E 127 -39.24 -1.82 6.60
C THR E 127 -37.80 -2.32 6.71
N LEU E 128 -37.54 -3.57 6.33
CA LEU E 128 -36.19 -4.11 6.39
C LEU E 128 -35.23 -3.32 5.50
N ILE E 129 -35.72 -2.85 4.35
CA ILE E 129 -34.87 -2.04 3.48
C ILE E 129 -34.84 -0.57 3.88
N ARG E 130 -35.85 -0.09 4.62
CA ARG E 130 -35.82 1.29 5.09
C ARG E 130 -34.88 1.48 6.27
N TYR E 131 -34.73 0.44 7.11
CA TYR E 131 -33.80 0.55 8.23
C TYR E 131 -32.36 0.75 7.78
N ALA E 132 -31.91 0.02 6.76
CA ALA E 132 -30.56 0.16 6.24
C ALA E 132 -30.32 1.51 5.58
N ILE E 133 -31.37 2.19 5.12
CA ILE E 133 -31.25 3.52 4.55
C ILE E 133 -31.23 4.58 5.64
N LEU E 134 -32.08 4.42 6.67
CA LEU E 134 -32.03 5.31 7.82
C LEU E 134 -30.67 5.25 8.51
N GLY E 135 -30.06 4.06 8.54
CA GLY E 135 -28.74 3.95 9.13
C GLY E 135 -27.70 4.79 8.43
N GLN E 136 -27.73 4.84 7.09
CA GLN E 136 -26.78 5.66 6.35
C GLN E 136 -27.14 7.14 6.39
N VAL E 137 -28.43 7.46 6.48
CA VAL E 137 -28.83 8.87 6.57
C VAL E 137 -28.40 9.46 7.90
N LEU E 138 -28.49 8.67 8.98
CA LEU E 138 -28.12 9.18 10.29
C LEU E 138 -26.63 9.41 10.44
N ILE E 139 -25.79 8.80 9.60
CA ILE E 139 -24.36 9.02 9.65
C ILE E 139 -23.91 10.06 8.63
N LEU E 140 -24.53 10.10 7.45
CA LEU E 140 -24.23 11.19 6.53
C LEU E 140 -25.04 12.42 6.89
N ARG E 141 -25.06 12.76 8.18
CA ARG E 141 -25.65 14.00 8.68
C ARG E 141 -24.81 14.66 9.75
N SER E 142 -23.86 13.96 10.35
CA SER E 142 -22.94 14.52 11.33
C SER E 142 -21.56 14.79 10.75
N ILE E 143 -21.27 14.30 9.55
CA ILE E 143 -20.00 14.52 8.90
C ILE E 143 -20.10 15.49 7.73
N SER E 144 -21.23 15.51 7.01
CA SER E 144 -21.41 16.35 5.85
C SER E 144 -22.19 17.60 6.21
N THR E 145 -21.98 18.66 5.43
CA THR E 145 -22.65 19.94 5.64
C THR E 145 -23.86 20.14 4.72
N SER E 146 -23.75 19.74 3.46
CA SER E 146 -24.85 19.89 2.52
C SER E 146 -26.04 19.02 2.88
N VAL E 147 -25.86 18.01 3.72
CA VAL E 147 -26.96 17.17 4.17
C VAL E 147 -27.50 17.71 5.48
N TYR E 148 -26.61 18.30 6.29
CA TYR E 148 -27.07 18.91 7.54
C TYR E 148 -27.98 20.10 7.27
N LYS E 149 -27.61 20.95 6.31
CA LYS E 149 -28.48 22.07 5.97
C LYS E 149 -29.79 21.62 5.32
N ARG E 150 -29.87 20.36 4.88
CA ARG E 150 -31.10 19.83 4.32
C ARG E 150 -31.96 19.14 5.37
N PHE E 151 -31.35 18.58 6.42
CA PHE E 151 -32.06 17.94 7.52
C PHE E 151 -31.55 18.54 8.83
N PRO E 152 -31.89 19.80 9.12
CA PRO E 152 -31.37 20.44 10.33
C PRO E 152 -31.83 19.81 11.62
N THR E 153 -32.97 19.12 11.63
CA THR E 153 -33.53 18.55 12.85
C THR E 153 -34.01 17.14 12.55
N LEU E 154 -34.04 16.30 13.59
CA LEU E 154 -34.56 14.95 13.45
C LEU E 154 -36.04 14.93 13.10
N HIS E 155 -36.75 16.03 13.31
CA HIS E 155 -38.14 16.12 12.89
C HIS E 155 -38.27 16.34 11.39
N HIS E 156 -37.22 16.81 10.72
CA HIS E 156 -37.25 16.96 9.28
C HIS E 156 -37.15 15.63 8.55
N LEU E 157 -36.62 14.59 9.22
CA LEU E 157 -36.57 13.27 8.61
C LEU E 157 -37.96 12.63 8.55
N VAL E 158 -38.82 12.98 9.50
CA VAL E 158 -40.18 12.44 9.50
C VAL E 158 -40.97 12.99 8.31
N LEU E 159 -40.81 14.28 8.02
CA LEU E 159 -41.56 14.92 6.95
C LEU E 159 -41.09 14.49 5.56
N ALA E 160 -39.88 13.92 5.44
CA ALA E 160 -39.37 13.50 4.15
C ALA E 160 -39.62 12.03 3.84
N GLY E 161 -40.20 11.29 4.78
CA GLY E 161 -40.51 9.88 4.58
C GLY E 161 -39.43 8.92 5.03
N PHE E 162 -38.25 9.41 5.42
CA PHE E 162 -37.20 8.52 5.89
C PHE E 162 -37.55 7.87 7.22
N MET E 163 -38.23 8.60 8.10
CA MET E 163 -38.56 8.13 9.44
C MET E 163 -40.07 8.02 9.60
N THR E 164 -40.48 7.64 10.81
CA THR E 164 -41.89 7.53 11.16
C THR E 164 -42.10 8.10 12.55
N HIS E 165 -43.32 8.58 12.81
CA HIS E 165 -43.63 9.14 14.13
C HIS E 165 -43.52 8.08 15.22
N GLY E 166 -43.72 6.82 14.88
CA GLY E 166 -43.58 5.77 15.88
C GLY E 166 -42.14 5.46 16.23
N GLU E 167 -41.23 5.67 15.29
CA GLU E 167 -39.81 5.45 15.55
C GLU E 167 -39.10 6.67 16.11
N HIS E 168 -39.59 7.88 15.83
CA HIS E 168 -39.02 9.07 16.43
C HIS E 168 -39.18 9.05 17.94
N LYS E 169 -40.37 8.69 18.41
CA LYS E 169 -40.63 8.64 19.85
C LYS E 169 -39.83 7.54 20.54
N GLN E 170 -39.43 6.50 19.80
CA GLN E 170 -38.60 5.44 20.37
C GLN E 170 -37.12 5.80 20.37
N LEU E 171 -36.65 6.49 19.33
CA LEU E 171 -35.27 6.96 19.33
C LEU E 171 -35.06 8.12 20.30
N GLN E 172 -36.13 8.84 20.65
CA GLN E 172 -36.05 9.89 21.66
C GLN E 172 -35.99 9.37 23.08
N LYS E 173 -36.13 8.06 23.29
CA LYS E 173 -36.28 7.52 24.63
C LYS E 173 -35.21 6.47 24.87
N LEU E 174 -33.96 6.82 24.60
CA LEU E 174 -32.83 5.93 24.85
C LEU E 174 -32.02 6.31 26.08
N GLY E 175 -31.97 7.60 26.41
CA GLY E 175 -31.24 8.04 27.58
C GLY E 175 -29.73 7.87 27.50
N LEU E 176 -29.14 8.13 26.33
CA LEU E 176 -27.70 8.06 26.15
C LEU E 176 -27.21 9.37 25.55
N PRO E 177 -26.12 9.94 26.07
CA PRO E 177 -25.62 11.21 25.52
C PRO E 177 -24.85 11.06 24.21
N HIS E 178 -24.49 9.85 23.81
CA HIS E 178 -23.69 9.63 22.62
C HIS E 178 -24.56 9.70 21.36
N ASN E 179 -23.92 9.62 20.21
CA ASN E 179 -24.63 9.63 18.95
C ASN E 179 -25.46 8.36 18.80
N THR E 180 -26.52 8.45 17.99
CA THR E 180 -27.47 7.35 17.87
C THR E 180 -27.56 6.82 16.44
N PHE E 181 -26.41 6.59 15.81
CA PHE E 181 -26.37 6.07 14.46
C PHE E 181 -26.26 4.55 14.42
N TRP E 182 -26.44 3.87 15.55
CA TRP E 182 -26.33 2.42 15.62
C TRP E 182 -27.66 1.71 15.91
N VAL E 183 -28.71 2.45 16.26
CA VAL E 183 -30.00 1.86 16.62
C VAL E 183 -30.65 1.11 15.45
N PRO E 184 -30.70 1.68 14.23
CA PRO E 184 -31.31 0.93 13.13
C PRO E 184 -30.63 -0.40 12.84
N TRP E 185 -29.32 -0.52 13.08
CA TRP E 185 -28.64 -1.79 12.83
C TRP E 185 -29.06 -2.86 13.82
N VAL E 186 -29.57 -2.50 15.00
CA VAL E 186 -30.11 -3.47 15.93
C VAL E 186 -31.58 -3.74 15.63
N TRP E 187 -32.32 -2.69 15.23
CA TRP E 187 -33.71 -2.89 14.83
C TRP E 187 -33.81 -3.85 13.66
N PHE E 188 -32.89 -3.74 12.69
CA PHE E 188 -32.89 -4.63 11.54
C PHE E 188 -32.71 -6.08 11.97
N ALA E 189 -31.74 -6.33 12.86
CA ALA E 189 -31.49 -7.69 13.31
C ALA E 189 -32.69 -8.26 14.05
N ASN E 190 -33.30 -7.47 14.92
CA ASN E 190 -34.46 -7.96 15.67
C ASN E 190 -35.63 -8.24 14.73
N LEU E 191 -35.87 -7.36 13.76
CA LEU E 191 -36.96 -7.60 12.81
C LEU E 191 -36.69 -8.83 11.95
N SER E 192 -35.44 -9.05 11.54
CA SER E 192 -35.12 -10.24 10.77
C SER E 192 -35.31 -11.51 11.57
N MET E 193 -34.91 -11.51 12.84
CA MET E 193 -35.15 -12.69 13.68
C MET E 193 -36.64 -12.94 13.89
N LYS E 194 -37.42 -11.87 14.10
CA LYS E 194 -38.86 -12.03 14.23
C LYS E 194 -39.48 -12.58 12.94
N ALA E 195 -38.99 -12.12 11.79
CA ALA E 195 -39.46 -12.64 10.51
C ALA E 195 -39.12 -14.11 10.36
N TYR E 196 -37.90 -14.50 10.76
CA TYR E 196 -37.53 -15.91 10.70
C TYR E 196 -38.43 -16.76 11.57
N LEU E 197 -38.75 -16.29 12.77
CA LEU E 197 -39.70 -17.03 13.60
C LEU E 197 -41.12 -16.67 13.23
N GLY E 198 -41.42 -16.67 11.92
CA GLY E 198 -42.76 -16.46 11.43
C GLY E 198 -43.04 -17.24 10.17
N GLY E 199 -42.11 -18.09 9.78
CA GLY E 199 -42.23 -18.86 8.56
C GLY E 199 -41.84 -18.14 7.29
N ARG E 200 -41.38 -16.89 7.37
CA ARG E 200 -41.00 -16.14 6.17
C ARG E 200 -39.67 -16.62 5.63
N ILE E 201 -38.61 -16.51 6.41
CA ILE E 201 -37.32 -17.07 6.04
C ILE E 201 -37.29 -18.54 6.47
N ARG E 202 -37.01 -19.42 5.51
CA ARG E 202 -37.20 -20.85 5.71
C ARG E 202 -35.94 -21.58 6.16
N ASP E 203 -34.84 -20.87 6.39
CA ASP E 203 -33.60 -21.53 6.81
C ASP E 203 -32.75 -20.56 7.61
N THR E 204 -31.85 -21.13 8.40
CA THR E 204 -30.91 -20.33 9.19
C THR E 204 -29.71 -19.88 8.38
N VAL E 205 -29.34 -20.62 7.33
CA VAL E 205 -28.24 -20.20 6.47
C VAL E 205 -28.55 -18.87 5.80
N LEU E 206 -29.79 -18.73 5.31
CA LEU E 206 -30.20 -17.48 4.69
C LEU E 206 -30.17 -16.33 5.68
N LEU E 207 -30.61 -16.57 6.92
CA LEU E 207 -30.60 -15.52 7.93
C LEU E 207 -29.18 -15.11 8.30
N GLN E 208 -28.28 -16.09 8.42
CA GLN E 208 -26.87 -15.77 8.68
C GLN E 208 -26.26 -14.98 7.54
N SER E 209 -26.58 -15.35 6.30
CA SER E 209 -26.10 -14.59 5.15
C SER E 209 -26.63 -13.17 5.16
N LEU E 210 -27.90 -13.00 5.56
CA LEU E 210 -28.47 -11.66 5.67
C LEU E 210 -27.75 -10.83 6.72
N MET E 211 -27.44 -11.42 7.87
CA MET E 211 -26.76 -10.68 8.93
C MET E 211 -25.32 -10.35 8.57
N ASN E 212 -24.68 -11.20 7.78
CA ASN E 212 -23.29 -10.95 7.39
C ASN E 212 -23.16 -9.70 6.54
N GLU E 213 -24.18 -9.40 5.73
CA GLU E 213 -24.13 -8.20 4.88
C GLU E 213 -24.48 -6.93 5.63
N VAL E 214 -25.08 -7.03 6.82
CA VAL E 214 -25.30 -5.86 7.66
C VAL E 214 -24.11 -5.61 8.58
N CYS E 215 -23.45 -6.67 9.02
CA CYS E 215 -22.23 -6.50 9.82
C CYS E 215 -21.11 -5.80 9.05
N THR E 216 -21.18 -5.75 7.71
CA THR E 216 -20.22 -5.03 6.91
C THR E 216 -20.60 -3.56 6.74
N LEU E 217 -21.89 -3.28 6.55
CA LEU E 217 -22.34 -1.89 6.51
C LEU E 217 -22.10 -1.20 7.85
N ARG E 218 -22.17 -1.94 8.95
CA ARG E 218 -21.82 -1.36 10.25
C ARG E 218 -20.37 -0.87 10.25
N THR E 219 -19.45 -1.69 9.76
CA THR E 219 -18.05 -1.30 9.69
C THR E 219 -17.85 -0.11 8.74
N GLN E 220 -18.52 -0.13 7.60
CA GLN E 220 -18.37 0.98 6.64
C GLN E 220 -18.89 2.29 7.22
N CYS E 221 -20.00 2.24 7.97
CA CYS E 221 -20.51 3.44 8.63
C CYS E 221 -19.66 3.88 9.80
N GLY E 222 -18.99 2.97 10.49
CA GLY E 222 -18.12 3.34 11.59
C GLY E 222 -16.82 3.96 11.13
N GLN E 223 -16.31 3.48 9.99
CA GLN E 223 -15.07 4.03 9.45
C GLN E 223 -15.20 5.48 9.01
N LEU E 224 -16.33 5.86 8.42
CA LEU E 224 -16.55 7.27 8.06
C LEU E 224 -16.55 8.16 9.29
N TYR E 225 -17.22 7.73 10.36
CA TYR E 225 -17.22 8.48 11.60
C TYR E 225 -15.83 8.60 12.20
N ALA E 226 -15.06 7.50 12.16
CA ALA E 226 -13.68 7.57 12.64
C ALA E 226 -12.83 8.53 11.82
N TYR E 227 -12.96 8.48 10.49
CA TYR E 227 -12.22 9.39 9.62
C TYR E 227 -12.57 10.85 9.87
N ASP E 228 -13.84 11.15 10.11
CA ASP E 228 -14.25 12.51 10.43
C ASP E 228 -13.80 12.95 11.82
N TRP E 229 -13.79 12.03 12.79
CA TRP E 229 -13.43 12.41 14.16
C TRP E 229 -11.92 12.63 14.30
N ILE E 230 -11.12 11.79 13.64
CA ILE E 230 -9.66 11.89 13.74
C ILE E 230 -9.13 12.42 12.41
N SER E 231 -8.42 13.55 12.47
CA SER E 231 -7.92 14.23 11.29
C SER E 231 -6.40 14.28 11.32
N ILE E 232 -5.84 14.80 10.23
CA ILE E 232 -4.39 14.93 10.12
C ILE E 232 -3.89 15.88 11.20
N PRO E 233 -2.75 15.61 11.84
CA PRO E 233 -2.32 16.45 12.96
C PRO E 233 -2.14 17.91 12.59
N LEU E 234 -2.53 18.78 13.51
CA LEU E 234 -2.41 20.22 13.30
C LEU E 234 -0.97 20.65 13.15
N VAL E 235 -0.03 19.93 13.78
CA VAL E 235 1.38 20.21 13.60
C VAL E 235 1.77 20.05 12.13
N TYR E 236 1.39 18.92 11.54
CA TYR E 236 1.68 18.67 10.13
C TYR E 236 0.99 19.69 9.24
N THR E 237 -0.26 20.05 9.59
CA THR E 237 -0.98 21.04 8.78
C THR E 237 -0.30 22.40 8.83
N GLN E 238 0.21 22.80 10.01
CA GLN E 238 0.81 24.12 10.17
C GLN E 238 2.21 24.21 9.57
N VAL E 239 2.96 23.10 9.58
CA VAL E 239 4.34 23.14 9.08
C VAL E 239 4.36 23.54 7.61
N VAL E 240 3.49 22.93 6.80
CA VAL E 240 3.47 23.23 5.37
C VAL E 240 3.08 24.68 5.13
N THR E 241 2.07 25.17 5.86
CA THR E 241 1.62 26.54 5.68
C THR E 241 2.72 27.53 6.04
N VAL E 242 3.41 27.30 7.16
CA VAL E 242 4.47 28.23 7.54
C VAL E 242 5.62 28.16 6.56
N ALA E 243 5.94 26.99 6.02
CA ALA E 243 7.00 26.89 5.03
C ALA E 243 6.65 27.68 3.76
N VAL E 244 5.43 27.49 3.25
CA VAL E 244 5.02 28.17 2.03
C VAL E 244 4.98 29.68 2.23
N TYR E 245 4.43 30.13 3.37
CA TYR E 245 4.34 31.56 3.61
C TYR E 245 5.71 32.18 3.84
N SER E 246 6.63 31.47 4.50
CA SER E 246 7.98 31.97 4.63
C SER E 246 8.67 32.06 3.28
N PHE E 247 8.44 31.08 2.40
CA PHE E 247 9.01 31.17 1.06
C PHE E 247 8.47 32.38 0.30
N PHE E 248 7.16 32.62 0.38
CA PHE E 248 6.57 33.68 -0.43
C PHE E 248 6.71 35.06 0.20
N LEU E 249 7.09 35.16 1.48
CA LEU E 249 7.37 36.44 2.08
C LEU E 249 8.75 36.98 1.69
N ALA E 250 9.67 36.11 1.31
CA ALA E 250 10.99 36.53 0.85
C ALA E 250 10.99 36.94 -0.62
N CYS E 251 9.95 36.61 -1.37
CA CYS E 251 9.86 37.05 -2.76
C CYS E 251 9.33 38.46 -2.89
N LEU E 252 8.70 39.00 -1.83
CA LEU E 252 8.27 40.39 -1.85
C LEU E 252 9.47 41.33 -1.78
N ILE E 253 10.40 41.06 -0.87
CA ILE E 253 11.63 41.82 -0.76
C ILE E 253 12.77 40.86 -1.06
N GLY E 254 13.43 41.07 -2.20
CA GLY E 254 14.47 40.17 -2.64
C GLY E 254 14.36 39.81 -4.11
N ARG E 255 13.13 39.74 -4.62
CA ARG E 255 12.88 39.55 -6.05
C ARG E 255 12.45 40.85 -6.72
N GLN E 256 12.59 41.98 -6.03
CA GLN E 256 12.27 43.27 -6.60
C GLN E 256 13.39 43.74 -7.52
N PHE E 257 13.02 44.60 -8.46
CA PHE E 257 13.96 45.09 -9.48
C PHE E 257 14.70 46.30 -8.91
N LEU E 258 15.92 46.07 -8.45
CA LEU E 258 16.73 47.13 -7.87
C LEU E 258 17.20 48.10 -8.94
N ASN E 259 17.68 49.26 -8.50
CA ASN E 259 18.19 50.27 -9.42
C ASN E 259 19.43 49.76 -10.13
N PRO E 260 19.46 49.72 -11.47
CA PRO E 260 20.64 49.23 -12.17
C PRO E 260 21.81 50.20 -12.20
N ASN E 261 21.70 51.36 -11.57
CA ASN E 261 22.78 52.32 -11.55
C ASN E 261 23.98 51.86 -10.74
N LYS E 262 23.82 50.84 -9.91
CA LYS E 262 24.92 50.31 -9.10
C LYS E 262 25.60 49.11 -9.74
N ASP E 263 25.05 48.57 -10.83
CA ASP E 263 25.63 47.45 -11.57
C ASP E 263 25.82 46.23 -10.66
N TYR E 264 24.70 45.73 -10.15
CA TYR E 264 24.71 44.55 -9.31
C TYR E 264 24.86 43.28 -10.14
N PRO E 265 25.43 42.22 -9.56
CA PRO E 265 25.66 40.99 -10.35
C PRO E 265 24.38 40.33 -10.85
N GLY E 266 23.23 40.59 -10.23
CA GLY E 266 22.02 39.88 -10.61
C GLY E 266 20.97 40.74 -11.29
N HIS E 267 20.89 42.01 -10.93
CA HIS E 267 19.86 42.91 -11.45
C HIS E 267 20.45 43.75 -12.58
N GLU E 268 19.87 43.62 -13.78
CA GLU E 268 20.34 44.38 -14.93
C GLU E 268 19.22 44.95 -15.79
N MET E 269 17.96 44.66 -15.48
CA MET E 269 16.83 45.16 -16.27
C MET E 269 15.78 45.71 -15.32
N ASP E 270 14.81 46.43 -15.89
CA ASP E 270 13.74 47.06 -15.13
C ASP E 270 12.39 46.81 -15.81
N LEU E 271 12.13 45.55 -16.16
CA LEU E 271 10.81 45.17 -16.62
C LEU E 271 9.83 45.23 -15.46
N VAL E 272 8.64 45.78 -15.70
CA VAL E 272 7.74 46.11 -14.61
C VAL E 272 7.15 44.87 -13.96
N VAL E 273 6.70 43.90 -14.76
CA VAL E 273 5.93 42.76 -14.26
C VAL E 273 6.89 41.60 -14.02
N PRO E 274 6.95 41.04 -12.81
CA PRO E 274 7.72 39.81 -12.54
C PRO E 274 6.96 38.56 -13.00
N VAL E 275 7.09 38.26 -14.29
CA VAL E 275 6.31 37.18 -14.90
C VAL E 275 6.68 35.85 -14.29
N PHE E 276 7.98 35.59 -14.11
CA PHE E 276 8.43 34.31 -13.58
C PHE E 276 8.29 34.21 -12.07
N THR E 277 7.97 35.31 -11.38
CA THR E 277 7.56 35.24 -9.99
C THR E 277 6.06 34.96 -9.88
N ILE E 278 5.26 35.55 -10.77
CA ILE E 278 3.83 35.25 -10.81
C ILE E 278 3.60 33.79 -11.16
N LEU E 279 4.34 33.27 -12.13
CA LEU E 279 4.21 31.87 -12.51
C LEU E 279 4.60 30.94 -11.37
N GLN E 280 5.67 31.27 -10.65
CA GLN E 280 6.07 30.46 -9.51
C GLN E 280 5.02 30.51 -8.41
N PHE E 281 4.44 31.68 -8.17
CA PHE E 281 3.36 31.79 -7.18
C PHE E 281 2.19 30.90 -7.57
N LEU E 282 1.78 30.95 -8.84
CA LEU E 282 0.68 30.12 -9.31
C LEU E 282 0.99 28.64 -9.10
N PHE E 283 2.17 28.22 -9.52
CA PHE E 283 2.52 26.79 -9.45
C PHE E 283 2.63 26.31 -8.02
N TYR E 284 3.21 27.12 -7.13
CA TYR E 284 3.43 26.69 -5.75
C TYR E 284 2.23 26.91 -4.85
N MET E 285 1.22 27.65 -5.30
CA MET E 285 -0.02 27.77 -4.53
C MET E 285 -1.10 26.83 -5.02
N GLY E 286 -1.14 26.51 -6.31
CA GLY E 286 -2.05 25.47 -6.76
C GLY E 286 -1.75 24.10 -6.22
N TRP E 287 -0.51 23.86 -5.78
CA TRP E 287 -0.16 22.60 -5.14
C TRP E 287 -0.69 22.54 -3.71
N LEU E 288 -0.65 23.66 -2.99
CA LEU E 288 -1.21 23.71 -1.64
C LEU E 288 -2.74 23.67 -1.66
N LYS E 289 -3.36 24.32 -2.64
CA LYS E 289 -4.82 24.30 -2.71
C LYS E 289 -5.39 22.93 -2.99
N VAL E 290 -4.61 22.00 -3.55
CA VAL E 290 -5.10 20.63 -3.69
C VAL E 290 -5.40 20.03 -2.32
N ALA E 291 -4.45 20.12 -1.39
CA ALA E 291 -4.68 19.67 -0.03
C ALA E 291 -5.76 20.51 0.65
N GLU E 292 -5.75 21.82 0.43
CA GLU E 292 -6.77 22.69 1.01
C GLU E 292 -8.18 22.28 0.60
N GLN E 293 -8.35 21.76 -0.62
CA GLN E 293 -9.64 21.33 -1.12
C GLN E 293 -9.99 19.91 -0.67
N LEU E 294 -9.04 18.98 -0.71
CA LEU E 294 -9.33 17.58 -0.43
C LEU E 294 -9.16 17.21 1.03
N ILE E 295 -8.84 18.16 1.91
CA ILE E 295 -8.71 17.85 3.33
C ILE E 295 -10.04 17.54 4.00
N ASN E 296 -11.16 17.86 3.34
CA ASN E 296 -12.49 17.56 3.88
C ASN E 296 -13.41 17.30 2.70
N PRO E 297 -13.50 16.06 2.23
CA PRO E 297 -14.27 15.78 1.00
C PRO E 297 -15.76 16.06 1.13
N PHE E 298 -16.32 16.06 2.34
CA PHE E 298 -17.76 16.25 2.53
C PHE E 298 -18.00 17.73 2.84
N GLY E 299 -17.91 18.56 1.80
CA GLY E 299 -18.13 19.98 1.96
C GLY E 299 -19.05 20.54 0.90
N GLU E 300 -18.80 21.77 0.47
CA GLU E 300 -19.61 22.44 -0.54
C GLU E 300 -18.74 23.05 -1.63
N ASP E 301 -17.61 22.40 -1.91
CA ASP E 301 -16.70 22.85 -2.96
C ASP E 301 -17.17 22.29 -4.31
N ASP E 302 -16.32 22.43 -5.33
CA ASP E 302 -16.61 21.85 -6.63
C ASP E 302 -16.10 20.42 -6.75
N ASP E 303 -14.89 20.16 -6.27
CA ASP E 303 -14.33 18.81 -6.27
C ASP E 303 -14.59 18.13 -4.92
N ASP E 304 -15.86 18.07 -4.56
CA ASP E 304 -16.30 17.45 -3.32
C ASP E 304 -17.46 16.50 -3.61
N PHE E 305 -17.56 15.46 -2.79
CA PHE E 305 -18.56 14.42 -3.03
C PHE E 305 -19.97 14.99 -2.92
N GLU E 306 -20.81 14.62 -3.89
CA GLU E 306 -22.21 15.05 -3.91
C GLU E 306 -23.04 14.03 -3.13
N THR E 307 -23.03 14.18 -1.81
CA THR E 307 -23.77 13.26 -0.94
C THR E 307 -25.19 13.74 -0.69
N ASN E 308 -25.89 14.10 -1.76
CA ASN E 308 -27.30 14.44 -1.69
C ASN E 308 -28.13 13.79 -2.78
N TRP E 309 -27.55 13.40 -3.91
CA TRP E 309 -28.23 12.59 -4.91
C TRP E 309 -28.08 11.10 -4.62
N ILE E 310 -27.02 10.73 -3.90
CA ILE E 310 -26.81 9.34 -3.53
C ILE E 310 -27.91 8.85 -2.61
N ILE E 311 -28.32 9.68 -1.63
CA ILE E 311 -29.34 9.26 -0.68
C ILE E 311 -30.74 9.27 -1.30
N ASP E 312 -30.91 9.82 -2.49
CA ASP E 312 -32.16 9.67 -3.23
C ASP E 312 -32.12 8.46 -4.15
N ARG E 313 -31.00 8.25 -4.84
CA ARG E 313 -30.85 7.07 -5.69
C ARG E 313 -30.96 5.79 -4.87
N ASN E 314 -30.28 5.75 -3.72
CA ASN E 314 -30.32 4.56 -2.87
C ASN E 314 -31.71 4.30 -2.32
N LEU E 315 -32.51 5.33 -2.12
CA LEU E 315 -33.88 5.13 -1.66
C LEU E 315 -34.75 4.59 -2.79
N GLN E 316 -34.76 5.27 -3.94
CA GLN E 316 -35.63 4.87 -5.03
C GLN E 316 -35.30 3.48 -5.55
N VAL E 317 -34.00 3.21 -5.78
CA VAL E 317 -33.61 1.93 -6.36
C VAL E 317 -33.96 0.79 -5.42
N SER E 318 -33.65 0.94 -4.13
CA SER E 318 -33.93 -0.12 -3.17
C SER E 318 -35.42 -0.35 -3.03
N LEU E 319 -36.21 0.72 -2.91
CA LEU E 319 -37.65 0.57 -2.76
C LEU E 319 -38.28 -0.06 -3.99
N LEU E 320 -37.75 0.23 -5.18
CA LEU E 320 -38.25 -0.44 -6.37
C LEU E 320 -37.86 -1.92 -6.38
N SER E 321 -36.63 -2.23 -5.96
CA SER E 321 -36.13 -3.60 -6.04
C SER E 321 -36.89 -4.52 -5.09
N VAL E 322 -37.13 -4.08 -3.85
CA VAL E 322 -37.73 -4.97 -2.87
C VAL E 322 -39.25 -5.04 -2.94
N ASP E 323 -39.89 -4.17 -3.72
CA ASP E 323 -41.35 -4.09 -3.76
C ASP E 323 -41.93 -4.49 -5.11
N GLY E 324 -41.54 -3.82 -6.19
CA GLY E 324 -42.14 -4.01 -7.49
C GLY E 324 -41.39 -4.93 -8.43
N MET E 325 -40.38 -5.65 -7.95
CA MET E 325 -39.59 -6.53 -8.80
C MET E 325 -39.27 -7.85 -8.10
N HIS E 326 -40.15 -8.29 -7.21
CA HIS E 326 -39.83 -9.47 -6.40
C HIS E 326 -40.02 -10.76 -7.19
N GLN E 327 -41.26 -11.09 -7.53
CA GLN E 327 -41.53 -12.20 -8.45
C GLN E 327 -41.88 -11.68 -9.84
N ASN E 328 -40.92 -11.01 -10.46
CA ASN E 328 -41.14 -10.39 -11.77
C ASN E 328 -39.89 -10.63 -12.62
N LEU E 329 -40.00 -11.58 -13.55
CA LEU E 329 -38.91 -11.90 -14.44
C LEU E 329 -39.38 -11.89 -15.89
N PRO E 330 -38.52 -11.51 -16.82
CA PRO E 330 -38.89 -11.54 -18.24
C PRO E 330 -39.06 -12.97 -18.71
N PRO E 331 -39.82 -13.19 -19.79
CA PRO E 331 -40.06 -14.56 -20.25
C PRO E 331 -38.77 -15.28 -20.61
N MET E 332 -38.75 -16.58 -20.35
CA MET E 332 -37.59 -17.42 -20.62
C MET E 332 -37.74 -18.05 -22.00
N GLU E 333 -36.80 -17.76 -22.90
CA GLU E 333 -36.87 -18.23 -24.28
C GLU E 333 -35.49 -18.71 -24.73
N ARG E 334 -35.48 -19.46 -25.82
CA ARG E 334 -34.23 -19.94 -26.39
C ARG E 334 -33.41 -18.76 -26.92
N ASP E 335 -32.09 -18.87 -26.80
CA ASP E 335 -31.20 -17.80 -27.19
C ASP E 335 -31.01 -17.79 -28.71
N MET E 336 -30.28 -16.78 -29.19
CA MET E 336 -29.94 -16.72 -30.60
C MET E 336 -28.93 -17.80 -30.98
N TYR E 337 -28.08 -18.21 -30.04
CA TYR E 337 -27.05 -19.22 -30.25
C TYR E 337 -27.42 -20.55 -29.64
N TRP E 338 -28.70 -20.96 -29.74
CA TRP E 338 -29.13 -22.21 -29.15
C TRP E 338 -28.33 -23.40 -29.68
N ASN E 339 -28.08 -23.42 -31.00
CA ASN E 339 -27.24 -24.43 -31.62
C ASN E 339 -26.14 -23.72 -32.40
N GLU E 340 -25.05 -23.40 -31.71
CA GLU E 340 -23.90 -22.75 -32.33
C GLU E 340 -22.72 -22.90 -31.37
N ALA E 341 -21.66 -23.57 -31.84
CA ALA E 341 -20.50 -23.81 -30.97
C ALA E 341 -19.79 -22.51 -30.62
N ALA E 342 -19.56 -21.65 -31.60
CA ALA E 342 -18.83 -20.40 -31.40
C ALA E 342 -19.67 -19.21 -31.86
N PRO E 343 -20.28 -18.46 -30.95
CA PRO E 343 -21.02 -17.27 -31.36
C PRO E 343 -20.08 -16.22 -31.96
N GLN E 344 -20.62 -15.47 -32.92
CA GLN E 344 -19.87 -14.43 -33.64
C GLN E 344 -20.69 -13.15 -33.66
N PRO E 345 -20.62 -12.36 -32.58
CA PRO E 345 -21.34 -11.09 -32.57
C PRO E 345 -20.82 -10.17 -33.65
N PRO E 346 -21.68 -9.37 -34.27
CA PRO E 346 -21.26 -8.51 -35.38
C PRO E 346 -20.50 -7.29 -34.89
N TYR E 347 -19.72 -6.73 -35.81
CA TYR E 347 -18.98 -5.49 -35.59
C TYR E 347 -19.53 -4.40 -36.50
N THR E 348 -19.77 -3.22 -35.93
CA THR E 348 -20.25 -2.10 -36.73
C THR E 348 -19.11 -1.53 -37.56
N ALA E 349 -19.49 -0.76 -38.59
CA ALA E 349 -18.49 -0.15 -39.47
C ALA E 349 -17.63 0.85 -38.73
N ALA E 350 -18.22 1.63 -37.82
CA ALA E 350 -17.47 2.65 -37.10
C ALA E 350 -16.41 2.02 -36.20
N SER E 351 -16.65 0.81 -35.69
CA SER E 351 -15.70 0.11 -34.83
C SER E 351 -15.32 -1.20 -35.50
N ALA E 352 -14.30 -1.15 -36.36
CA ALA E 352 -13.79 -2.32 -37.03
C ALA E 352 -12.27 -2.46 -36.89
N ARG E 353 -11.61 -1.48 -36.28
CA ARG E 353 -10.17 -1.58 -36.02
C ARG E 353 -9.86 -2.47 -34.83
N SER E 354 -10.78 -2.59 -33.88
CA SER E 354 -10.55 -3.32 -32.64
C SER E 354 -10.81 -4.82 -32.77
N ARG E 355 -10.95 -5.34 -33.99
CA ARG E 355 -11.10 -6.79 -34.20
C ARG E 355 -9.74 -7.44 -34.03
N ARG E 356 -9.34 -7.61 -32.77
CA ARG E 356 -8.05 -8.20 -32.45
C ARG E 356 -8.17 -9.71 -32.28
N HIS E 357 -7.01 -10.37 -32.25
CA HIS E 357 -6.94 -11.80 -32.05
C HIS E 357 -6.62 -12.11 -30.59
N SER E 358 -7.06 -13.29 -30.14
CA SER E 358 -6.90 -13.68 -28.75
C SER E 358 -5.42 -13.87 -28.41
N PHE E 359 -5.03 -13.37 -27.24
CA PHE E 359 -3.69 -13.59 -26.73
C PHE E 359 -3.51 -15.04 -26.33
N MET E 360 -2.39 -15.64 -26.71
CA MET E 360 -2.13 -17.05 -26.47
C MET E 360 -0.81 -17.29 -25.76
N GLY E 361 -0.42 -16.36 -24.90
CA GLY E 361 0.80 -16.53 -24.13
C GLY E 361 1.99 -15.82 -24.75
N SER E 362 2.91 -15.40 -23.89
CA SER E 362 4.08 -14.65 -24.37
C SER E 362 5.03 -15.56 -25.15
N THR E 363 5.29 -16.76 -24.64
CA THR E 363 6.25 -17.68 -25.26
C THR E 363 5.65 -18.48 -26.40
N PHE E 364 4.49 -18.06 -26.94
CA PHE E 364 3.89 -18.78 -28.05
C PHE E 364 4.74 -18.66 -29.31
N ASN E 365 5.37 -17.51 -29.53
CA ASN E 365 6.09 -17.23 -30.76
C ASN E 365 7.55 -17.67 -30.71
N ILE E 366 7.91 -18.57 -29.81
CA ILE E 366 9.27 -19.08 -29.76
C ILE E 366 9.27 -20.59 -29.99
CA CA F . 2.34 10.57 22.09
CL CL G . -3.39 -13.36 17.00
CL CL H . 35.91 18.80 7.74
CA CA I . 19.64 -9.40 11.63
CL CL J . 0.68 -21.86 0.79
CL CL K . 37.10 11.74 -13.93
CA CA L . 14.27 -11.86 -16.30
CL CL M . -10.41 -14.62 -12.54
CL CL N . 21.53 23.40 -26.28
CA CA O . -6.31 6.58 -22.91
CL CL P . -21.38 -1.59 -4.43
CL CL Q . 10.78 37.97 -12.01
CL CL R . 19.78 35.06 9.08
CA CA S . -13.69 20.50 0.90
CL CL T . -17.03 -0.81 13.71
#